data_6WNG
#
_entry.id   6WNG
#
_cell.length_a   92.820
_cell.length_b   96.850
_cell.length_c   212.200
_cell.angle_alpha   90.000
_cell.angle_beta   90.000
_cell.angle_gamma   90.000
#
_symmetry.space_group_name_H-M   'P 21 21 21'
#
loop_
_entity.id
_entity.type
_entity.pdbx_description
1 polymer 'Aspartate ammonia-lyase'
2 non-polymer 2-AMINO-2-HYDROXYMETHYL-PROPANE-1,3-DIOL
3 non-polymer 'FUMARIC ACID'
4 non-polymer GLYCEROL
5 non-polymer 'CHLORIDE ION'
6 water water
#
_entity_poly.entity_id   1
_entity_poly.type   'polypeptide(L)'
_entity_poly.pdbx_seq_one_letter_code
;MAHHHHHHMNDYRIESDLIGELKVPVNAYYGVQTQRAIDNFKISNDHLSDHPEFIKAFAFVKKAAAQTNFELGLLDEIIN
KNIATACDEIIAGKMHKEFPTDMIQGGAGTSMNMNANEVIANRALELMGHQKGEYQFCSPNDHVNLSQSTNDAYPTAIRI
ALYNLNKTLVERLELLIQSFRKKADDLKDVIKMGRTQLQDAVPMTMGQEFNAFANTLQEEIARLNTNADLFLETNMGATA
IGTGLNAHPDYAVKCTENLAKISGADVVLASDLVEATPDTGAYVIYSSAMKRMAVKLSKICNDLRLLASGPRAGLYEINL
PKMQPGSSIMPGKVNPVIPEVVNQVCFKVIGNDLTVTFAAEAGQLQLNVMEPVLTQSIMESIRFLKNAMDTLREKCIDGI
TANKEICLNMVKNSIGIVTALNPYIGYKNSTKIAKEALDTGKSVYDLVLEHELLSKEKLDEILAPENMLNPHTKF
;
_entity_poly.pdbx_strand_id   A,B,C,D
#
loop_
_chem_comp.id
_chem_comp.type
_chem_comp.name
_chem_comp.formula
CL non-polymer 'CHLORIDE ION' 'Cl -1'
FUM non-polymer 'FUMARIC ACID' 'C4 H4 O4'
GOL non-polymer GLYCEROL 'C3 H8 O3'
TRS non-polymer 2-AMINO-2-HYDROXYMETHYL-PROPANE-1,3-DIOL 'C4 H12 N O3 1'
#
# COMPACT_ATOMS: atom_id res chain seq x y z
N ASN A 10 43.81 5.67 26.28
CA ASN A 10 44.84 5.04 25.48
C ASN A 10 44.25 4.47 24.19
N ASP A 11 43.27 3.57 24.32
CA ASP A 11 42.51 3.04 23.19
CA ASP A 11 42.57 3.08 23.14
C ASP A 11 41.44 4.01 22.70
N TYR A 12 41.30 5.16 23.35
CA TYR A 12 40.30 6.15 22.99
CA TYR A 12 40.31 6.14 22.97
C TYR A 12 40.95 7.53 22.98
N ARG A 13 40.29 8.46 22.29
CA ARG A 13 40.53 9.87 22.48
C ARG A 13 39.19 10.49 22.89
N ILE A 14 39.25 11.61 23.61
CA ILE A 14 38.03 12.28 24.07
C ILE A 14 37.76 13.44 23.13
N GLU A 15 36.56 13.47 22.55
CA GLU A 15 36.10 14.58 21.72
C GLU A 15 34.90 15.24 22.39
N SER A 16 34.50 16.40 21.89
CA SER A 16 33.36 17.08 22.47
C SER A 16 32.52 17.75 21.40
N ASP A 17 31.24 17.90 21.71
CA ASP A 17 30.29 18.59 20.85
C ASP A 17 29.26 19.29 21.73
N LEU A 18 28.18 19.75 21.10
CA LEU A 18 27.12 20.46 21.84
C LEU A 18 26.63 19.67 23.04
N ILE A 19 26.57 18.34 22.93
CA ILE A 19 25.99 17.51 23.98
C ILE A 19 26.96 17.34 25.15
N GLY A 20 28.26 17.27 24.87
CA GLY A 20 29.25 17.08 25.91
C GLY A 20 30.46 16.32 25.37
N GLU A 21 31.17 15.68 26.28
CA GLU A 21 32.36 14.90 25.95
C GLU A 21 32.03 13.43 25.73
N LEU A 22 32.78 12.79 24.85
CA LEU A 22 32.55 11.37 24.57
C LEU A 22 33.85 10.72 24.10
N LYS A 23 34.09 9.48 24.55
CA LYS A 23 35.20 8.69 24.04
C LYS A 23 34.93 8.20 22.61
N VAL A 24 35.97 8.28 21.77
CA VAL A 24 35.97 7.83 20.37
CA VAL A 24 35.92 7.77 20.40
C VAL A 24 37.14 6.88 20.21
N PRO A 25 37.02 5.76 19.48
CA PRO A 25 38.18 4.88 19.31
C PRO A 25 39.36 5.66 18.75
N VAL A 26 40.54 5.44 19.35
CA VAL A 26 41.65 6.36 19.13
C VAL A 26 42.04 6.42 17.66
N ASN A 27 41.88 5.32 16.91
CA ASN A 27 42.27 5.29 15.52
C ASN A 27 41.12 5.50 14.53
N ALA A 28 39.91 5.77 15.02
CA ALA A 28 38.78 6.05 14.14
C ALA A 28 39.00 7.37 13.41
N TYR A 29 38.65 7.39 12.11
CA TYR A 29 38.62 8.66 11.38
C TYR A 29 37.33 9.41 11.61
N TYR A 30 36.26 8.74 12.03
CA TYR A 30 35.07 9.46 12.43
C TYR A 30 35.28 10.06 13.82
N GLY A 31 34.34 10.92 14.23
CA GLY A 31 34.45 11.65 15.48
C GLY A 31 33.25 11.48 16.39
N VAL A 32 33.07 12.42 17.33
CA VAL A 32 32.08 12.25 18.39
C VAL A 32 30.66 12.17 17.84
N GLN A 33 30.33 12.98 16.81
CA GLN A 33 28.95 12.96 16.35
C GLN A 33 28.61 11.66 15.65
N THR A 34 29.58 11.08 14.93
CA THR A 34 29.38 9.75 14.36
C THR A 34 29.23 8.71 15.45
N GLN A 35 30.08 8.79 16.48
CA GLN A 35 29.98 7.83 17.59
C GLN A 35 28.60 7.90 18.23
N ARG A 36 28.06 9.11 18.44
CA ARG A 36 26.73 9.19 19.03
C ARG A 36 25.69 8.51 18.13
N ALA A 37 25.82 8.68 16.82
CA ALA A 37 24.85 8.07 15.92
C ALA A 37 24.97 6.55 15.90
N ILE A 38 26.20 6.03 15.96
CA ILE A 38 26.39 4.58 16.15
C ILE A 38 25.64 4.11 17.38
N ASP A 39 25.78 4.85 18.48
CA ASP A 39 25.16 4.47 19.75
C ASP A 39 23.64 4.61 19.70
N ASN A 40 23.14 5.61 18.97
CA ASN A 40 21.74 5.97 19.07
C ASN A 40 20.84 5.12 18.20
N PHE A 41 21.34 4.63 17.06
CA PHE A 41 20.49 3.98 16.04
C PHE A 41 21.02 2.57 15.78
N LYS A 42 20.51 1.62 16.55
CA LYS A 42 20.86 0.20 16.41
CA LYS A 42 20.85 0.20 16.43
C LYS A 42 19.60 -0.53 15.97
N ILE A 43 19.27 -0.38 14.69
CA ILE A 43 18.01 -0.83 14.14
C ILE A 43 18.19 -2.04 13.23
N SER A 44 19.09 -1.93 12.26
CA SER A 44 19.17 -2.86 11.15
C SER A 44 20.59 -3.39 11.00
N ASN A 45 20.76 -4.30 10.05
CA ASN A 45 22.07 -4.80 9.65
CA ASN A 45 22.09 -4.78 9.67
C ASN A 45 22.59 -4.10 8.39
N ASP A 46 22.02 -2.96 8.04
CA ASP A 46 22.34 -2.21 6.83
C ASP A 46 22.98 -0.90 7.25
N HIS A 47 24.26 -0.71 6.90
CA HIS A 47 25.01 0.47 7.33
C HIS A 47 25.57 1.21 6.12
N LEU A 48 25.95 2.46 6.34
CA LEU A 48 26.40 3.30 5.23
C LEU A 48 27.60 2.69 4.52
N SER A 49 28.48 2.03 5.28
CA SER A 49 29.65 1.36 4.71
C SER A 49 29.29 0.31 3.65
N ASP A 50 28.05 -0.17 3.63
CA ASP A 50 27.59 -1.12 2.64
C ASP A 50 27.16 -0.47 1.33
N HIS A 51 27.28 0.86 1.21
CA HIS A 51 26.75 1.60 0.07
C HIS A 51 27.83 2.49 -0.53
N PRO A 52 28.76 1.91 -1.30
CA PRO A 52 29.90 2.69 -1.80
C PRO A 52 29.53 3.86 -2.70
N GLU A 53 28.46 3.77 -3.49
CA GLU A 53 28.08 4.90 -4.33
C GLU A 53 27.58 6.08 -3.49
N PHE A 54 26.97 5.79 -2.35
CA PHE A 54 26.49 6.83 -1.44
C PHE A 54 27.67 7.54 -0.79
N ILE A 55 28.64 6.78 -0.29
CA ILE A 55 29.84 7.37 0.30
C ILE A 55 30.60 8.16 -0.75
N LYS A 56 30.75 7.59 -1.96
CA LYS A 56 31.42 8.32 -3.04
C LYS A 56 30.74 9.65 -3.34
N ALA A 57 29.40 9.65 -3.36
CA ALA A 57 28.68 10.90 -3.66
C ALA A 57 28.94 11.97 -2.60
N PHE A 58 28.99 11.58 -1.32
CA PHE A 58 29.34 12.52 -0.28
C PHE A 58 30.72 13.12 -0.54
N ALA A 59 31.68 12.30 -0.98
CA ALA A 59 33.02 12.82 -1.23
C ALA A 59 33.03 13.77 -2.42
N PHE A 60 32.23 13.48 -3.45
CA PHE A 60 32.07 14.44 -4.57
C PHE A 60 31.59 15.78 -4.04
N VAL A 61 30.53 15.76 -3.23
CA VAL A 61 29.92 16.97 -2.71
C VAL A 61 30.92 17.77 -1.90
N LYS A 62 31.63 17.10 -0.98
CA LYS A 62 32.57 17.83 -0.12
C LYS A 62 33.74 18.39 -0.92
N LYS A 63 34.22 17.64 -1.93
CA LYS A 63 35.31 18.16 -2.75
C LYS A 63 34.86 19.39 -3.54
N ALA A 64 33.64 19.35 -4.07
CA ALA A 64 33.12 20.48 -4.83
C ALA A 64 32.91 21.70 -3.95
N ALA A 65 32.36 21.51 -2.75
CA ALA A 65 32.13 22.66 -1.87
C ALA A 65 33.45 23.30 -1.46
N ALA A 66 34.45 22.48 -1.13
CA ALA A 66 35.75 23.00 -0.75
C ALA A 66 36.40 23.77 -1.89
N GLN A 67 36.36 23.21 -3.10
CA GLN A 67 36.95 23.91 -4.23
CA GLN A 67 36.94 23.91 -4.25
C GLN A 67 36.26 25.26 -4.47
N THR A 68 34.93 25.29 -4.33
CA THR A 68 34.18 26.52 -4.52
C THR A 68 34.51 27.55 -3.45
N ASN A 69 34.55 27.10 -2.19
CA ASN A 69 34.93 27.99 -1.09
C ASN A 69 36.33 28.56 -1.32
N PHE A 70 37.25 27.73 -1.81
CA PHE A 70 38.59 28.22 -2.10
C PHE A 70 38.56 29.27 -3.19
N GLU A 71 37.80 29.01 -4.27
CA GLU A 71 37.74 29.93 -5.40
C GLU A 71 37.09 31.26 -5.03
N LEU A 72 36.22 31.26 -4.02
CA LEU A 72 35.54 32.46 -3.55
C LEU A 72 36.31 33.16 -2.43
N GLY A 73 37.50 32.69 -2.09
CA GLY A 73 38.32 33.34 -1.08
C GLY A 73 37.94 33.01 0.35
N LEU A 74 37.13 31.96 0.57
CA LEU A 74 36.60 31.64 1.89
C LEU A 74 37.36 30.53 2.59
N LEU A 75 38.21 29.79 1.87
CA LEU A 75 38.90 28.62 2.39
C LEU A 75 40.37 28.69 2.00
N ASP A 76 41.25 28.41 2.96
CA ASP A 76 42.68 28.44 2.70
C ASP A 76 43.07 27.39 1.66
N GLU A 77 44.06 27.74 0.83
CA GLU A 77 44.50 26.87 -0.27
C GLU A 77 44.99 25.52 0.23
N ILE A 78 45.74 25.50 1.33
CA ILE A 78 46.29 24.25 1.83
C ILE A 78 45.18 23.35 2.39
N ILE A 79 44.23 23.93 3.14
CA ILE A 79 43.15 23.10 3.65
C ILE A 79 42.34 22.52 2.49
N ASN A 80 42.10 23.32 1.45
CA ASN A 80 41.38 22.81 0.28
C ASN A 80 42.14 21.67 -0.37
N LYS A 81 43.45 21.82 -0.53
CA LYS A 81 44.28 20.78 -1.14
C LYS A 81 44.13 19.46 -0.39
N ASN A 82 44.15 19.52 0.94
CA ASN A 82 44.10 18.29 1.73
C ASN A 82 42.69 17.71 1.83
N ILE A 83 41.66 18.56 1.86
CA ILE A 83 40.29 18.04 1.76
C ILE A 83 40.11 17.31 0.44
N ALA A 84 40.60 17.90 -0.66
CA ALA A 84 40.48 17.27 -1.96
C ALA A 84 41.18 15.92 -2.01
N THR A 85 42.38 15.83 -1.46
CA THR A 85 43.09 14.55 -1.44
C THR A 85 42.32 13.51 -0.63
N ALA A 86 41.82 13.89 0.53
CA ALA A 86 41.02 12.96 1.33
C ALA A 86 39.78 12.51 0.57
N CYS A 87 39.12 13.44 -0.12
CA CYS A 87 37.95 13.08 -0.92
C CYS A 87 38.33 12.13 -2.05
N ASP A 88 39.45 12.40 -2.73
CA ASP A 88 39.92 11.51 -3.78
C ASP A 88 40.11 10.09 -3.27
N GLU A 89 40.69 9.95 -2.07
CA GLU A 89 40.90 8.63 -1.51
C GLU A 89 39.58 7.91 -1.27
N ILE A 90 38.60 8.62 -0.72
CA ILE A 90 37.29 8.03 -0.46
C ILE A 90 36.61 7.66 -1.78
N ILE A 91 36.72 8.53 -2.79
CA ILE A 91 36.17 8.23 -4.12
C ILE A 91 36.81 6.96 -4.68
N ALA A 92 38.09 6.76 -4.42
CA ALA A 92 38.82 5.58 -4.90
C ALA A 92 38.52 4.32 -4.11
N GLY A 93 37.68 4.40 -3.08
CA GLY A 93 37.26 3.25 -2.33
C GLY A 93 37.89 3.09 -0.96
N LYS A 94 38.67 4.05 -0.50
CA LYS A 94 39.36 3.94 0.78
C LYS A 94 38.51 4.53 1.91
N MET A 95 38.71 3.96 3.11
CA MET A 95 38.14 4.42 4.36
CA MET A 95 38.12 4.43 4.36
C MET A 95 36.62 4.25 4.44
N HIS A 96 36.03 3.37 3.62
CA HIS A 96 34.58 3.22 3.72
C HIS A 96 34.14 2.56 5.02
N LYS A 97 35.03 1.81 5.69
CA LYS A 97 34.68 1.28 7.01
C LYS A 97 34.53 2.36 8.06
N GLU A 98 34.95 3.59 7.76
CA GLU A 98 34.82 4.71 8.71
C GLU A 98 33.44 5.35 8.67
N PHE A 99 32.49 4.72 7.97
CA PHE A 99 31.12 5.24 7.82
C PHE A 99 30.16 4.18 8.34
N PRO A 100 30.03 4.03 9.66
CA PRO A 100 29.38 2.85 10.23
C PRO A 100 27.94 3.05 10.71
N THR A 101 27.30 4.18 10.39
CA THR A 101 25.98 4.40 10.95
C THR A 101 24.91 3.59 10.21
N ASP A 102 23.81 3.35 10.93
CA ASP A 102 22.67 2.63 10.41
C ASP A 102 21.99 3.38 9.27
N MET A 103 21.66 2.68 8.19
CA MET A 103 20.90 3.31 7.13
C MET A 103 19.53 3.78 7.61
N ILE A 104 19.00 3.19 8.68
CA ILE A 104 17.76 3.67 9.29
CA ILE A 104 17.76 3.64 9.31
C ILE A 104 18.19 4.42 10.55
N GLN A 105 18.17 5.75 10.45
CA GLN A 105 18.68 6.62 11.49
C GLN A 105 17.80 7.86 11.59
N GLY A 106 17.72 8.39 12.82
CA GLY A 106 17.11 9.68 13.03
C GLY A 106 18.09 10.81 12.78
N GLY A 107 17.57 12.03 12.81
CA GLY A 107 18.40 13.20 12.53
C GLY A 107 18.40 13.66 11.09
N ALA A 108 17.61 13.02 10.21
CA ALA A 108 17.34 13.51 8.87
C ALA A 108 18.57 13.55 7.97
N GLY A 109 19.62 12.81 8.31
CA GLY A 109 20.83 12.78 7.50
C GLY A 109 21.98 13.53 8.13
N THR A 110 21.73 14.28 9.21
CA THR A 110 22.81 15.01 9.86
C THR A 110 23.94 14.08 10.29
N SER A 111 23.59 12.87 10.75
CA SER A 111 24.64 11.96 11.19
C SER A 111 25.53 11.48 10.04
N MET A 112 24.99 11.43 8.81
CA MET A 112 25.83 11.05 7.67
C MET A 112 26.65 12.23 7.19
N ASN A 113 26.06 13.42 7.12
CA ASN A 113 26.84 14.61 6.77
C ASN A 113 27.99 14.81 7.75
N MET A 114 27.73 14.69 9.06
CA MET A 114 28.79 14.91 10.02
C MET A 114 29.83 13.79 9.99
N ASN A 115 29.40 12.56 9.66
CA ASN A 115 30.36 11.48 9.45
C ASN A 115 31.34 11.83 8.33
N ALA A 116 30.83 12.37 7.23
CA ALA A 116 31.70 12.81 6.14
C ALA A 116 32.60 13.95 6.59
N ASN A 117 32.05 14.92 7.31
CA ASN A 117 32.85 16.06 7.77
C ASN A 117 33.97 15.60 8.69
N GLU A 118 33.67 14.66 9.60
CA GLU A 118 34.67 14.24 10.59
C GLU A 118 35.77 13.40 9.93
N VAL A 119 35.38 12.46 9.06
CA VAL A 119 36.38 11.58 8.43
C VAL A 119 37.30 12.40 7.53
N ILE A 120 36.72 13.30 6.74
CA ILE A 120 37.54 14.11 5.84
C ILE A 120 38.44 15.05 6.64
N ALA A 121 37.91 15.65 7.71
CA ALA A 121 38.76 16.51 8.53
C ALA A 121 39.94 15.75 9.11
N ASN A 122 39.69 14.56 9.66
CA ASN A 122 40.77 13.82 10.29
C ASN A 122 41.81 13.33 9.28
N ARG A 123 41.37 12.94 8.09
CA ARG A 123 42.37 12.55 7.08
C ARG A 123 43.15 13.76 6.61
N ALA A 124 42.48 14.91 6.43
CA ALA A 124 43.19 16.13 6.05
C ALA A 124 44.20 16.53 7.12
N LEU A 125 43.83 16.38 8.40
CA LEU A 125 44.77 16.65 9.48
C LEU A 125 46.02 15.80 9.36
N GLU A 126 45.86 14.50 9.07
CA GLU A 126 47.02 13.64 8.91
C GLU A 126 47.89 14.11 7.76
N LEU A 127 47.27 14.53 6.66
CA LEU A 127 48.05 15.01 5.52
C LEU A 127 48.79 16.30 5.85
N MET A 128 48.36 17.03 6.87
CA MET A 128 49.02 18.23 7.36
C MET A 128 50.00 17.94 8.49
N GLY A 129 50.25 16.68 8.81
CA GLY A 129 51.16 16.36 9.89
C GLY A 129 50.59 16.49 11.28
N HIS A 130 49.27 16.56 11.42
CA HIS A 130 48.62 16.63 12.72
C HIS A 130 48.01 15.27 13.07
N GLN A 131 47.48 15.20 14.28
CA GLN A 131 46.87 13.98 14.80
C GLN A 131 45.35 14.06 14.66
N LYS A 132 44.71 12.89 14.62
CA LYS A 132 43.26 12.86 14.60
C LYS A 132 42.70 13.58 15.82
N GLY A 133 41.62 14.33 15.61
CA GLY A 133 40.98 15.08 16.68
C GLY A 133 41.53 16.47 16.90
N GLU A 134 42.64 16.85 16.24
CA GLU A 134 43.19 18.19 16.39
C GLU A 134 42.49 19.17 15.44
N TYR A 135 41.18 19.34 15.69
CA TYR A 135 40.32 20.05 14.77
C TYR A 135 40.58 21.55 14.72
N GLN A 136 41.43 22.07 15.62
CA GLN A 136 41.83 23.46 15.51
C GLN A 136 42.58 23.75 14.22
N PHE A 137 43.07 22.72 13.53
CA PHE A 137 43.79 22.88 12.28
C PHE A 137 42.94 22.54 11.06
N CYS A 138 41.79 21.89 11.26
CA CYS A 138 40.84 21.58 10.20
C CYS A 138 39.54 21.18 10.85
N SER A 139 38.54 22.03 10.78
CA SER A 139 37.30 21.89 11.55
C SER A 139 36.25 21.15 10.73
N PRO A 140 35.64 20.10 11.27
CA PRO A 140 34.50 19.48 10.58
C PRO A 140 33.41 20.47 10.22
N ASN A 141 33.09 21.41 11.13
CA ASN A 141 32.04 22.38 10.87
C ASN A 141 32.52 23.61 10.11
N ASP A 142 33.64 24.21 10.51
CA ASP A 142 34.06 25.48 9.92
C ASP A 142 34.79 25.32 8.59
N HIS A 143 35.38 24.16 8.32
CA HIS A 143 36.11 23.96 7.06
C HIS A 143 35.43 22.94 6.16
N VAL A 144 35.26 21.69 6.61
CA VAL A 144 34.75 20.68 5.71
C VAL A 144 33.27 20.93 5.39
N ASN A 145 32.54 21.54 6.32
CA ASN A 145 31.13 21.87 6.12
C ASN A 145 30.91 23.32 5.74
N LEU A 146 31.97 24.07 5.42
CA LEU A 146 31.84 25.50 5.16
C LEU A 146 30.85 25.79 4.04
N SER A 147 29.95 26.75 4.28
CA SER A 147 28.91 27.18 3.34
C SER A 147 27.83 26.12 3.11
N GLN A 148 27.77 25.07 3.93
CA GLN A 148 26.86 23.96 3.69
C GLN A 148 25.96 23.70 4.90
N SER A 149 24.90 22.98 4.63
CA SER A 149 24.09 22.31 5.63
C SER A 149 24.01 20.83 5.27
N THR A 150 23.64 20.00 6.24
CA THR A 150 23.11 18.69 5.87
C THR A 150 22.02 18.83 4.82
N ASN A 151 21.23 19.90 4.91
CA ASN A 151 20.01 19.95 4.14
C ASN A 151 20.23 20.32 2.68
N ASP A 152 21.47 20.63 2.26
CA ASP A 152 21.84 20.52 0.86
C ASP A 152 22.87 19.44 0.58
N ALA A 153 23.90 19.26 1.44
CA ALA A 153 24.92 18.27 1.13
C ALA A 153 24.34 16.85 1.10
N TYR A 154 23.48 16.52 2.07
CA TYR A 154 22.94 15.16 2.16
C TYR A 154 22.01 14.81 1.00
N PRO A 155 20.96 15.58 0.69
CA PRO A 155 20.13 15.22 -0.47
C PRO A 155 20.89 15.24 -1.77
N THR A 156 21.88 16.13 -1.91
CA THR A 156 22.67 16.12 -3.13
C THR A 156 23.46 14.83 -3.25
N ALA A 157 24.00 14.32 -2.12
CA ALA A 157 24.67 13.01 -2.13
C ALA A 157 23.71 11.87 -2.46
N ILE A 158 22.50 11.88 -1.85
CA ILE A 158 21.50 10.86 -2.19
C ILE A 158 21.23 10.88 -3.68
N ARG A 159 21.01 12.07 -4.24
CA ARG A 159 20.56 12.17 -5.62
CA ARG A 159 20.57 12.19 -5.63
C ARG A 159 21.64 11.72 -6.60
N ILE A 160 22.90 12.10 -6.36
CA ILE A 160 23.97 11.62 -7.22
C ILE A 160 24.12 10.11 -7.07
N ALA A 161 24.04 9.59 -5.84
CA ALA A 161 24.16 8.15 -5.64
C ALA A 161 23.05 7.39 -6.38
N LEU A 162 21.80 7.85 -6.26
CA LEU A 162 20.70 7.16 -6.92
C LEU A 162 20.78 7.30 -8.43
N TYR A 163 21.19 8.47 -8.92
CA TYR A 163 21.42 8.62 -10.35
C TYR A 163 22.43 7.61 -10.85
N ASN A 164 23.53 7.44 -10.11
CA ASN A 164 24.55 6.47 -10.52
C ASN A 164 24.07 5.02 -10.34
N LEU A 165 23.35 4.74 -9.25
CA LEU A 165 22.84 3.38 -9.08
C LEU A 165 21.82 3.03 -10.17
N ASN A 166 21.02 4.02 -10.62
CA ASN A 166 20.10 3.73 -11.70
C ASN A 166 20.82 3.25 -12.96
N LYS A 167 22.01 3.81 -13.25
CA LYS A 167 22.78 3.32 -14.40
C LYS A 167 23.01 1.83 -14.32
N THR A 168 23.33 1.32 -13.12
CA THR A 168 23.60 -0.11 -12.97
C THR A 168 22.32 -0.93 -13.08
N LEU A 169 21.20 -0.40 -12.57
CA LEU A 169 19.92 -1.08 -12.71
C LEU A 169 19.54 -1.23 -14.18
N VAL A 170 19.67 -0.15 -14.95
CA VAL A 170 19.36 -0.17 -16.37
C VAL A 170 20.30 -1.12 -17.11
N GLU A 171 21.57 -1.16 -16.70
CA GLU A 171 22.51 -2.08 -17.34
CA GLU A 171 22.53 -2.10 -17.30
C GLU A 171 22.05 -3.54 -17.19
N ARG A 172 21.59 -3.93 -16.00
CA ARG A 172 21.16 -5.32 -15.84
C ARG A 172 19.84 -5.57 -16.56
N LEU A 173 18.97 -4.56 -16.58
CA LEU A 173 17.73 -4.65 -17.36
C LEU A 173 18.02 -4.88 -18.84
N GLU A 174 18.99 -4.14 -19.41
CA GLU A 174 19.35 -4.29 -20.81
C GLU A 174 19.85 -5.71 -21.10
N LEU A 175 20.66 -6.27 -20.21
CA LEU A 175 21.11 -7.64 -20.41
C LEU A 175 19.94 -8.62 -20.40
N LEU A 176 18.97 -8.40 -19.51
CA LEU A 176 17.80 -9.28 -19.47
C LEU A 176 16.98 -9.14 -20.74
N ILE A 177 16.79 -7.91 -21.21
CA ILE A 177 16.08 -7.69 -22.47
C ILE A 177 16.75 -8.45 -23.61
N GLN A 178 18.08 -8.37 -23.69
CA GLN A 178 18.82 -9.06 -24.75
C GLN A 178 18.60 -10.58 -24.66
N SER A 179 18.54 -11.11 -23.44
CA SER A 179 18.30 -12.54 -23.25
CA SER A 179 18.31 -12.54 -23.30
C SER A 179 16.93 -12.94 -23.81
N PHE A 180 15.91 -12.12 -23.57
CA PHE A 180 14.59 -12.38 -24.14
C PHE A 180 14.61 -12.29 -25.66
N ARG A 181 15.33 -11.32 -26.23
CA ARG A 181 15.36 -11.20 -27.68
C ARG A 181 16.05 -12.41 -28.32
N LYS A 182 17.15 -12.87 -27.73
CA LYS A 182 17.83 -14.04 -28.26
C LYS A 182 16.95 -15.28 -28.18
N LYS A 183 16.25 -15.44 -27.05
CA LYS A 183 15.37 -16.60 -26.91
C LYS A 183 14.17 -16.50 -27.86
N ALA A 184 13.66 -15.29 -28.10
CA ALA A 184 12.58 -15.11 -29.08
C ALA A 184 13.01 -15.62 -30.45
N ASP A 185 14.26 -15.36 -30.83
CA ASP A 185 14.77 -15.86 -32.12
C ASP A 185 14.85 -17.38 -32.12
N ASP A 186 15.34 -17.98 -31.02
CA ASP A 186 15.36 -19.44 -30.90
C ASP A 186 13.97 -20.03 -31.13
N LEU A 187 12.93 -19.34 -30.66
CA LEU A 187 11.58 -19.87 -30.63
C LEU A 187 10.69 -19.28 -31.73
N LYS A 188 11.30 -18.63 -32.72
CA LYS A 188 10.52 -17.84 -33.68
C LYS A 188 9.56 -18.69 -34.52
N ASP A 189 9.83 -19.98 -34.68
CA ASP A 189 8.99 -20.82 -35.52
C ASP A 189 8.05 -21.71 -34.72
N VAL A 190 7.89 -21.45 -33.42
CA VAL A 190 7.00 -22.22 -32.58
C VAL A 190 5.62 -21.56 -32.63
N ILE A 191 4.71 -22.10 -33.43
CA ILE A 191 3.34 -21.62 -33.45
C ILE A 191 2.61 -22.18 -32.23
N LYS A 192 1.83 -21.33 -31.56
CA LYS A 192 1.15 -21.70 -30.33
C LYS A 192 -0.17 -20.94 -30.25
N MET A 193 -0.97 -21.25 -29.23
CA MET A 193 -2.26 -20.58 -29.06
C MET A 193 -2.12 -19.39 -28.12
N GLY A 194 -2.44 -18.20 -28.61
CA GLY A 194 -2.67 -17.10 -27.70
C GLY A 194 -3.88 -17.40 -26.81
N ARG A 195 -3.89 -16.76 -25.64
CA ARG A 195 -4.97 -16.91 -24.68
C ARG A 195 -5.29 -15.56 -24.09
N THR A 196 -6.57 -15.22 -24.02
CA THR A 196 -7.03 -14.05 -23.30
C THR A 196 -8.07 -14.49 -22.30
N GLN A 197 -8.01 -13.95 -21.09
CA GLN A 197 -8.89 -14.35 -20.00
C GLN A 197 -8.73 -15.85 -19.69
N LEU A 198 -7.55 -16.38 -20.04
CA LEU A 198 -7.15 -17.79 -19.97
C LEU A 198 -7.97 -18.71 -20.87
N GLN A 199 -8.81 -18.15 -21.75
CA GLN A 199 -9.52 -18.94 -22.75
C GLN A 199 -8.75 -18.90 -24.07
N ASP A 200 -8.89 -19.98 -24.85
CA ASP A 200 -8.28 -20.04 -26.17
C ASP A 200 -8.62 -18.80 -26.99
N ALA A 201 -7.60 -18.17 -27.56
CA ALA A 201 -7.83 -16.98 -28.39
C ALA A 201 -7.56 -17.29 -29.88
N VAL A 202 -6.44 -16.82 -30.42
CA VAL A 202 -6.07 -17.07 -31.81
C VAL A 202 -4.57 -17.39 -31.83
N PRO A 203 -4.00 -17.88 -32.93
CA PRO A 203 -2.59 -18.30 -32.92
C PRO A 203 -1.61 -17.13 -32.87
N MET A 204 -0.41 -17.47 -32.43
CA MET A 204 0.72 -16.55 -32.42
C MET A 204 1.98 -17.41 -32.46
N THR A 205 3.14 -16.77 -32.53
CA THR A 205 4.36 -17.53 -32.33
C THR A 205 4.97 -17.21 -30.97
N MET A 206 5.76 -18.15 -30.49
CA MET A 206 6.49 -17.90 -29.24
C MET A 206 7.54 -16.83 -29.45
N GLY A 207 8.03 -16.65 -30.67
CA GLY A 207 8.89 -15.51 -30.97
C GLY A 207 8.17 -14.19 -30.75
N GLN A 208 6.92 -14.09 -31.21
CA GLN A 208 6.14 -12.90 -30.93
C GLN A 208 5.98 -12.69 -29.43
N GLU A 209 5.70 -13.77 -28.69
CA GLU A 209 5.47 -13.64 -27.26
C GLU A 209 6.73 -13.22 -26.52
N PHE A 210 7.88 -13.81 -26.87
CA PHE A 210 9.10 -13.50 -26.15
C PHE A 210 9.68 -12.16 -26.58
N ASN A 211 9.51 -11.78 -27.85
CA ASN A 211 9.86 -10.41 -28.23
C ASN A 211 8.99 -9.39 -27.52
N ALA A 212 7.73 -9.75 -27.23
CA ALA A 212 6.88 -8.85 -26.47
C ALA A 212 7.38 -8.69 -25.03
N PHE A 213 7.89 -9.78 -24.43
CA PHE A 213 8.55 -9.64 -23.13
C PHE A 213 9.70 -8.65 -23.23
N ALA A 214 10.54 -8.82 -24.26
CA ALA A 214 11.69 -7.93 -24.42
C ALA A 214 11.24 -6.49 -24.62
N ASN A 215 10.20 -6.31 -25.45
CA ASN A 215 9.81 -4.95 -25.82
C ASN A 215 9.09 -4.23 -24.68
N THR A 216 8.30 -4.95 -23.88
CA THR A 216 7.70 -4.25 -22.74
C THR A 216 8.74 -3.88 -21.69
N LEU A 217 9.77 -4.71 -21.52
CA LEU A 217 10.85 -4.34 -20.61
C LEU A 217 11.72 -3.23 -21.18
N GLN A 218 11.89 -3.19 -22.51
CA GLN A 218 12.64 -2.10 -23.13
C GLN A 218 11.99 -0.74 -22.85
N GLU A 219 10.66 -0.71 -22.77
CA GLU A 219 9.99 0.55 -22.42
C GLU A 219 10.38 1.07 -21.06
N GLU A 220 10.86 0.20 -20.18
CA GLU A 220 11.21 0.63 -18.83
C GLU A 220 12.52 1.40 -18.78
N ILE A 221 13.39 1.23 -19.80
CA ILE A 221 14.64 1.98 -19.84
CA ILE A 221 14.64 1.98 -19.84
C ILE A 221 14.37 3.47 -19.81
N ALA A 222 13.50 3.95 -20.71
CA ALA A 222 13.19 5.37 -20.75
C ALA A 222 12.50 5.83 -19.48
N ARG A 223 11.63 5.00 -18.90
CA ARG A 223 10.95 5.40 -17.66
CA ARG A 223 10.96 5.42 -17.68
C ARG A 223 11.95 5.55 -16.52
N LEU A 224 12.84 4.56 -16.37
CA LEU A 224 13.84 4.64 -15.30
C LEU A 224 14.78 5.82 -15.52
N ASN A 225 15.27 5.99 -16.76
CA ASN A 225 16.21 7.07 -17.03
C ASN A 225 15.58 8.46 -16.89
N THR A 226 14.38 8.66 -17.43
CA THR A 226 13.80 10.01 -17.34
C THR A 226 13.48 10.37 -15.88
N ASN A 227 13.06 9.40 -15.08
CA ASN A 227 12.78 9.71 -13.68
C ASN A 227 14.06 9.88 -12.88
N ALA A 228 15.09 9.08 -13.15
CA ALA A 228 16.37 9.30 -12.47
C ALA A 228 17.00 10.64 -12.86
N ASP A 229 16.72 11.15 -14.07
CA ASP A 229 17.21 12.47 -14.46
C ASP A 229 16.69 13.57 -13.55
N LEU A 230 15.54 13.34 -12.91
CA LEU A 230 15.01 14.33 -11.98
C LEU A 230 15.95 14.54 -10.81
N PHE A 231 16.75 13.53 -10.46
CA PHE A 231 17.71 13.66 -9.37
C PHE A 231 18.79 14.69 -9.67
N LEU A 232 19.00 15.02 -10.95
CA LEU A 232 20.07 15.95 -11.30
C LEU A 232 19.76 17.37 -10.87
N GLU A 233 18.50 17.69 -10.58
CA GLU A 233 18.15 18.99 -10.01
C GLU A 233 18.52 18.98 -8.54
N THR A 234 19.52 19.77 -8.15
CA THR A 234 20.11 19.71 -6.82
C THR A 234 20.07 21.09 -6.17
N ASN A 235 20.34 21.15 -4.86
CA ASN A 235 20.09 22.38 -4.10
C ASN A 235 21.32 22.88 -3.34
N MET A 236 22.52 22.65 -3.86
CA MET A 236 23.71 23.20 -3.20
C MET A 236 23.62 24.72 -3.15
N GLY A 237 23.83 25.26 -1.96
CA GLY A 237 23.62 26.67 -1.70
C GLY A 237 22.35 26.97 -0.92
N ALA A 238 21.49 25.96 -0.76
CA ALA A 238 20.28 26.17 0.04
C ALA A 238 20.62 26.43 1.50
N THR A 239 21.76 25.93 1.98
CA THR A 239 22.12 25.80 3.38
C THR A 239 20.91 25.31 4.19
N ALA A 240 20.53 25.98 5.28
CA ALA A 240 19.65 25.35 6.27
C ALA A 240 18.24 25.07 5.74
N ILE A 241 17.64 26.04 5.05
CA ILE A 241 16.22 25.87 4.69
C ILE A 241 15.93 26.32 3.26
N GLY A 242 16.95 26.79 2.54
CA GLY A 242 16.78 27.25 1.17
C GLY A 242 17.03 28.73 0.97
N THR A 243 17.22 29.49 2.05
CA THR A 243 17.46 30.92 1.92
C THR A 243 18.90 31.25 1.53
N GLY A 244 19.81 30.29 1.62
CA GLY A 244 21.20 30.60 1.34
C GLY A 244 21.92 31.37 2.42
N LEU A 245 21.35 31.44 3.62
CA LEU A 245 22.04 32.05 4.75
C LEU A 245 23.43 31.46 4.90
N ASN A 246 24.44 32.34 5.02
CA ASN A 246 25.87 32.05 5.17
C ASN A 246 26.53 31.62 3.87
N ALA A 247 25.83 31.62 2.74
CA ALA A 247 26.46 31.36 1.45
C ALA A 247 26.75 32.67 0.73
N HIS A 248 27.85 32.65 -0.03
CA HIS A 248 28.21 33.74 -0.94
C HIS A 248 27.24 33.79 -2.12
N PRO A 249 26.98 34.98 -2.68
CA PRO A 249 26.00 35.06 -3.78
C PRO A 249 26.32 34.18 -4.99
N ASP A 250 27.60 33.91 -5.24
CA ASP A 250 28.02 33.11 -6.40
C ASP A 250 28.14 31.63 -6.09
N TYR A 251 27.98 31.23 -4.82
CA TYR A 251 28.34 29.88 -4.39
C TYR A 251 27.42 28.81 -5.00
N ALA A 252 26.10 29.04 -5.02
CA ALA A 252 25.20 27.98 -5.48
C ALA A 252 25.51 27.57 -6.91
N VAL A 253 25.66 28.55 -7.80
CA VAL A 253 25.93 28.25 -9.21
C VAL A 253 27.33 27.65 -9.36
N LYS A 254 28.33 28.25 -8.71
CA LYS A 254 29.70 27.79 -8.88
CA LYS A 254 29.70 27.79 -8.87
C LYS A 254 29.90 26.41 -8.27
N CYS A 255 29.29 26.15 -7.11
CA CYS A 255 29.42 24.83 -6.51
C CYS A 255 28.74 23.78 -7.37
N THR A 256 27.57 24.10 -7.92
CA THR A 256 26.88 23.13 -8.78
C THR A 256 27.71 22.82 -10.02
N GLU A 257 28.29 23.86 -10.65
CA GLU A 257 29.15 23.63 -11.81
C GLU A 257 30.37 22.78 -11.44
N ASN A 258 31.00 23.08 -10.30
CA ASN A 258 32.15 22.29 -9.88
C ASN A 258 31.75 20.86 -9.58
N LEU A 259 30.57 20.67 -8.99
CA LEU A 259 30.10 19.33 -8.66
C LEU A 259 29.81 18.52 -9.93
N ALA A 260 29.24 19.16 -10.96
CA ALA A 260 29.03 18.45 -12.22
C ALA A 260 30.36 17.96 -12.79
N LYS A 261 31.39 18.80 -12.73
CA LYS A 261 32.69 18.41 -13.30
C LYS A 261 33.34 17.30 -12.47
N ILE A 262 33.26 17.41 -11.15
CA ILE A 262 33.89 16.42 -10.27
C ILE A 262 33.16 15.08 -10.32
N SER A 263 31.83 15.10 -10.29
CA SER A 263 31.06 13.86 -10.26
C SER A 263 30.92 13.23 -11.63
N GLY A 264 30.97 14.03 -12.71
CA GLY A 264 30.63 13.51 -14.01
C GLY A 264 29.15 13.36 -14.27
N ALA A 265 28.31 13.80 -13.34
CA ALA A 265 26.86 13.83 -13.51
C ALA A 265 26.46 15.26 -13.84
N ASP A 266 25.50 15.41 -14.76
CA ASP A 266 25.07 16.74 -15.22
C ASP A 266 24.11 17.37 -14.22
N VAL A 267 24.59 17.60 -13.00
CA VAL A 267 23.73 18.25 -12.01
C VAL A 267 23.49 19.71 -12.38
N VAL A 268 22.31 20.20 -11.99
CA VAL A 268 21.87 21.56 -12.27
C VAL A 268 21.20 22.11 -11.02
N LEU A 269 21.17 23.44 -10.92
CA LEU A 269 20.70 24.09 -9.71
C LEU A 269 19.20 24.30 -9.78
N ALA A 270 18.48 23.81 -8.75
CA ALA A 270 17.05 24.06 -8.66
C ALA A 270 16.78 25.56 -8.66
N SER A 271 15.70 25.97 -9.33
CA SER A 271 15.44 27.40 -9.47
CA SER A 271 15.38 27.39 -9.50
C SER A 271 14.86 28.03 -8.22
N ASP A 272 14.30 27.24 -7.29
CA ASP A 272 13.79 27.76 -6.01
C ASP A 272 14.35 26.84 -4.93
N LEU A 273 15.36 27.33 -4.19
CA LEU A 273 15.99 26.46 -3.20
C LEU A 273 15.11 26.26 -1.97
N VAL A 274 14.21 27.20 -1.69
CA VAL A 274 13.24 27.01 -0.61
C VAL A 274 12.28 25.88 -0.96
N GLU A 275 11.84 25.84 -2.21
CA GLU A 275 11.03 24.73 -2.70
C GLU A 275 11.78 23.41 -2.62
N ALA A 276 13.06 23.43 -3.00
CA ALA A 276 13.79 22.18 -3.19
C ALA A 276 14.12 21.49 -1.88
N THR A 277 14.31 22.25 -0.80
CA THR A 277 14.87 21.69 0.42
C THR A 277 13.94 20.66 1.08
N PRO A 278 12.62 20.87 1.16
CA PRO A 278 11.75 19.79 1.65
C PRO A 278 11.16 18.89 0.57
N ASP A 279 11.66 18.95 -0.66
CA ASP A 279 11.02 18.30 -1.79
C ASP A 279 11.49 16.85 -1.92
N THR A 280 10.57 15.89 -1.79
CA THR A 280 10.90 14.48 -1.97
C THR A 280 10.23 13.87 -3.21
N GLY A 281 9.67 14.70 -4.09
CA GLY A 281 8.91 14.16 -5.22
C GLY A 281 9.73 13.30 -6.17
N ALA A 282 11.00 13.65 -6.38
CA ALA A 282 11.80 12.87 -7.33
C ALA A 282 11.95 11.42 -6.85
N TYR A 283 12.14 11.24 -5.53
CA TYR A 283 12.27 9.89 -4.98
C TYR A 283 10.98 9.11 -5.16
N VAL A 284 9.83 9.76 -4.96
CA VAL A 284 8.54 9.10 -5.07
C VAL A 284 8.34 8.58 -6.48
N ILE A 285 8.58 9.42 -7.48
CA ILE A 285 8.25 9.00 -8.84
C ILE A 285 9.32 8.03 -9.36
N TYR A 286 10.58 8.16 -8.90
CA TYR A 286 11.58 7.16 -9.30
C TYR A 286 11.26 5.80 -8.68
N SER A 287 10.89 5.77 -7.38
CA SER A 287 10.48 4.51 -6.77
C SER A 287 9.28 3.94 -7.52
N SER A 288 8.37 4.81 -7.96
CA SER A 288 7.21 4.37 -8.72
C SER A 288 7.61 3.76 -10.06
N ALA A 289 8.66 4.29 -10.71
CA ALA A 289 9.13 3.70 -11.94
C ALA A 289 9.71 2.31 -11.70
N MET A 290 10.46 2.14 -10.62
CA MET A 290 10.90 0.80 -10.24
C MET A 290 9.73 -0.13 -9.98
N LYS A 291 8.69 0.37 -9.30
CA LYS A 291 7.50 -0.43 -9.04
C LYS A 291 6.83 -0.85 -10.33
N ARG A 292 6.70 0.07 -11.28
CA ARG A 292 6.12 -0.28 -12.59
C ARG A 292 6.92 -1.38 -13.25
N MET A 293 8.24 -1.28 -13.24
CA MET A 293 9.06 -2.32 -13.86
CA MET A 293 9.05 -2.31 -13.86
C MET A 293 8.93 -3.64 -13.13
N ALA A 294 8.88 -3.60 -11.79
CA ALA A 294 8.70 -4.82 -11.01
C ALA A 294 7.35 -5.48 -11.29
N VAL A 295 6.30 -4.68 -11.49
CA VAL A 295 4.99 -5.22 -11.84
C VAL A 295 5.05 -5.95 -13.18
N LYS A 296 5.76 -5.37 -14.16
CA LYS A 296 5.92 -6.02 -15.45
C LYS A 296 6.74 -7.30 -15.32
N LEU A 297 7.87 -7.22 -14.60
CA LEU A 297 8.69 -8.41 -14.41
CA LEU A 297 8.69 -8.41 -14.39
C LEU A 297 7.91 -9.53 -13.72
N SER A 298 7.10 -9.17 -12.72
CA SER A 298 6.32 -10.18 -12.01
C SER A 298 5.31 -10.84 -12.95
N LYS A 299 4.61 -10.04 -13.76
CA LYS A 299 3.67 -10.59 -14.74
C LYS A 299 4.36 -11.56 -15.69
N ILE A 300 5.54 -11.18 -16.21
CA ILE A 300 6.28 -12.06 -17.11
C ILE A 300 6.61 -13.37 -16.40
N CYS A 301 7.07 -13.28 -15.15
CA CYS A 301 7.39 -14.48 -14.40
C CYS A 301 6.15 -15.32 -14.13
N ASN A 302 5.00 -14.68 -13.86
CA ASN A 302 3.76 -15.44 -13.73
C ASN A 302 3.44 -16.19 -15.01
N ASP A 303 3.62 -15.53 -16.16
CA ASP A 303 3.41 -16.18 -17.45
C ASP A 303 4.32 -17.40 -17.63
N LEU A 304 5.60 -17.24 -17.29
CA LEU A 304 6.54 -18.34 -17.46
C LEU A 304 6.17 -19.53 -16.58
N ARG A 305 5.75 -19.28 -15.34
CA ARG A 305 5.37 -20.39 -14.48
C ARG A 305 4.12 -21.10 -15.01
N LEU A 306 3.21 -20.34 -15.61
CA LEU A 306 1.99 -20.92 -16.18
C LEU A 306 2.30 -21.73 -17.44
N LEU A 307 3.11 -21.17 -18.35
CA LEU A 307 3.41 -21.89 -19.59
C LEU A 307 4.26 -23.12 -19.36
N ALA A 308 5.02 -23.17 -18.26
CA ALA A 308 5.84 -24.32 -17.92
C ALA A 308 5.08 -25.37 -17.12
N SER A 309 3.83 -25.11 -16.75
CA SER A 309 3.05 -26.06 -15.95
C SER A 309 3.00 -27.41 -16.65
N GLY A 310 2.98 -28.47 -15.86
CA GLY A 310 3.07 -29.82 -16.40
C GLY A 310 3.74 -30.76 -15.43
N PRO A 311 4.27 -31.89 -15.91
CA PRO A 311 4.44 -32.26 -17.32
C PRO A 311 3.22 -32.93 -17.99
N ARG A 312 2.27 -33.45 -17.21
CA ARG A 312 1.18 -34.22 -17.77
C ARG A 312 -0.21 -33.62 -17.53
N ALA A 313 -0.35 -32.68 -16.59
CA ALA A 313 -1.66 -32.10 -16.29
C ALA A 313 -1.61 -30.59 -16.39
N GLY A 314 -0.70 -30.05 -17.21
CA GLY A 314 -0.57 -28.61 -17.35
C GLY A 314 -0.67 -28.14 -18.79
N LEU A 315 -0.18 -26.94 -19.07
CA LEU A 315 -0.11 -26.44 -20.44
C LEU A 315 1.13 -26.97 -21.15
N TYR A 316 2.27 -26.96 -20.46
CA TYR A 316 3.50 -27.61 -20.91
C TYR A 316 3.98 -27.08 -22.27
N GLU A 317 3.88 -25.76 -22.46
CA GLU A 317 4.38 -25.19 -23.71
C GLU A 317 5.89 -25.04 -23.70
N ILE A 318 6.49 -24.80 -22.53
CA ILE A 318 7.91 -24.52 -22.43
C ILE A 318 8.53 -25.34 -21.30
N ASN A 319 9.84 -25.45 -21.37
CA ASN A 319 10.68 -26.12 -20.39
C ASN A 319 11.65 -25.10 -19.84
N LEU A 320 11.67 -24.96 -18.52
CA LEU A 320 12.67 -24.12 -17.86
C LEU A 320 13.85 -24.98 -17.41
N PRO A 321 15.07 -24.43 -17.45
CA PRO A 321 16.22 -25.18 -16.92
C PRO A 321 15.95 -25.68 -15.51
N LYS A 322 16.34 -26.94 -15.28
CA LYS A 322 16.08 -27.64 -14.01
C LYS A 322 17.22 -27.31 -13.05
N MET A 323 16.92 -26.56 -12.00
CA MET A 323 17.96 -25.99 -11.15
C MET A 323 18.10 -26.66 -9.79
N GLN A 324 17.12 -27.43 -9.35
CA GLN A 324 17.19 -28.19 -8.11
C GLN A 324 15.99 -29.12 -8.05
N PRO A 325 16.08 -30.20 -7.28
CA PRO A 325 14.91 -31.09 -7.15
C PRO A 325 13.71 -30.33 -6.62
N GLY A 326 12.54 -30.61 -7.21
CA GLY A 326 11.35 -29.88 -6.80
C GLY A 326 10.83 -30.24 -5.43
N SER A 327 10.95 -31.51 -5.03
CA SER A 327 10.15 -31.97 -3.90
C SER A 327 10.88 -32.99 -3.04
N SER A 328 10.71 -32.85 -1.72
CA SER A 328 11.22 -33.84 -0.77
C SER A 328 10.41 -35.13 -0.79
N ILE A 329 9.22 -35.11 -1.39
CA ILE A 329 8.33 -36.25 -1.38
C ILE A 329 7.93 -36.69 -2.79
N MET A 330 7.71 -35.75 -3.72
CA MET A 330 7.20 -36.11 -5.04
C MET A 330 8.37 -36.38 -5.99
N PRO A 331 8.65 -37.63 -6.36
CA PRO A 331 9.84 -37.91 -7.16
C PRO A 331 9.71 -37.37 -8.57
N GLY A 332 10.83 -36.85 -9.09
CA GLY A 332 10.91 -36.34 -10.45
C GLY A 332 10.38 -34.93 -10.63
N LYS A 333 9.63 -34.41 -9.67
CA LYS A 333 9.05 -33.07 -9.79
C LYS A 333 10.16 -32.02 -9.80
N VAL A 334 10.01 -31.01 -10.67
CA VAL A 334 10.95 -29.90 -10.76
C VAL A 334 10.13 -28.63 -10.94
N ASN A 335 10.39 -27.62 -10.11
CA ASN A 335 9.54 -26.45 -10.01
C ASN A 335 10.19 -25.21 -10.59
N PRO A 336 9.40 -24.21 -10.98
CA PRO A 336 9.95 -22.99 -11.61
C PRO A 336 10.53 -22.02 -10.60
N VAL A 337 11.60 -22.45 -9.91
CA VAL A 337 12.09 -21.75 -8.73
C VAL A 337 12.71 -20.40 -9.10
N ILE A 338 13.20 -20.24 -10.33
CA ILE A 338 13.86 -18.98 -10.69
C ILE A 338 12.81 -17.89 -10.94
N PRO A 339 11.78 -18.08 -11.79
CA PRO A 339 10.69 -17.08 -11.80
C PRO A 339 10.09 -16.83 -10.42
N GLU A 340 9.96 -17.86 -9.58
CA GLU A 340 9.36 -17.68 -8.24
C GLU A 340 10.16 -16.69 -7.40
N VAL A 341 11.49 -16.81 -7.41
CA VAL A 341 12.25 -15.89 -6.56
C VAL A 341 12.17 -14.47 -7.13
N VAL A 342 12.01 -14.33 -8.44
CA VAL A 342 11.84 -13.00 -9.01
C VAL A 342 10.51 -12.40 -8.58
N ASN A 343 9.42 -13.17 -8.67
CA ASN A 343 8.13 -12.70 -8.16
C ASN A 343 8.27 -12.13 -6.76
N GLN A 344 8.97 -12.86 -5.88
CA GLN A 344 9.08 -12.46 -4.48
C GLN A 344 9.86 -11.15 -4.35
N VAL A 345 10.92 -10.99 -5.15
CA VAL A 345 11.64 -9.72 -5.17
C VAL A 345 10.71 -8.59 -5.59
N CYS A 346 9.89 -8.84 -6.62
CA CYS A 346 8.96 -7.80 -7.09
C CYS A 346 7.99 -7.39 -6.00
N PHE A 347 7.50 -8.34 -5.20
CA PHE A 347 6.61 -8.00 -4.09
C PHE A 347 7.34 -7.15 -3.06
N LYS A 348 8.61 -7.45 -2.79
CA LYS A 348 9.38 -6.63 -1.86
C LYS A 348 9.55 -5.21 -2.40
N VAL A 349 9.79 -5.07 -3.70
CA VAL A 349 9.91 -3.74 -4.31
C VAL A 349 8.62 -2.96 -4.14
N ILE A 350 7.48 -3.62 -4.38
CA ILE A 350 6.19 -2.94 -4.21
C ILE A 350 6.00 -2.47 -2.77
N GLY A 351 6.34 -3.33 -1.80
CA GLY A 351 6.22 -2.91 -0.40
C GLY A 351 7.16 -1.78 -0.04
N ASN A 352 8.40 -1.85 -0.53
CA ASN A 352 9.35 -0.76 -0.29
C ASN A 352 8.85 0.55 -0.88
N ASP A 353 8.13 0.48 -2.01
CA ASP A 353 7.58 1.69 -2.60
C ASP A 353 6.52 2.33 -1.70
N LEU A 354 5.76 1.52 -0.96
CA LEU A 354 4.82 2.08 0.01
C LEU A 354 5.56 2.74 1.17
N THR A 355 6.67 2.13 1.63
CA THR A 355 7.49 2.79 2.63
C THR A 355 7.94 4.17 2.16
N VAL A 356 8.39 4.27 0.91
CA VAL A 356 8.79 5.54 0.32
C VAL A 356 7.64 6.54 0.36
N THR A 357 6.43 6.10 0.02
CA THR A 357 5.26 6.98 0.00
C THR A 357 4.95 7.55 1.38
N PHE A 358 4.94 6.69 2.41
CA PHE A 358 4.74 7.20 3.76
C PHE A 358 5.82 8.19 4.16
N ALA A 359 7.07 7.86 3.85
CA ALA A 359 8.17 8.76 4.23
C ALA A 359 8.02 10.11 3.56
N ALA A 360 7.68 10.11 2.27
CA ALA A 360 7.51 11.37 1.55
C ALA A 360 6.36 12.19 2.11
N GLU A 361 5.23 11.54 2.42
CA GLU A 361 4.07 12.29 2.88
C GLU A 361 4.27 12.85 4.28
N ALA A 362 5.29 12.40 5.02
CA ALA A 362 5.58 12.84 6.38
C ALA A 362 6.42 14.10 6.46
N GLY A 363 6.74 14.75 5.34
CA GLY A 363 7.53 15.97 5.42
C GLY A 363 6.78 17.07 6.17
N GLN A 364 7.54 17.94 6.83
CA GLN A 364 6.93 19.02 7.61
C GLN A 364 7.67 20.32 7.37
N LEU A 365 6.95 21.34 6.89
CA LEU A 365 7.51 22.69 6.77
C LEU A 365 8.82 22.63 5.96
N GLN A 366 9.95 23.07 6.51
CA GLN A 366 11.14 23.27 5.68
C GLN A 366 12.03 22.04 5.52
N LEU A 367 11.64 20.86 6.01
CA LEU A 367 12.46 19.67 5.82
C LEU A 367 11.61 18.41 5.92
N ASN A 368 11.98 17.39 5.14
CA ASN A 368 11.47 16.05 5.35
C ASN A 368 12.53 15.24 6.08
N VAL A 369 12.23 14.78 7.29
CA VAL A 369 13.21 14.08 8.12
C VAL A 369 13.22 12.57 7.90
N MET A 370 12.42 12.06 6.98
CA MET A 370 12.25 10.62 6.82
C MET A 370 13.05 10.08 5.64
N GLU A 371 13.97 10.87 5.11
CA GLU A 371 14.76 10.42 3.96
C GLU A 371 15.66 9.22 4.24
N PRO A 372 16.20 8.99 5.45
CA PRO A 372 17.03 7.77 5.61
C PRO A 372 16.31 6.48 5.23
N VAL A 373 15.09 6.24 5.76
CA VAL A 373 14.44 4.97 5.42
C VAL A 373 13.97 4.96 3.98
N LEU A 374 13.65 6.13 3.44
CA LEU A 374 13.27 6.25 2.04
C LEU A 374 14.44 5.82 1.15
N THR A 375 15.64 6.35 1.43
CA THR A 375 16.84 5.99 0.68
C THR A 375 17.22 4.53 0.88
N GLN A 376 17.13 4.05 2.12
CA GLN A 376 17.43 2.65 2.41
C GLN A 376 16.54 1.73 1.59
N SER A 377 15.26 2.08 1.48
CA SER A 377 14.30 1.24 0.77
C SER A 377 14.54 1.28 -0.74
N ILE A 378 14.81 2.45 -1.30
CA ILE A 378 15.11 2.54 -2.72
C ILE A 378 16.38 1.76 -3.04
N MET A 379 17.43 1.93 -2.22
CA MET A 379 18.68 1.23 -2.50
C MET A 379 18.52 -0.28 -2.36
N GLU A 380 17.69 -0.73 -1.41
CA GLU A 380 17.44 -2.16 -1.28
C GLU A 380 16.71 -2.70 -2.51
N SER A 381 15.70 -1.96 -2.99
CA SER A 381 14.99 -2.38 -4.20
C SER A 381 15.93 -2.45 -5.39
N ILE A 382 16.80 -1.46 -5.56
CA ILE A 382 17.73 -1.49 -6.70
C ILE A 382 18.58 -2.75 -6.63
N ARG A 383 19.15 -3.03 -5.44
CA ARG A 383 20.02 -4.19 -5.27
C ARG A 383 19.27 -5.48 -5.54
N PHE A 384 18.09 -5.65 -4.95
CA PHE A 384 17.33 -6.87 -5.14
C PHE A 384 16.91 -7.05 -6.59
N LEU A 385 16.53 -5.97 -7.26
CA LEU A 385 16.10 -6.07 -8.67
C LEU A 385 17.25 -6.47 -9.58
N LYS A 386 18.44 -5.87 -9.37
CA LYS A 386 19.61 -6.27 -10.15
C LYS A 386 19.87 -7.77 -9.99
N ASN A 387 19.82 -8.25 -8.75
CA ASN A 387 20.10 -9.65 -8.49
C ASN A 387 19.02 -10.54 -9.09
N ALA A 388 17.76 -10.12 -9.00
CA ALA A 388 16.68 -10.93 -9.57
C ALA A 388 16.78 -11.00 -11.08
N MET A 389 17.07 -9.87 -11.73
CA MET A 389 17.14 -9.88 -13.19
C MET A 389 18.32 -10.71 -13.68
N ASP A 390 19.49 -10.58 -13.05
CA ASP A 390 20.63 -11.40 -13.44
C ASP A 390 20.34 -12.88 -13.24
N THR A 391 19.67 -13.24 -12.13
CA THR A 391 19.31 -14.62 -11.89
C THR A 391 18.34 -15.14 -12.95
N LEU A 392 17.32 -14.34 -13.26
CA LEU A 392 16.33 -14.76 -14.25
C LEU A 392 16.99 -15.00 -15.60
N ARG A 393 17.85 -14.07 -16.03
CA ARG A 393 18.54 -14.20 -17.30
C ARG A 393 19.44 -15.44 -17.32
N GLU A 394 20.31 -15.57 -16.31
CA GLU A 394 21.37 -16.56 -16.37
C GLU A 394 20.87 -17.96 -16.11
N LYS A 395 19.95 -18.12 -15.16
CA LYS A 395 19.51 -19.44 -14.71
C LYS A 395 18.12 -19.81 -15.22
N CYS A 396 17.52 -18.99 -16.07
CA CYS A 396 16.24 -19.37 -16.66
C CYS A 396 16.14 -19.01 -18.14
N ILE A 397 16.09 -17.72 -18.48
CA ILE A 397 15.70 -17.33 -19.85
C ILE A 397 16.66 -17.94 -20.86
N ASP A 398 17.96 -17.88 -20.60
CA ASP A 398 18.96 -18.31 -21.59
C ASP A 398 18.73 -19.76 -22.04
N GLY A 399 18.24 -20.62 -21.15
CA GLY A 399 18.09 -22.03 -21.47
C GLY A 399 16.69 -22.52 -21.70
N ILE A 400 15.70 -21.64 -21.83
CA ILE A 400 14.32 -22.08 -22.10
C ILE A 400 14.25 -22.81 -23.43
N THR A 401 13.47 -23.88 -23.47
CA THR A 401 13.11 -24.53 -24.72
C THR A 401 11.60 -24.68 -24.80
N ALA A 402 11.12 -24.97 -26.00
CA ALA A 402 9.70 -25.15 -26.24
C ALA A 402 9.38 -26.60 -26.52
N ASN A 403 8.14 -26.98 -26.23
CA ASN A 403 7.57 -28.25 -26.66
C ASN A 403 6.76 -27.98 -27.93
N LYS A 404 7.46 -28.02 -29.07
CA LYS A 404 6.92 -27.50 -30.32
C LYS A 404 5.69 -28.29 -30.78
N GLU A 405 5.75 -29.62 -30.68
CA GLU A 405 4.62 -30.42 -31.15
CA GLU A 405 4.63 -30.44 -31.14
C GLU A 405 3.39 -30.24 -30.26
N ILE A 406 3.59 -30.13 -28.95
CA ILE A 406 2.46 -29.88 -28.07
C ILE A 406 1.77 -28.57 -28.44
N CYS A 407 2.56 -27.52 -28.68
CA CYS A 407 1.99 -26.23 -29.03
C CYS A 407 1.25 -26.28 -30.35
N LEU A 408 1.86 -26.92 -31.36
CA LEU A 408 1.25 -26.95 -32.69
C LEU A 408 -0.06 -27.73 -32.68
N ASN A 409 -0.12 -28.83 -31.93
CA ASN A 409 -1.34 -29.60 -31.85
C ASN A 409 -2.47 -28.83 -31.18
N MET A 410 -2.14 -28.00 -30.19
CA MET A 410 -3.16 -27.13 -29.60
C MET A 410 -3.77 -26.20 -30.64
N VAL A 411 -2.94 -25.66 -31.53
CA VAL A 411 -3.43 -24.79 -32.58
C VAL A 411 -4.28 -25.56 -33.58
N LYS A 412 -3.78 -26.73 -34.02
CA LYS A 412 -4.49 -27.51 -35.03
C LYS A 412 -5.84 -28.00 -34.53
N ASN A 413 -5.94 -28.28 -33.24
CA ASN A 413 -7.17 -28.79 -32.64
CA ASN A 413 -7.15 -28.80 -32.61
C ASN A 413 -8.04 -27.69 -32.04
N SER A 414 -7.67 -26.44 -32.22
CA SER A 414 -8.42 -25.36 -31.59
C SER A 414 -9.70 -25.05 -32.37
N ILE A 415 -10.63 -24.41 -31.66
CA ILE A 415 -11.79 -23.79 -32.29
C ILE A 415 -11.49 -22.34 -32.66
N GLY A 416 -10.59 -21.68 -31.90
CA GLY A 416 -10.34 -20.25 -32.07
C GLY A 416 -9.86 -19.84 -33.45
N ILE A 417 -9.28 -20.78 -34.21
CA ILE A 417 -8.92 -20.46 -35.59
C ILE A 417 -10.13 -20.09 -36.43
N VAL A 418 -11.36 -20.42 -35.97
CA VAL A 418 -12.57 -20.01 -36.68
C VAL A 418 -12.65 -18.50 -36.84
N THR A 419 -11.96 -17.75 -35.96
CA THR A 419 -11.93 -16.30 -36.04
C THR A 419 -11.50 -15.81 -37.40
N ALA A 420 -10.58 -16.53 -38.05
CA ALA A 420 -10.09 -16.12 -39.37
C ALA A 420 -11.17 -16.17 -40.45
N LEU A 421 -12.32 -16.79 -40.19
CA LEU A 421 -13.37 -16.84 -41.20
C LEU A 421 -14.28 -15.61 -41.19
N ASN A 422 -14.25 -14.79 -40.14
CA ASN A 422 -15.13 -13.64 -40.05
C ASN A 422 -15.16 -12.78 -41.32
N PRO A 423 -14.03 -12.40 -41.92
CA PRO A 423 -14.11 -11.56 -43.13
C PRO A 423 -14.80 -12.22 -44.30
N TYR A 424 -14.98 -13.53 -44.26
CA TYR A 424 -15.51 -14.31 -45.38
C TYR A 424 -16.95 -14.74 -45.18
N ILE A 425 -17.34 -15.12 -43.97
CA ILE A 425 -18.70 -15.60 -43.73
C ILE A 425 -19.44 -14.78 -42.68
N GLY A 426 -18.78 -13.86 -41.99
CA GLY A 426 -19.42 -13.03 -40.98
C GLY A 426 -19.46 -13.71 -39.62
N TYR A 427 -19.62 -12.86 -38.59
CA TYR A 427 -19.50 -13.32 -37.21
C TYR A 427 -20.63 -14.28 -36.83
N LYS A 428 -21.85 -14.05 -37.32
CA LYS A 428 -22.95 -14.95 -37.01
C LYS A 428 -22.68 -16.35 -37.54
N ASN A 429 -22.24 -16.45 -38.79
CA ASN A 429 -21.96 -17.75 -39.37
C ASN A 429 -20.76 -18.42 -38.71
N SER A 430 -19.72 -17.65 -38.39
CA SER A 430 -18.57 -18.23 -37.70
C SER A 430 -18.98 -18.74 -36.32
N THR A 431 -19.89 -18.04 -35.66
CA THR A 431 -20.39 -18.49 -34.36
C THR A 431 -21.12 -19.82 -34.50
N LYS A 432 -21.96 -19.96 -35.52
CA LYS A 432 -22.62 -21.24 -35.74
C LYS A 432 -21.61 -22.38 -35.88
N ILE A 433 -20.54 -22.14 -36.64
CA ILE A 433 -19.50 -23.15 -36.79
C ILE A 433 -18.81 -23.41 -35.46
N ALA A 434 -18.49 -22.35 -34.71
CA ALA A 434 -17.79 -22.51 -33.44
C ALA A 434 -18.62 -23.30 -32.43
N LYS A 435 -19.93 -23.00 -32.34
CA LYS A 435 -20.78 -23.74 -31.42
C LYS A 435 -20.86 -25.22 -31.80
N GLU A 436 -20.98 -25.51 -33.10
CA GLU A 436 -21.07 -26.90 -33.53
C GLU A 436 -19.77 -27.65 -33.26
N ALA A 437 -18.63 -26.99 -33.46
CA ALA A 437 -17.34 -27.61 -33.16
C ALA A 437 -17.24 -27.97 -31.68
N LEU A 438 -17.69 -27.06 -30.81
CA LEU A 438 -17.62 -27.34 -29.37
C LEU A 438 -18.58 -28.45 -28.97
N ASP A 439 -19.78 -28.47 -29.56
CA ASP A 439 -20.79 -29.44 -29.15
C ASP A 439 -20.48 -30.83 -29.67
N THR A 440 -19.89 -30.93 -30.87
CA THR A 440 -19.72 -32.22 -31.52
C THR A 440 -18.29 -32.75 -31.47
N GLY A 441 -17.30 -31.88 -31.27
CA GLY A 441 -15.92 -32.26 -31.38
C GLY A 441 -15.37 -32.30 -32.79
N LYS A 442 -16.21 -32.09 -33.80
CA LYS A 442 -15.74 -32.03 -35.18
C LYS A 442 -14.89 -30.78 -35.39
N SER A 443 -13.95 -30.87 -36.33
CA SER A 443 -13.03 -29.76 -36.56
C SER A 443 -13.75 -28.63 -37.29
N VAL A 444 -13.26 -27.41 -37.03
CA VAL A 444 -13.75 -26.23 -37.75
C VAL A 444 -13.59 -26.45 -39.25
N TYR A 445 -12.43 -26.96 -39.67
CA TYR A 445 -12.17 -27.19 -41.08
C TYR A 445 -13.22 -28.10 -41.70
N ASP A 446 -13.47 -29.25 -41.08
CA ASP A 446 -14.44 -30.19 -41.64
C ASP A 446 -15.85 -29.60 -41.67
N LEU A 447 -16.20 -28.82 -40.64
CA LEU A 447 -17.56 -28.28 -40.58
C LEU A 447 -17.81 -27.25 -41.69
N VAL A 448 -16.83 -26.39 -41.95
CA VAL A 448 -16.96 -25.41 -43.03
C VAL A 448 -17.19 -26.11 -44.37
N LEU A 449 -16.39 -27.13 -44.67
CA LEU A 449 -16.60 -27.89 -45.89
C LEU A 449 -17.91 -28.65 -45.85
N GLU A 450 -18.26 -29.19 -44.69
CA GLU A 450 -19.54 -29.88 -44.51
C GLU A 450 -20.72 -29.00 -44.89
N HIS A 451 -20.67 -27.73 -44.48
CA HIS A 451 -21.73 -26.78 -44.77
C HIS A 451 -21.51 -26.03 -46.08
N GLU A 452 -20.44 -26.35 -46.81
CA GLU A 452 -20.18 -25.78 -48.14
C GLU A 452 -20.12 -24.25 -48.10
N LEU A 453 -19.45 -23.71 -47.08
CA LEU A 453 -19.34 -22.26 -46.93
C LEU A 453 -18.19 -21.67 -47.73
N LEU A 454 -17.11 -22.43 -47.91
CA LEU A 454 -15.94 -21.96 -48.62
C LEU A 454 -15.33 -23.12 -49.38
N SER A 455 -14.66 -22.82 -50.49
CA SER A 455 -13.96 -23.84 -51.24
C SER A 455 -12.77 -24.36 -50.43
N LYS A 456 -12.36 -25.60 -50.72
CA LYS A 456 -11.22 -26.18 -50.02
C LYS A 456 -9.95 -25.39 -50.29
N GLU A 457 -9.76 -24.92 -51.53
CA GLU A 457 -8.57 -24.17 -51.87
C GLU A 457 -8.46 -22.89 -51.06
N LYS A 458 -9.57 -22.15 -50.93
CA LYS A 458 -9.56 -20.92 -50.15
C LYS A 458 -9.44 -21.22 -48.67
N LEU A 459 -10.16 -22.23 -48.20
CA LEU A 459 -10.10 -22.60 -46.78
C LEU A 459 -8.70 -23.03 -46.36
N ASP A 460 -8.00 -23.77 -47.22
CA ASP A 460 -6.63 -24.17 -46.92
C ASP A 460 -5.73 -22.97 -46.69
N GLU A 461 -5.97 -21.87 -47.40
CA GLU A 461 -5.18 -20.66 -47.17
C GLU A 461 -5.63 -19.93 -45.90
N ILE A 462 -6.94 -19.83 -45.69
CA ILE A 462 -7.46 -19.03 -44.58
C ILE A 462 -7.08 -19.65 -43.24
N LEU A 463 -7.20 -20.97 -43.11
CA LEU A 463 -7.00 -21.64 -41.82
C LEU A 463 -5.57 -22.14 -41.63
N ALA A 464 -4.66 -21.82 -42.53
CA ALA A 464 -3.26 -22.14 -42.28
C ALA A 464 -2.77 -21.30 -41.12
N PRO A 465 -2.29 -21.92 -40.03
CA PRO A 465 -1.81 -21.12 -38.88
C PRO A 465 -0.75 -20.09 -39.25
N GLU A 466 0.13 -20.42 -40.20
CA GLU A 466 1.15 -19.46 -40.61
C GLU A 466 0.54 -18.22 -41.26
N ASN A 467 -0.73 -18.27 -41.66
CA ASN A 467 -1.39 -17.13 -42.27
C ASN A 467 -2.20 -16.30 -41.27
N MET A 468 -2.14 -16.64 -39.99
CA MET A 468 -2.89 -15.90 -38.97
C MET A 468 -1.99 -15.10 -38.04
N LEU A 469 -0.74 -14.90 -38.42
CA LEU A 469 0.23 -14.26 -37.56
C LEU A 469 0.41 -12.77 -37.85
N ASN A 470 -0.19 -12.27 -38.93
CA ASN A 470 -0.05 -10.90 -39.39
C ASN A 470 -1.36 -10.46 -40.04
N PRO A 471 -1.58 -9.16 -40.18
CA PRO A 471 -2.67 -8.69 -41.05
C PRO A 471 -2.40 -9.10 -42.49
N HIS A 472 -3.48 -9.32 -43.25
CA HIS A 472 -3.41 -9.74 -44.64
C HIS A 472 -4.58 -9.16 -45.42
N THR A 473 -4.38 -8.99 -46.72
CA THR A 473 -5.51 -8.76 -47.60
C THR A 473 -6.33 -10.04 -47.73
N LYS A 474 -7.58 -9.88 -48.17
CA LYS A 474 -8.49 -11.02 -48.21
C LYS A 474 -8.08 -12.02 -49.29
N PHE A 475 -8.04 -13.30 -48.92
CA PHE A 475 -7.74 -14.37 -49.86
C PHE A 475 -8.87 -14.55 -50.86
N ASN B 10 39.39 -33.59 -2.32
CA ASN B 10 40.02 -33.29 -1.04
C ASN B 10 39.12 -32.40 -0.19
N ASP B 11 38.96 -31.14 -0.60
CA ASP B 11 38.13 -30.21 0.15
CA ASP B 11 38.13 -30.16 0.09
C ASP B 11 36.64 -30.36 -0.16
N TYR B 12 36.25 -31.39 -0.90
CA TYR B 12 34.87 -31.59 -1.30
C TYR B 12 34.50 -33.06 -1.21
N ARG B 13 33.20 -33.32 -1.10
CA ARG B 13 32.66 -34.64 -1.37
C ARG B 13 31.62 -34.49 -2.47
N ILE B 14 31.33 -35.59 -3.16
CA ILE B 14 30.39 -35.56 -4.28
C ILE B 14 29.09 -36.22 -3.83
N GLU B 15 28.00 -35.49 -3.96
CA GLU B 15 26.67 -36.00 -3.66
C GLU B 15 25.83 -35.94 -4.94
N SER B 16 24.66 -36.57 -4.92
CA SER B 16 23.83 -36.59 -6.11
C SER B 16 22.35 -36.49 -5.74
N ASP B 17 21.57 -35.94 -6.66
CA ASP B 17 20.13 -35.86 -6.52
C ASP B 17 19.51 -36.00 -7.90
N LEU B 18 18.21 -35.66 -8.00
CA LEU B 18 17.49 -35.73 -9.27
C LEU B 18 18.21 -35.01 -10.40
N ILE B 19 18.89 -33.89 -10.09
CA ILE B 19 19.50 -33.08 -11.14
C ILE B 19 20.83 -33.66 -11.60
N GLY B 20 21.59 -34.29 -10.70
CA GLY B 20 22.88 -34.84 -11.05
C GLY B 20 23.82 -34.81 -9.86
N GLU B 21 25.12 -34.93 -10.17
CA GLU B 21 26.15 -34.91 -9.14
C GLU B 21 26.65 -33.48 -8.92
N LEU B 22 27.07 -33.21 -7.68
CA LEU B 22 27.53 -31.88 -7.33
C LEU B 22 28.53 -31.96 -6.18
N LYS B 23 29.56 -31.11 -6.24
CA LYS B 23 30.50 -30.99 -5.13
C LYS B 23 29.88 -30.22 -3.96
N VAL B 24 30.18 -30.69 -2.76
CA VAL B 24 29.71 -30.10 -1.50
C VAL B 24 30.95 -29.97 -0.62
N PRO B 25 31.13 -28.89 0.13
CA PRO B 25 32.31 -28.79 1.00
C PRO B 25 32.39 -30.00 1.92
N VAL B 26 33.58 -30.59 2.02
CA VAL B 26 33.72 -31.92 2.61
C VAL B 26 33.21 -31.95 4.05
N ASN B 27 33.34 -30.86 4.79
CA ASN B 27 32.93 -30.83 6.19
C ASN B 27 31.56 -30.21 6.42
N ALA B 28 30.84 -29.84 5.35
CA ALA B 28 29.51 -29.27 5.52
C ALA B 28 28.53 -30.33 6.02
N TYR B 29 27.65 -29.93 6.96
CA TYR B 29 26.57 -30.83 7.34
C TYR B 29 25.41 -30.78 6.37
N TYR B 30 25.27 -29.71 5.59
CA TYR B 30 24.26 -29.71 4.55
C TYR B 30 24.76 -30.53 3.37
N GLY B 31 23.88 -30.77 2.40
CA GLY B 31 24.20 -31.63 1.27
C GLY B 31 23.93 -30.97 -0.07
N VAL B 32 23.74 -31.79 -1.10
CA VAL B 32 23.70 -31.28 -2.47
C VAL B 32 22.51 -30.33 -2.67
N GLN B 33 21.36 -30.63 -2.09
CA GLN B 33 20.20 -29.79 -2.38
C GLN B 33 20.33 -28.43 -1.72
N THR B 34 20.95 -28.37 -0.53
CA THR B 34 21.24 -27.08 0.08
C THR B 34 22.27 -26.32 -0.75
N GLN B 35 23.31 -27.01 -1.22
CA GLN B 35 24.31 -26.35 -2.05
C GLN B 35 23.67 -25.74 -3.29
N ARG B 36 22.76 -26.46 -3.94
CA ARG B 36 22.09 -25.89 -5.10
C ARG B 36 21.34 -24.62 -4.74
N ALA B 37 20.63 -24.63 -3.60
CA ALA B 37 19.89 -23.45 -3.17
C ALA B 37 20.81 -22.27 -2.88
N ILE B 38 21.97 -22.55 -2.28
CA ILE B 38 22.97 -21.50 -2.07
C ILE B 38 23.37 -20.88 -3.41
N ASP B 39 23.61 -21.73 -4.41
CA ASP B 39 24.03 -21.27 -5.73
C ASP B 39 22.88 -20.54 -6.44
N ASN B 40 21.64 -20.97 -6.21
CA ASN B 40 20.52 -20.48 -7.03
C ASN B 40 19.97 -19.15 -6.57
N PHE B 41 20.05 -18.85 -5.28
CA PHE B 41 19.34 -17.68 -4.73
C PHE B 41 20.35 -16.79 -4.02
N LYS B 42 20.90 -15.84 -4.77
CA LYS B 42 21.84 -14.86 -4.24
C LYS B 42 21.17 -13.49 -4.36
N ILE B 43 20.24 -13.23 -3.45
CA ILE B 43 19.37 -12.05 -3.54
C ILE B 43 19.75 -11.01 -2.48
N SER B 44 19.81 -11.44 -1.22
CA SER B 44 19.87 -10.56 -0.06
C SER B 44 21.04 -10.93 0.84
N ASN B 45 21.21 -10.13 1.89
CA ASN B 45 22.17 -10.41 2.95
CA ASN B 45 22.17 -10.43 2.95
C ASN B 45 21.50 -11.04 4.18
N ASP B 46 20.32 -11.63 4.01
CA ASP B 46 19.54 -12.19 5.10
C ASP B 46 19.45 -13.69 4.85
N HIS B 47 20.03 -14.50 5.75
CA HIS B 47 20.06 -15.94 5.53
C HIS B 47 19.45 -16.67 6.71
N LEU B 48 19.08 -17.94 6.50
CA LEU B 48 18.38 -18.68 7.53
C LEU B 48 19.18 -18.75 8.83
N SER B 49 20.51 -18.80 8.72
CA SER B 49 21.39 -18.85 9.88
C SER B 49 21.22 -17.64 10.79
N ASP B 50 20.63 -16.56 10.29
CA ASP B 50 20.38 -15.35 11.08
C ASP B 50 19.10 -15.43 11.89
N HIS B 51 18.36 -16.55 11.83
CA HIS B 51 17.04 -16.66 12.43
C HIS B 51 16.97 -17.90 13.32
N PRO B 52 17.52 -17.82 14.53
CA PRO B 52 17.60 -19.03 15.38
C PRO B 52 16.27 -19.64 15.74
N GLU B 53 15.20 -18.84 15.94
CA GLU B 53 13.90 -19.42 16.28
C GLU B 53 13.33 -20.23 15.12
N PHE B 54 13.63 -19.83 13.89
CA PHE B 54 13.18 -20.55 12.70
C PHE B 54 13.90 -21.90 12.58
N ILE B 55 15.22 -21.90 12.77
CA ILE B 55 15.99 -23.15 12.75
C ILE B 55 15.54 -24.08 13.89
N LYS B 56 15.38 -23.52 15.09
CA LYS B 56 14.91 -24.30 16.23
C LYS B 56 13.56 -24.95 15.93
N ALA B 57 12.65 -24.22 15.30
CA ALA B 57 11.33 -24.75 14.98
C ALA B 57 11.43 -25.93 14.02
N PHE B 58 12.31 -25.83 13.03
CA PHE B 58 12.52 -26.97 12.12
C PHE B 58 12.98 -28.20 12.90
N ALA B 59 13.86 -28.01 13.89
CA ALA B 59 14.33 -29.13 14.68
C ALA B 59 13.21 -29.73 15.54
N PHE B 60 12.34 -28.89 16.11
CA PHE B 60 11.16 -29.41 16.81
C PHE B 60 10.35 -30.30 15.90
N VAL B 61 10.06 -29.81 14.69
CA VAL B 61 9.21 -30.53 13.74
C VAL B 61 9.84 -31.88 13.38
N LYS B 62 11.14 -31.87 13.08
CA LYS B 62 11.78 -33.12 12.67
C LYS B 62 11.88 -34.11 13.84
N LYS B 63 12.11 -33.62 15.05
CA LYS B 63 12.14 -34.53 16.20
C LYS B 63 10.77 -35.15 16.44
N ALA B 64 9.71 -34.36 16.33
CA ALA B 64 8.36 -34.87 16.56
C ALA B 64 7.95 -35.87 15.48
N ALA B 65 8.28 -35.57 14.22
CA ALA B 65 7.93 -36.50 13.15
C ALA B 65 8.65 -37.83 13.33
N ALA B 66 9.95 -37.79 13.65
CA ALA B 66 10.68 -39.03 13.86
C ALA B 66 10.10 -39.82 15.04
N GLN B 67 9.82 -39.15 16.16
CA GLN B 67 9.26 -39.85 17.30
CA GLN B 67 9.25 -39.84 17.31
C GLN B 67 7.94 -40.52 16.94
N THR B 68 7.10 -39.83 16.16
CA THR B 68 5.81 -40.38 15.76
C THR B 68 6.00 -41.57 14.82
N ASN B 69 6.90 -41.43 13.84
CA ASN B 69 7.19 -42.54 12.95
C ASN B 69 7.69 -43.75 13.72
N PHE B 70 8.54 -43.53 14.72
CA PHE B 70 8.99 -44.62 15.58
C PHE B 70 7.81 -45.26 16.33
N GLU B 71 6.95 -44.44 16.93
CA GLU B 71 5.84 -44.97 17.72
C GLU B 71 4.86 -45.77 16.85
N LEU B 72 4.76 -45.44 15.56
CA LEU B 72 3.86 -46.15 14.66
C LEU B 72 4.51 -47.38 14.03
N GLY B 73 5.78 -47.65 14.36
CA GLY B 73 6.45 -48.82 13.82
C GLY B 73 7.10 -48.60 12.47
N LEU B 74 7.21 -47.36 12.01
CA LEU B 74 7.70 -47.04 10.67
C LEU B 74 9.18 -46.67 10.62
N LEU B 75 9.81 -46.42 11.77
CA LEU B 75 11.18 -45.91 11.82
C LEU B 75 11.96 -46.68 12.87
N ASP B 76 13.16 -47.13 12.50
CA ASP B 76 14.04 -47.88 13.39
C ASP B 76 14.34 -47.09 14.66
N GLU B 77 14.42 -47.81 15.79
CA GLU B 77 14.67 -47.16 17.08
C GLU B 77 15.99 -46.40 17.09
N ILE B 78 17.04 -46.97 16.50
CA ILE B 78 18.35 -46.32 16.55
C ILE B 78 18.37 -45.05 15.71
N ILE B 79 17.75 -45.10 14.52
CA ILE B 79 17.69 -43.90 13.69
C ILE B 79 16.87 -42.81 14.39
N ASN B 80 15.76 -43.17 15.01
CA ASN B 80 14.98 -42.20 15.77
C ASN B 80 15.81 -41.56 16.88
N LYS B 81 16.52 -42.39 17.65
CA LYS B 81 17.34 -41.89 18.73
C LYS B 81 18.37 -40.86 18.23
N ASN B 82 19.01 -41.15 17.10
CA ASN B 82 20.06 -40.25 16.63
C ASN B 82 19.51 -39.01 15.94
N ILE B 83 18.39 -39.12 15.23
CA ILE B 83 17.70 -37.93 14.77
C ILE B 83 17.35 -37.03 15.95
N ALA B 84 16.83 -37.64 17.02
CA ALA B 84 16.44 -36.85 18.19
C ALA B 84 17.65 -36.13 18.79
N THR B 85 18.77 -36.83 18.92
CA THR B 85 19.98 -36.21 19.46
C THR B 85 20.43 -35.05 18.57
N ALA B 86 20.43 -35.26 17.26
CA ALA B 86 20.81 -34.17 16.35
C ALA B 86 19.87 -32.98 16.49
N CYS B 87 18.56 -33.23 16.57
CA CYS B 87 17.60 -32.15 16.76
C CYS B 87 17.84 -31.42 18.07
N ASP B 88 18.10 -32.18 19.16
CA ASP B 88 18.36 -31.56 20.45
C ASP B 88 19.55 -30.59 20.38
N GLU B 89 20.60 -30.98 19.64
CA GLU B 89 21.76 -30.10 19.49
C GLU B 89 21.38 -28.81 18.78
N ILE B 90 20.57 -28.90 17.72
CA ILE B 90 20.15 -27.72 16.99
C ILE B 90 19.25 -26.84 17.86
N ILE B 91 18.34 -27.46 18.61
CA ILE B 91 17.49 -26.72 19.54
C ILE B 91 18.34 -25.96 20.56
N ALA B 92 19.42 -26.58 21.02
CA ALA B 92 20.35 -25.98 21.97
C ALA B 92 21.22 -24.90 21.35
N GLY B 93 21.14 -24.67 20.05
CA GLY B 93 21.86 -23.58 19.40
C GLY B 93 23.04 -24.00 18.54
N LYS B 94 23.29 -25.29 18.38
CA LYS B 94 24.44 -25.77 17.63
C LYS B 94 24.11 -25.89 16.14
N MET B 95 25.15 -25.75 15.32
CA MET B 95 25.11 -26.03 13.88
C MET B 95 24.22 -25.07 13.11
N HIS B 96 23.95 -23.87 13.63
CA HIS B 96 23.12 -22.95 12.88
C HIS B 96 23.83 -22.39 11.65
N LYS B 97 25.17 -22.40 11.64
CA LYS B 97 25.89 -21.97 10.44
C LYS B 97 25.71 -22.94 9.28
N GLU B 98 25.18 -24.13 9.53
CA GLU B 98 24.92 -25.10 8.49
C GLU B 98 23.64 -24.83 7.72
N PHE B 99 22.99 -23.68 7.96
CA PHE B 99 21.72 -23.33 7.33
C PHE B 99 21.90 -22.02 6.57
N PRO B 100 22.57 -22.04 5.42
CA PRO B 100 23.07 -20.80 4.80
C PRO B 100 22.24 -20.23 3.66
N THR B 101 21.05 -20.76 3.37
CA THR B 101 20.31 -20.27 2.22
C THR B 101 19.67 -18.90 2.47
N ASP B 102 19.41 -18.20 1.37
CA ASP B 102 18.80 -16.88 1.39
C ASP B 102 17.37 -16.95 1.91
N MET B 103 17.01 -16.00 2.79
CA MET B 103 15.62 -15.91 3.22
C MET B 103 14.67 -15.60 2.06
N ILE B 104 15.17 -14.99 0.99
CA ILE B 104 14.37 -14.80 -0.22
C ILE B 104 14.84 -15.85 -1.21
N GLN B 105 14.03 -16.90 -1.37
CA GLN B 105 14.42 -18.05 -2.18
C GLN B 105 13.21 -18.61 -2.91
N GLY B 106 13.46 -19.19 -4.09
CA GLY B 106 12.44 -19.95 -4.79
C GLY B 106 12.35 -21.36 -4.26
N GLY B 107 11.34 -22.10 -4.73
CA GLY B 107 11.10 -23.46 -4.28
C GLY B 107 10.13 -23.61 -3.13
N ALA B 108 9.54 -22.51 -2.65
CA ALA B 108 8.41 -22.51 -1.72
C ALA B 108 8.76 -23.06 -0.35
N GLY B 109 10.05 -23.11 0.00
CA GLY B 109 10.47 -23.67 1.28
C GLY B 109 11.17 -25.00 1.18
N THR B 110 11.10 -25.67 0.02
CA THR B 110 11.73 -26.97 -0.14
C THR B 110 13.21 -26.92 0.22
N SER B 111 13.89 -25.82 -0.13
CA SER B 111 15.32 -25.72 0.14
C SER B 111 15.60 -25.62 1.62
N MET B 112 14.69 -25.04 2.41
CA MET B 112 14.89 -25.02 3.85
C MET B 112 14.56 -26.38 4.46
N ASN B 113 13.47 -27.02 4.02
CA ASN B 113 13.16 -28.36 4.50
C ASN B 113 14.28 -29.35 4.20
N MET B 114 14.80 -29.31 2.96
CA MET B 114 15.87 -30.24 2.61
C MET B 114 17.17 -29.91 3.34
N ASN B 115 17.41 -28.62 3.63
CA ASN B 115 18.55 -28.24 4.47
C ASN B 115 18.46 -28.89 5.85
N ALA B 116 17.26 -28.87 6.45
CA ALA B 116 17.08 -29.55 7.73
C ALA B 116 17.27 -31.06 7.58
N ASN B 117 16.71 -31.64 6.52
CA ASN B 117 16.82 -33.08 6.33
C ASN B 117 18.28 -33.50 6.16
N GLU B 118 19.06 -32.71 5.41
CA GLU B 118 20.44 -33.08 5.13
C GLU B 118 21.32 -32.91 6.36
N VAL B 119 21.16 -31.80 7.09
CA VAL B 119 21.98 -31.56 8.28
C VAL B 119 21.71 -32.61 9.34
N ILE B 120 20.42 -32.87 9.62
CA ILE B 120 20.07 -33.87 10.63
C ILE B 120 20.53 -35.26 10.22
N ALA B 121 20.38 -35.62 8.94
CA ALA B 121 20.85 -36.92 8.47
C ALA B 121 22.35 -37.06 8.67
N ASN B 122 23.12 -36.04 8.29
CA ASN B 122 24.57 -36.16 8.41
C ASN B 122 25.03 -36.18 9.86
N ARG B 123 24.38 -35.42 10.75
CA ARG B 123 24.74 -35.51 12.15
C ARG B 123 24.36 -36.87 12.74
N ALA B 124 23.19 -37.39 12.35
CA ALA B 124 22.81 -38.73 12.79
C ALA B 124 23.80 -39.77 12.29
N LEU B 125 24.31 -39.60 11.06
CA LEU B 125 25.30 -40.54 10.54
C LEU B 125 26.56 -40.54 11.39
N GLU B 126 27.04 -39.36 11.79
CA GLU B 126 28.21 -39.30 12.66
C GLU B 126 27.96 -40.03 13.98
N LEU B 127 26.79 -39.79 14.58
CA LEU B 127 26.45 -40.48 15.83
C LEU B 127 26.38 -41.99 15.64
N MET B 128 26.15 -42.46 14.42
CA MET B 128 26.15 -43.88 14.10
C MET B 128 27.52 -44.39 13.66
N GLY B 129 28.55 -43.56 13.74
CA GLY B 129 29.88 -43.98 13.34
C GLY B 129 30.13 -43.99 11.85
N HIS B 130 29.29 -43.32 11.05
CA HIS B 130 29.45 -43.24 9.62
C HIS B 130 29.99 -41.87 9.24
N GLN B 131 30.28 -41.68 7.96
CA GLN B 131 30.78 -40.43 7.43
C GLN B 131 29.65 -39.61 6.81
N LYS B 132 29.86 -38.30 6.76
CA LYS B 132 28.90 -37.43 6.09
C LYS B 132 28.70 -37.89 4.65
N GLY B 133 27.44 -37.82 4.19
CA GLY B 133 27.09 -38.23 2.85
C GLY B 133 26.82 -39.70 2.67
N GLU B 134 27.08 -40.54 3.68
CA GLU B 134 26.78 -41.97 3.59
C GLU B 134 25.30 -42.22 3.90
N TYR B 135 24.46 -41.60 3.05
CA TYR B 135 23.02 -41.57 3.25
C TYR B 135 22.37 -42.95 3.20
N GLN B 136 23.09 -43.99 2.76
CA GLN B 136 22.52 -45.32 2.80
C GLN B 136 22.21 -45.78 4.22
N PHE B 137 22.82 -45.14 5.24
CA PHE B 137 22.54 -45.50 6.62
C PHE B 137 21.58 -44.53 7.30
N CYS B 138 21.27 -43.39 6.68
CA CYS B 138 20.27 -42.47 7.19
C CYS B 138 19.91 -41.52 6.05
N SER B 139 18.73 -41.68 5.51
CA SER B 139 18.34 -40.97 4.29
C SER B 139 17.66 -39.65 4.62
N PRO B 140 18.11 -38.53 4.03
CA PRO B 140 17.35 -37.28 4.17
C PRO B 140 15.90 -37.42 3.76
N ASN B 141 15.60 -38.16 2.69
CA ASN B 141 14.23 -38.29 2.23
C ASN B 141 13.49 -39.44 2.93
N ASP B 142 14.12 -40.62 3.05
CA ASP B 142 13.41 -41.79 3.52
C ASP B 142 13.35 -41.88 5.05
N HIS B 143 14.24 -41.21 5.76
CA HIS B 143 14.23 -41.26 7.22
C HIS B 143 13.92 -39.90 7.83
N VAL B 144 14.73 -38.88 7.56
CA VAL B 144 14.51 -37.60 8.25
C VAL B 144 13.22 -36.96 7.77
N ASN B 145 12.85 -37.17 6.50
CA ASN B 145 11.61 -36.61 5.95
C ASN B 145 10.47 -37.61 5.91
N LEU B 146 10.61 -38.76 6.58
CA LEU B 146 9.61 -39.83 6.52
C LEU B 146 8.23 -39.32 6.93
N SER B 147 7.23 -39.61 6.10
CA SER B 147 5.83 -39.25 6.31
C SER B 147 5.57 -37.76 6.18
N GLN B 148 6.51 -37.00 5.63
CA GLN B 148 6.42 -35.55 5.57
C GLN B 148 6.54 -35.02 4.14
N SER B 149 6.13 -33.76 4.00
CA SER B 149 6.45 -32.93 2.85
C SER B 149 7.06 -31.64 3.39
N THR B 150 7.74 -30.91 2.52
CA THR B 150 7.95 -29.49 2.79
C THR B 150 6.62 -28.82 3.14
N ASN B 151 5.53 -29.26 2.50
CA ASN B 151 4.30 -28.49 2.57
C ASN B 151 3.54 -28.70 3.86
N ASP B 152 4.02 -29.57 4.76
CA ASP B 152 3.62 -29.46 6.17
C ASP B 152 4.78 -29.11 7.09
N ALA B 153 5.97 -29.70 6.91
CA ALA B 153 7.08 -29.40 7.82
C ALA B 153 7.45 -27.92 7.81
N TYR B 154 7.52 -27.32 6.61
CA TYR B 154 7.98 -25.93 6.49
C TYR B 154 6.98 -24.93 7.07
N PRO B 155 5.69 -24.93 6.70
CA PRO B 155 4.77 -23.97 7.35
C PRO B 155 4.62 -24.21 8.84
N THR B 156 4.73 -25.46 9.29
CA THR B 156 4.67 -25.71 10.73
C THR B 156 5.85 -25.07 11.44
N ALA B 157 7.03 -25.13 10.83
CA ALA B 157 8.20 -24.45 11.40
C ALA B 157 8.03 -22.94 11.38
N ILE B 158 7.52 -22.37 10.28
CA ILE B 158 7.25 -20.93 10.25
C ILE B 158 6.33 -20.54 11.40
N ARG B 159 5.25 -21.30 11.59
CA ARG B 159 4.22 -20.89 12.53
CA ARG B 159 4.22 -20.91 12.54
C ARG B 159 4.72 -20.98 13.97
N ILE B 160 5.47 -22.03 14.31
CA ILE B 160 6.04 -22.11 15.64
C ILE B 160 7.06 -21.00 15.85
N ALA B 161 7.88 -20.72 14.83
CA ALA B 161 8.87 -19.64 14.96
C ALA B 161 8.19 -18.29 15.18
N LEU B 162 7.15 -17.99 14.40
CA LEU B 162 6.49 -16.69 14.54
C LEU B 162 5.72 -16.60 15.86
N TYR B 163 5.13 -17.72 16.30
CA TYR B 163 4.48 -17.74 17.60
C TYR B 163 5.48 -17.41 18.71
N ASN B 164 6.68 -17.99 18.64
CA ASN B 164 7.69 -17.71 19.64
C ASN B 164 8.27 -16.30 19.50
N LEU B 165 8.49 -15.84 18.26
CA LEU B 165 8.98 -14.47 18.11
C LEU B 165 7.94 -13.45 18.59
N ASN B 166 6.65 -13.74 18.43
CA ASN B 166 5.65 -12.82 18.95
C ASN B 166 5.81 -12.63 20.45
N LYS B 167 6.16 -13.70 21.19
CA LYS B 167 6.36 -13.54 22.63
C LYS B 167 7.41 -12.49 22.92
N THR B 168 8.51 -12.47 22.15
CA THR B 168 9.56 -11.47 22.36
C THR B 168 9.08 -10.07 21.97
N LEU B 169 8.26 -9.97 20.92
CA LEU B 169 7.74 -8.66 20.52
C LEU B 169 6.87 -8.07 21.63
N VAL B 170 5.98 -8.88 22.20
CA VAL B 170 5.08 -8.42 23.26
CA VAL B 170 5.10 -8.34 23.22
C VAL B 170 5.87 -8.06 24.52
N GLU B 171 6.94 -8.81 24.79
CA GLU B 171 7.80 -8.51 25.94
C GLU B 171 8.41 -7.11 25.82
N ARG B 172 8.94 -6.78 24.64
CA ARG B 172 9.54 -5.46 24.48
C ARG B 172 8.49 -4.35 24.47
N LEU B 173 7.32 -4.64 23.89
CA LEU B 173 6.21 -3.71 23.97
C LEU B 173 5.81 -3.44 25.42
N GLU B 174 5.73 -4.49 26.25
CA GLU B 174 5.34 -4.29 27.64
CA GLU B 174 5.32 -4.27 27.64
C GLU B 174 6.33 -3.41 28.39
N LEU B 175 7.62 -3.57 28.11
CA LEU B 175 8.61 -2.69 28.73
C LEU B 175 8.39 -1.24 28.32
N LEU B 176 8.07 -1.01 27.05
CA LEU B 176 7.79 0.35 26.61
C LEU B 176 6.52 0.90 27.26
N ILE B 177 5.48 0.06 27.38
CA ILE B 177 4.25 0.49 28.04
C ILE B 177 4.54 0.94 29.46
N GLN B 178 5.34 0.15 30.20
CA GLN B 178 5.65 0.51 31.58
CA GLN B 178 5.65 0.51 31.57
C GLN B 178 6.45 1.80 31.65
N SER B 179 7.31 2.06 30.65
CA SER B 179 8.04 3.33 30.61
CA SER B 179 8.04 3.33 30.66
C SER B 179 7.10 4.51 30.48
N PHE B 180 6.06 4.37 29.65
CA PHE B 180 5.05 5.43 29.55
C PHE B 180 4.28 5.59 30.84
N ARG B 181 3.94 4.49 31.54
CA ARG B 181 3.20 4.60 32.79
C ARG B 181 4.02 5.33 33.85
N LYS B 182 5.31 5.00 33.95
CA LYS B 182 6.16 5.68 34.93
C LYS B 182 6.28 7.15 34.61
N LYS B 183 6.43 7.48 33.33
CA LYS B 183 6.56 8.89 32.94
C LYS B 183 5.25 9.62 33.17
N ALA B 184 4.11 8.96 32.95
CA ALA B 184 2.83 9.57 33.25
C ALA B 184 2.75 9.95 34.73
N ASP B 185 3.24 9.08 35.62
CA ASP B 185 3.25 9.41 37.04
C ASP B 185 4.16 10.61 37.33
N ASP B 186 5.36 10.64 36.72
CA ASP B 186 6.26 11.79 36.87
C ASP B 186 5.56 13.09 36.49
N LEU B 187 4.75 13.07 35.44
CA LEU B 187 4.15 14.26 34.87
C LEU B 187 2.69 14.45 35.27
N LYS B 188 2.24 13.76 36.33
CA LYS B 188 0.81 13.75 36.65
C LYS B 188 0.25 15.11 37.02
N ASP B 189 1.09 16.03 37.51
CA ASP B 189 0.61 17.34 37.95
C ASP B 189 0.81 18.43 36.91
N VAL B 190 1.18 18.06 35.69
CA VAL B 190 1.41 19.04 34.62
C VAL B 190 0.09 19.23 33.88
N ILE B 191 -0.60 20.33 34.19
CA ILE B 191 -1.82 20.69 33.47
C ILE B 191 -1.44 21.42 32.19
N LYS B 192 -2.11 21.08 31.09
CA LYS B 192 -1.77 21.54 29.75
C LYS B 192 -3.04 21.62 28.92
N MET B 193 -2.92 22.19 27.73
CA MET B 193 -4.07 22.33 26.83
C MET B 193 -4.17 21.12 25.90
N GLY B 194 -5.30 20.43 25.96
CA GLY B 194 -5.64 19.52 24.88
C GLY B 194 -5.85 20.28 23.59
N ARG B 195 -5.64 19.57 22.47
CA ARG B 195 -5.83 20.14 21.13
C ARG B 195 -6.55 19.10 20.27
N THR B 196 -7.59 19.54 19.57
CA THR B 196 -8.20 18.71 18.54
C THR B 196 -8.18 19.51 17.25
N GLN B 197 -7.86 18.83 16.15
CA GLN B 197 -7.71 19.48 14.85
C GLN B 197 -6.62 20.55 14.89
N LEU B 198 -5.69 20.39 15.84
CA LEU B 198 -4.59 21.30 16.16
C LEU B 198 -5.07 22.65 16.68
N GLN B 199 -6.36 22.80 16.96
CA GLN B 199 -6.89 23.99 17.61
C GLN B 199 -7.00 23.75 19.12
N ASP B 200 -6.84 24.83 19.89
CA ASP B 200 -7.03 24.75 21.34
C ASP B 200 -8.36 24.08 21.68
N ALA B 201 -8.32 23.10 22.59
CA ALA B 201 -9.53 22.35 22.95
C ALA B 201 -9.89 22.66 24.40
N VAL B 202 -9.66 21.75 25.34
CA VAL B 202 -9.96 21.95 26.76
C VAL B 202 -8.77 21.41 27.55
N PRO B 203 -8.67 21.66 28.86
CA PRO B 203 -7.49 21.22 29.61
C PRO B 203 -7.40 19.72 29.79
N MET B 204 -6.17 19.25 30.05
CA MET B 204 -5.90 17.88 30.45
C MET B 204 -4.60 17.89 31.25
N THR B 205 -4.20 16.73 31.74
CA THR B 205 -2.86 16.62 32.33
C THR B 205 -1.98 15.75 31.45
N MET B 206 -0.67 15.94 31.61
CA MET B 206 0.26 15.04 30.92
C MET B 206 0.20 13.63 31.50
N GLY B 207 -0.20 13.50 32.76
CA GLY B 207 -0.50 12.18 33.28
C GLY B 207 -1.57 11.48 32.45
N GLN B 208 -2.66 12.20 32.15
CA GLN B 208 -3.70 11.63 31.30
C GLN B 208 -3.16 11.30 29.92
N GLU B 209 -2.37 12.22 29.34
CA GLU B 209 -1.90 12.03 27.97
C GLU B 209 -0.91 10.87 27.88
N PHE B 210 0.02 10.76 28.83
CA PHE B 210 1.01 9.68 28.78
C PHE B 210 0.43 8.35 29.23
N ASN B 211 -0.52 8.33 30.17
CA ASN B 211 -1.20 7.08 30.45
C ASN B 211 -2.02 6.63 29.24
N ALA B 212 -2.50 7.58 28.46
CA ALA B 212 -3.24 7.21 27.25
C ALA B 212 -2.30 6.58 26.21
N PHE B 213 -1.06 7.07 26.11
CA PHE B 213 -0.06 6.38 25.31
C PHE B 213 0.13 4.95 25.79
N ALA B 214 0.33 4.77 27.10
CA ALA B 214 0.50 3.43 27.65
C ALA B 214 -0.72 2.56 27.37
N ASN B 215 -1.92 3.11 27.55
CA ASN B 215 -3.14 2.31 27.47
C ASN B 215 -3.48 1.93 26.03
N THR B 216 -3.23 2.81 25.06
CA THR B 216 -3.50 2.40 23.68
C THR B 216 -2.51 1.35 23.22
N LEU B 217 -1.26 1.41 23.68
CA LEU B 217 -0.31 0.37 23.34
C LEU B 217 -0.60 -0.93 24.07
N GLN B 218 -1.12 -0.85 25.31
CA GLN B 218 -1.52 -2.06 26.02
C GLN B 218 -2.58 -2.84 25.26
N GLU B 219 -3.48 -2.14 24.57
CA GLU B 219 -4.49 -2.84 23.77
C GLU B 219 -3.87 -3.69 22.68
N GLU B 220 -2.63 -3.40 22.27
CA GLU B 220 -2.00 -4.15 21.20
C GLU B 220 -1.51 -5.52 21.67
N ILE B 221 -1.32 -5.69 22.97
CA ILE B 221 -0.88 -6.98 23.50
CA ILE B 221 -0.88 -6.98 23.50
C ILE B 221 -1.89 -8.05 23.13
N ALA B 222 -3.17 -7.83 23.42
CA ALA B 222 -4.18 -8.83 23.09
C ALA B 222 -4.34 -9.01 21.59
N ARG B 223 -4.18 -7.95 20.79
CA ARG B 223 -4.27 -8.10 19.34
CA ARG B 223 -4.28 -8.12 19.35
C ARG B 223 -3.14 -8.97 18.82
N LEU B 224 -1.91 -8.69 19.25
CA LEU B 224 -0.78 -9.48 18.78
C LEU B 224 -0.90 -10.92 19.24
N ASN B 225 -1.28 -11.13 20.50
CA ASN B 225 -1.35 -12.49 21.03
C ASN B 225 -2.49 -13.29 20.40
N THR B 226 -3.68 -12.69 20.24
CA THR B 226 -4.77 -13.47 19.67
CA THR B 226 -4.80 -13.41 19.65
C THR B 226 -4.50 -13.82 18.21
N ASN B 227 -3.84 -12.93 17.46
CA ASN B 227 -3.54 -13.26 16.08
C ASN B 227 -2.37 -14.23 15.97
N ALA B 228 -1.38 -14.14 16.86
CA ALA B 228 -0.32 -15.14 16.89
C ALA B 228 -0.83 -16.51 17.29
N ASP B 229 -1.90 -16.57 18.09
CA ASP B 229 -2.50 -17.86 18.45
C ASP B 229 -3.00 -18.61 17.23
N LEU B 230 -3.32 -17.88 16.15
CA LEU B 230 -3.78 -18.53 14.93
C LEU B 230 -2.70 -19.41 14.33
N PHE B 231 -1.42 -19.12 14.60
CA PHE B 231 -0.33 -19.94 14.10
C PHE B 231 -0.33 -21.33 14.71
N LEU B 232 -0.98 -21.51 15.86
CA LEU B 232 -0.97 -22.80 16.53
C LEU B 232 -1.75 -23.86 15.76
N GLU B 233 -2.61 -23.46 14.83
CA GLU B 233 -3.29 -24.41 13.94
CA GLU B 233 -3.29 -24.42 13.96
C GLU B 233 -2.31 -24.83 12.86
N THR B 234 -1.92 -26.11 12.87
CA THR B 234 -0.85 -26.61 12.02
C THR B 234 -1.33 -27.83 11.23
N ASN B 235 -0.54 -28.25 10.24
CA ASN B 235 -1.03 -29.21 9.26
C ASN B 235 -0.14 -30.44 9.12
N MET B 236 0.57 -30.83 10.17
CA MET B 236 1.38 -32.05 10.08
C MET B 236 0.50 -33.26 9.73
N GLY B 237 0.93 -34.01 8.73
CA GLY B 237 0.13 -35.08 8.18
C GLY B 237 -0.51 -34.74 6.85
N ALA B 238 -0.49 -33.45 6.44
CA ALA B 238 -0.99 -33.08 5.13
C ALA B 238 -0.19 -33.72 4.00
N THR B 239 1.09 -34.00 4.24
CA THR B 239 2.09 -34.31 3.23
C THR B 239 1.94 -33.36 2.04
N ALA B 240 1.88 -33.86 0.80
CA ALA B 240 2.13 -33.01 -0.37
C ALA B 240 1.09 -31.90 -0.53
N ILE B 241 -0.20 -32.23 -0.45
CA ILE B 241 -1.26 -31.28 -0.75
C ILE B 241 -2.37 -31.25 0.27
N GLY B 242 -2.31 -32.08 1.32
CA GLY B 242 -3.37 -32.15 2.31
C GLY B 242 -4.12 -33.47 2.32
N THR B 243 -3.90 -34.34 1.33
CA THR B 243 -4.57 -35.64 1.31
C THR B 243 -3.97 -36.65 2.29
N GLY B 244 -2.78 -36.38 2.79
CA GLY B 244 -2.14 -37.35 3.68
C GLY B 244 -1.54 -38.54 2.97
N LEU B 245 -1.38 -38.49 1.66
CA LEU B 245 -0.74 -39.57 0.92
C LEU B 245 0.61 -39.91 1.54
N ASN B 246 0.81 -41.20 1.81
CA ASN B 246 2.01 -41.81 2.40
C ASN B 246 2.08 -41.65 3.92
N ALA B 247 1.13 -40.97 4.56
CA ALA B 247 1.10 -40.94 6.02
C ALA B 247 0.21 -42.05 6.57
N HIS B 248 0.56 -42.53 7.76
CA HIS B 248 -0.27 -43.48 8.49
C HIS B 248 -1.54 -42.77 8.98
N PRO B 249 -2.69 -43.47 9.02
CA PRO B 249 -3.93 -42.80 9.44
C PRO B 249 -3.86 -42.16 10.82
N ASP B 250 -3.04 -42.67 11.74
CA ASP B 250 -2.93 -42.10 13.08
C ASP B 250 -1.83 -41.06 13.20
N TYR B 251 -1.09 -40.80 12.12
CA TYR B 251 0.10 -39.96 12.23
C TYR B 251 -0.23 -38.49 12.51
N ALA B 252 -1.24 -37.92 11.82
CA ALA B 252 -1.47 -36.48 11.94
C ALA B 252 -1.77 -36.08 13.38
N VAL B 253 -2.63 -36.83 14.06
CA VAL B 253 -2.98 -36.50 15.43
C VAL B 253 -1.80 -36.75 16.36
N LYS B 254 -1.14 -37.91 16.21
CA LYS B 254 -0.05 -38.26 17.11
CA LYS B 254 -0.05 -38.26 17.11
C LYS B 254 1.14 -37.33 16.93
N CYS B 255 1.46 -36.97 15.68
CA CYS B 255 2.59 -36.07 15.45
C CYS B 255 2.31 -34.68 16.02
N THR B 256 1.09 -34.18 15.85
CA THR B 256 0.74 -32.88 16.41
C THR B 256 0.86 -32.90 17.94
N GLU B 257 0.36 -33.96 18.58
CA GLU B 257 0.50 -34.07 20.03
C GLU B 257 1.95 -34.14 20.45
N ASN B 258 2.77 -34.92 19.71
CA ASN B 258 4.18 -34.99 20.06
C ASN B 258 4.87 -33.66 19.84
N LEU B 259 4.48 -32.93 18.79
CA LEU B 259 5.08 -31.63 18.53
C LEU B 259 4.72 -30.62 19.62
N ALA B 260 3.49 -30.67 20.14
CA ALA B 260 3.13 -29.79 21.23
C ALA B 260 4.00 -30.04 22.45
N LYS B 261 4.25 -31.32 22.77
CA LYS B 261 5.06 -31.65 23.93
C LYS B 261 6.51 -31.24 23.72
N ILE B 262 7.06 -31.48 22.54
CA ILE B 262 8.46 -31.19 22.26
C ILE B 262 8.71 -29.70 22.19
N SER B 263 7.86 -28.97 21.47
CA SER B 263 8.06 -27.53 21.28
C SER B 263 7.64 -26.72 22.50
N GLY B 264 6.71 -27.24 23.29
CA GLY B 264 6.12 -26.43 24.35
C GLY B 264 5.12 -25.41 23.88
N ALA B 265 4.80 -25.40 22.59
CA ALA B 265 3.70 -24.60 22.05
C ALA B 265 2.48 -25.49 21.87
N ASP B 266 1.30 -24.95 22.19
CA ASP B 266 0.07 -25.75 22.18
C ASP B 266 -0.49 -25.82 20.77
N VAL B 267 0.28 -26.46 19.88
CA VAL B 267 -0.18 -26.64 18.51
C VAL B 267 -1.34 -27.63 18.47
N VAL B 268 -2.25 -27.41 17.53
CA VAL B 268 -3.40 -28.25 17.30
C VAL B 268 -3.50 -28.53 15.81
N LEU B 269 -4.21 -29.61 15.46
CA LEU B 269 -4.30 -30.05 14.08
C LEU B 269 -5.46 -29.37 13.35
N ALA B 270 -5.15 -28.75 12.21
CA ALA B 270 -6.21 -28.17 11.37
C ALA B 270 -7.24 -29.23 11.03
N SER B 271 -8.51 -28.84 11.02
CA SER B 271 -9.57 -29.82 10.78
C SER B 271 -9.68 -30.24 9.32
N ASP B 272 -9.13 -29.45 8.39
CA ASP B 272 -9.14 -29.78 6.96
C ASP B 272 -7.73 -29.51 6.44
N LEU B 273 -6.94 -30.57 6.22
CA LEU B 273 -5.56 -30.41 5.80
C LEU B 273 -5.45 -29.95 4.35
N VAL B 274 -6.47 -30.24 3.53
CA VAL B 274 -6.47 -29.71 2.17
C VAL B 274 -6.66 -28.19 2.20
N GLU B 275 -7.56 -27.72 3.06
CA GLU B 275 -7.72 -26.29 3.30
C GLU B 275 -6.42 -25.67 3.81
N ALA B 276 -5.76 -26.35 4.76
CA ALA B 276 -4.66 -25.71 5.47
C ALA B 276 -3.42 -25.56 4.60
N THR B 277 -3.23 -26.42 3.63
CA THR B 277 -1.93 -26.46 2.96
C THR B 277 -1.67 -25.21 2.12
N PRO B 278 -2.62 -24.65 1.37
CA PRO B 278 -2.37 -23.36 0.71
C PRO B 278 -2.74 -22.13 1.51
N ASP B 279 -3.04 -22.26 2.81
CA ASP B 279 -3.66 -21.19 3.59
C ASP B 279 -2.60 -20.25 4.17
N THR B 280 -2.61 -18.99 3.74
CA THR B 280 -1.70 -17.98 4.29
C THR B 280 -2.42 -16.93 5.12
N GLY B 281 -3.69 -17.16 5.49
CA GLY B 281 -4.47 -16.12 6.17
C GLY B 281 -3.92 -15.71 7.53
N ALA B 282 -3.35 -16.66 8.28
CA ALA B 282 -2.84 -16.30 9.60
C ALA B 282 -1.70 -15.30 9.51
N TYR B 283 -0.82 -15.47 8.51
CA TYR B 283 0.28 -14.52 8.32
C TYR B 283 -0.24 -13.14 7.96
N VAL B 284 -1.29 -13.08 7.13
CA VAL B 284 -1.83 -11.80 6.70
C VAL B 284 -2.38 -11.04 7.90
N ILE B 285 -3.18 -11.70 8.73
CA ILE B 285 -3.82 -10.94 9.81
C ILE B 285 -2.82 -10.67 10.95
N TYR B 286 -1.83 -11.55 11.17
CA TYR B 286 -0.80 -11.23 12.16
C TYR B 286 0.03 -10.04 11.71
N SER B 287 0.46 -10.03 10.44
CA SER B 287 1.18 -8.88 9.91
C SER B 287 0.35 -7.61 10.06
N SER B 288 -0.97 -7.71 9.83
CA SER B 288 -1.86 -6.56 9.99
C SER B 288 -1.89 -6.07 11.43
N ALA B 289 -1.85 -7.00 12.40
CA ALA B 289 -1.79 -6.60 13.80
C ALA B 289 -0.49 -5.86 14.11
N MET B 290 0.64 -6.30 13.54
CA MET B 290 1.86 -5.53 13.69
C MET B 290 1.72 -4.16 13.05
N LYS B 291 1.07 -4.10 11.87
CA LYS B 291 0.87 -2.83 11.19
C LYS B 291 0.03 -1.88 12.06
N ARG B 292 -1.05 -2.39 12.65
CA ARG B 292 -1.87 -1.57 13.54
C ARG B 292 -1.05 -1.01 14.69
N MET B 293 -0.21 -1.85 15.31
CA MET B 293 0.60 -1.36 16.41
CA MET B 293 0.60 -1.36 16.41
C MET B 293 1.61 -0.33 15.92
N ALA B 294 2.19 -0.55 14.74
CA ALA B 294 3.14 0.40 14.17
C ALA B 294 2.48 1.74 13.85
N VAL B 295 1.22 1.72 13.40
CA VAL B 295 0.49 2.97 13.15
C VAL B 295 0.30 3.74 14.46
N LYS B 296 -0.05 3.04 15.54
CA LYS B 296 -0.20 3.69 16.85
C LYS B 296 1.13 4.25 17.33
N LEU B 297 2.19 3.45 17.23
CA LEU B 297 3.50 3.92 17.66
CA LEU B 297 3.51 3.90 17.64
C LEU B 297 3.94 5.15 16.87
N SER B 298 3.70 5.15 15.57
CA SER B 298 4.07 6.29 14.74
C SER B 298 3.28 7.54 15.14
N LYS B 299 1.98 7.40 15.41
CA LYS B 299 1.19 8.54 15.84
C LYS B 299 1.73 9.11 17.15
N ILE B 300 2.07 8.23 18.11
CA ILE B 300 2.63 8.69 19.38
C ILE B 300 3.93 9.44 19.15
N CYS B 301 4.79 8.91 18.28
CA CYS B 301 6.05 9.61 18.00
C CYS B 301 5.81 10.94 17.30
N ASN B 302 4.82 11.02 16.39
CA ASN B 302 4.45 12.30 15.79
C ASN B 302 4.03 13.29 16.86
N ASP B 303 3.22 12.83 17.83
CA ASP B 303 2.82 13.70 18.94
C ASP B 303 4.04 14.22 19.70
N LEU B 304 4.99 13.32 20.01
CA LEU B 304 6.14 13.74 20.80
C LEU B 304 6.97 14.78 20.07
N ARG B 305 7.16 14.60 18.75
CA ARG B 305 7.93 15.58 18.00
C ARG B 305 7.23 16.93 17.97
N LEU B 306 5.89 16.92 17.89
CA LEU B 306 5.12 18.16 17.91
C LEU B 306 5.17 18.85 19.27
N LEU B 307 4.95 18.10 20.37
CA LEU B 307 4.95 18.73 21.69
C LEU B 307 6.34 19.21 22.09
N ALA B 308 7.38 18.65 21.51
CA ALA B 308 8.76 19.05 21.78
C ALA B 308 9.22 20.20 20.90
N SER B 309 8.39 20.65 19.95
CA SER B 309 8.79 21.74 19.06
C SER B 309 9.16 22.98 19.85
N GLY B 310 10.12 23.73 19.31
CA GLY B 310 10.67 24.88 20.01
C GLY B 310 12.12 25.11 19.64
N PRO B 311 12.87 25.82 20.49
CA PRO B 311 12.52 26.27 21.85
C PRO B 311 11.75 27.58 21.95
N ARG B 312 11.77 28.41 20.90
CA ARG B 312 11.16 29.74 20.97
C ARG B 312 10.03 29.98 19.99
N ALA B 313 9.89 29.13 18.95
CA ALA B 313 8.83 29.31 17.96
C ALA B 313 7.95 28.07 17.84
N GLY B 314 7.89 27.25 18.89
CA GLY B 314 7.08 26.03 18.86
C GLY B 314 6.09 25.96 20.01
N LEU B 315 5.61 24.75 20.31
CA LEU B 315 4.73 24.53 21.45
C LEU B 315 5.51 24.41 22.75
N TYR B 316 6.60 23.63 22.73
CA TYR B 316 7.59 23.58 23.80
C TYR B 316 6.97 23.13 25.12
N GLU B 317 6.08 22.13 25.05
CA GLU B 317 5.51 21.57 26.27
C GLU B 317 6.45 20.62 26.96
N ILE B 318 7.25 19.88 26.20
CA ILE B 318 8.12 18.84 26.74
C ILE B 318 9.52 18.99 26.21
N ASN B 319 10.44 18.33 26.93
CA ASN B 319 11.86 18.27 26.63
C ASN B 319 12.22 16.80 26.48
N LEU B 320 12.74 16.44 25.31
CA LEU B 320 13.25 15.09 25.10
C LEU B 320 14.74 15.05 25.40
N PRO B 321 15.24 13.93 25.93
CA PRO B 321 16.68 13.79 26.13
C PRO B 321 17.46 14.16 24.87
N LYS B 322 18.54 14.93 25.06
CA LYS B 322 19.34 15.45 23.96
C LYS B 322 20.42 14.42 23.63
N MET B 323 20.32 13.80 22.45
CA MET B 323 21.10 12.60 22.17
C MET B 323 22.23 12.82 21.17
N GLN B 324 22.20 13.90 20.42
CA GLN B 324 23.28 14.27 19.50
C GLN B 324 23.03 15.71 19.04
N PRO B 325 24.06 16.41 18.57
CA PRO B 325 23.84 17.75 18.05
C PRO B 325 22.85 17.73 16.88
N GLY B 326 21.95 18.70 16.86
CA GLY B 326 20.92 18.70 15.84
C GLY B 326 21.43 19.07 14.46
N SER B 327 22.41 19.95 14.37
CA SER B 327 22.69 20.57 13.09
C SER B 327 24.17 20.85 12.87
N SER B 328 24.63 20.61 11.65
CA SER B 328 25.97 20.98 11.22
C SER B 328 26.13 22.49 11.04
N ILE B 329 25.02 23.24 10.96
CA ILE B 329 25.07 24.67 10.69
C ILE B 329 24.36 25.50 11.75
N MET B 330 23.23 25.00 12.29
CA MET B 330 22.46 25.78 13.25
C MET B 330 22.93 25.51 14.68
N PRO B 331 23.66 26.43 15.30
CA PRO B 331 24.24 26.16 16.62
C PRO B 331 23.16 26.01 17.69
N GLY B 332 23.39 25.08 18.61
CA GLY B 332 22.48 24.85 19.72
C GLY B 332 21.26 24.02 19.42
N LYS B 333 20.92 23.82 18.15
CA LYS B 333 19.73 23.08 17.76
C LYS B 333 19.87 21.61 18.16
N VAL B 334 18.79 21.01 18.67
CA VAL B 334 18.75 19.61 19.03
C VAL B 334 17.40 19.06 18.57
N ASN B 335 17.42 17.95 17.83
CA ASN B 335 16.23 17.45 17.13
C ASN B 335 15.70 16.17 17.77
N PRO B 336 14.40 15.86 17.58
CA PRO B 336 13.79 14.66 18.19
C PRO B 336 14.14 13.38 17.45
N VAL B 337 15.44 13.04 17.46
CA VAL B 337 15.94 12.00 16.57
C VAL B 337 15.44 10.62 16.97
N ILE B 338 15.11 10.42 18.25
CA ILE B 338 14.67 9.08 18.66
C ILE B 338 13.24 8.84 18.16
N PRO B 339 12.26 9.71 18.42
CA PRO B 339 10.96 9.50 17.75
C PRO B 339 11.08 9.40 16.23
N GLU B 340 11.97 10.19 15.61
CA GLU B 340 12.12 10.14 14.15
C GLU B 340 12.51 8.75 13.68
N VAL B 341 13.48 8.11 14.34
CA VAL B 341 13.89 6.79 13.85
C VAL B 341 12.77 5.78 14.05
N VAL B 342 11.95 5.94 15.09
CA VAL B 342 10.82 5.03 15.29
C VAL B 342 9.79 5.21 14.19
N ASN B 343 9.45 6.47 13.84
CA ASN B 343 8.56 6.72 12.70
C ASN B 343 9.03 5.94 11.48
N GLN B 344 10.32 6.02 11.18
CA GLN B 344 10.86 5.37 9.98
C GLN B 344 10.71 3.86 10.04
N VAL B 345 10.97 3.26 11.21
CA VAL B 345 10.73 1.82 11.37
C VAL B 345 9.25 1.50 11.11
N CYS B 346 8.36 2.33 11.64
CA CYS B 346 6.93 2.09 11.44
C CYS B 346 6.57 2.11 9.95
N PHE B 347 7.16 3.03 9.18
CA PHE B 347 6.89 3.07 7.75
C PHE B 347 7.39 1.81 7.06
N LYS B 348 8.56 1.30 7.49
CA LYS B 348 9.07 0.04 6.94
C LYS B 348 8.14 -1.12 7.26
N VAL B 349 7.58 -1.14 8.47
CA VAL B 349 6.62 -2.20 8.85
C VAL B 349 5.40 -2.15 7.95
N ILE B 350 4.89 -0.95 7.67
CA ILE B 350 3.71 -0.80 6.81
C ILE B 350 4.01 -1.29 5.41
N GLY B 351 5.19 -0.94 4.87
CA GLY B 351 5.56 -1.45 3.55
C GLY B 351 5.73 -2.96 3.51
N ASN B 352 6.40 -3.51 4.53
CA ASN B 352 6.54 -4.96 4.62
C ASN B 352 5.18 -5.66 4.69
N ASP B 353 4.19 -5.02 5.32
CA ASP B 353 2.86 -5.60 5.37
C ASP B 353 2.22 -5.67 3.99
N LEU B 354 2.52 -4.70 3.12
CA LEU B 354 2.04 -4.80 1.74
C LEU B 354 2.73 -5.94 0.99
N THR B 355 4.04 -6.13 1.21
CA THR B 355 4.72 -7.29 0.63
C THR B 355 4.02 -8.58 1.02
N VAL B 356 3.65 -8.71 2.30
CA VAL B 356 2.93 -9.87 2.80
C VAL B 356 1.60 -10.05 2.06
N THR B 357 0.89 -8.95 1.83
CA THR B 357 -0.41 -9.03 1.15
C THR B 357 -0.26 -9.53 -0.28
N PHE B 358 0.72 -9.01 -1.03
CA PHE B 358 0.96 -9.51 -2.38
C PHE B 358 1.34 -10.99 -2.38
N ALA B 359 2.23 -11.39 -1.47
CA ALA B 359 2.65 -12.78 -1.42
C ALA B 359 1.46 -13.70 -1.15
N ALA B 360 0.60 -13.32 -0.21
CA ALA B 360 -0.55 -14.14 0.13
C ALA B 360 -1.53 -14.24 -1.03
N GLU B 361 -1.76 -13.13 -1.73
CA GLU B 361 -2.73 -13.15 -2.82
C GLU B 361 -2.24 -13.97 -4.02
N ALA B 362 -0.94 -14.29 -4.07
CA ALA B 362 -0.31 -15.00 -5.18
C ALA B 362 -0.39 -16.52 -5.07
N GLY B 363 -1.09 -17.06 -4.07
CA GLY B 363 -1.20 -18.50 -3.95
C GLY B 363 -1.96 -19.10 -5.11
N GLN B 364 -1.60 -20.34 -5.48
CA GLN B 364 -2.24 -21.01 -6.60
C GLN B 364 -2.57 -22.46 -6.26
N LEU B 365 -3.84 -22.80 -6.36
CA LEU B 365 -4.30 -24.18 -6.20
C LEU B 365 -3.80 -24.75 -4.87
N GLN B 366 -2.97 -25.81 -4.89
CA GLN B 366 -2.70 -26.53 -3.65
C GLN B 366 -1.50 -25.98 -2.85
N LEU B 367 -0.90 -24.87 -3.27
CA LEU B 367 0.23 -24.33 -2.50
C LEU B 367 0.42 -22.85 -2.80
N ASN B 368 0.86 -22.10 -1.79
CA ASN B 368 1.35 -20.73 -1.99
C ASN B 368 2.87 -20.79 -1.96
N VAL B 369 3.51 -20.42 -3.08
CA VAL B 369 4.96 -20.55 -3.18
C VAL B 369 5.70 -19.30 -2.72
N MET B 370 5.00 -18.28 -2.23
CA MET B 370 5.59 -16.99 -1.93
C MET B 370 5.86 -16.79 -0.45
N GLU B 371 5.79 -17.86 0.33
CA GLU B 371 6.01 -17.76 1.77
C GLU B 371 7.41 -17.33 2.17
N PRO B 372 8.49 -17.62 1.42
CA PRO B 372 9.80 -17.14 1.90
C PRO B 372 9.86 -15.63 2.08
N VAL B 373 9.46 -14.83 1.08
CA VAL B 373 9.55 -13.38 1.26
C VAL B 373 8.54 -12.89 2.28
N LEU B 374 7.39 -13.57 2.38
CA LEU B 374 6.39 -13.23 3.39
C LEU B 374 6.96 -13.38 4.79
N THR B 375 7.63 -14.52 5.04
CA THR B 375 8.25 -14.78 6.34
C THR B 375 9.42 -13.84 6.58
N GLN B 376 10.24 -13.62 5.55
CA GLN B 376 11.37 -12.70 5.66
C GLN B 376 10.89 -11.32 6.09
N SER B 377 9.76 -10.87 5.53
CA SER B 377 9.26 -9.53 5.81
C SER B 377 8.68 -9.44 7.21
N ILE B 378 7.94 -10.46 7.64
CA ILE B 378 7.39 -10.45 9.00
C ILE B 378 8.52 -10.49 10.01
N MET B 379 9.53 -11.34 9.78
CA MET B 379 10.62 -11.44 10.74
C MET B 379 11.44 -10.15 10.80
N GLU B 380 11.60 -9.48 9.66
CA GLU B 380 12.28 -8.19 9.64
C GLU B 380 11.51 -7.16 10.44
N SER B 381 10.19 -7.11 10.26
CA SER B 381 9.37 -6.16 11.00
C SER B 381 9.43 -6.42 12.50
N ILE B 382 9.38 -7.68 12.92
CA ILE B 382 9.46 -7.99 14.35
C ILE B 382 10.77 -7.48 14.92
N ARG B 383 11.88 -7.78 14.23
CA ARG B 383 13.19 -7.36 14.71
C ARG B 383 13.31 -5.84 14.76
N PHE B 384 12.91 -5.15 13.69
CA PHE B 384 13.01 -3.68 13.68
C PHE B 384 12.12 -3.07 14.76
N LEU B 385 10.92 -3.60 14.96
CA LEU B 385 10.02 -3.05 15.98
C LEU B 385 10.59 -3.22 17.39
N LYS B 386 11.14 -4.40 17.70
CA LYS B 386 11.76 -4.59 19.01
C LYS B 386 12.85 -3.56 19.24
N ASN B 387 13.71 -3.37 18.23
CA ASN B 387 14.80 -2.41 18.38
C ASN B 387 14.26 -0.98 18.51
N ALA B 388 13.22 -0.64 17.75
CA ALA B 388 12.65 0.72 17.83
C ALA B 388 12.03 0.98 19.18
N MET B 389 11.29 0.00 19.72
CA MET B 389 10.63 0.20 21.01
C MET B 389 11.66 0.32 22.14
N ASP B 390 12.69 -0.53 22.12
CA ASP B 390 13.75 -0.42 23.13
C ASP B 390 14.42 0.95 23.06
N THR B 391 14.71 1.41 21.83
CA THR B 391 15.36 2.71 21.64
C THR B 391 14.47 3.84 22.15
N LEU B 392 13.18 3.81 21.80
CA LEU B 392 12.26 4.85 22.26
C LEU B 392 12.19 4.89 23.78
N ARG B 393 12.07 3.72 24.40
CA ARG B 393 12.00 3.65 25.86
C ARG B 393 13.27 4.20 26.51
N GLU B 394 14.42 3.68 26.10
CA GLU B 394 15.66 3.93 26.84
C GLU B 394 16.23 5.31 26.56
N LYS B 395 16.13 5.78 25.31
CA LYS B 395 16.78 7.02 24.91
C LYS B 395 15.80 8.17 24.72
N CYS B 396 14.53 7.97 25.05
CA CYS B 396 13.58 9.08 25.00
C CYS B 396 12.60 9.08 26.16
N ILE B 397 11.70 8.09 26.24
CA ILE B 397 10.58 8.18 27.17
C ILE B 397 11.07 8.33 28.61
N ASP B 398 12.06 7.50 29.00
CA ASP B 398 12.48 7.48 30.40
C ASP B 398 12.92 8.86 30.91
N GLY B 399 13.51 9.68 30.03
CA GLY B 399 14.06 10.95 30.44
C GLY B 399 13.28 12.20 30.08
N ILE B 400 12.05 12.06 29.56
CA ILE B 400 11.25 13.23 29.21
C ILE B 400 10.97 14.09 30.45
N THR B 401 11.06 15.40 30.28
CA THR B 401 10.58 16.35 31.27
C THR B 401 9.61 17.31 30.61
N ALA B 402 8.85 18.04 31.43
CA ALA B 402 7.87 19.00 30.96
C ALA B 402 8.31 20.41 31.30
N ASN B 403 7.78 21.37 30.54
CA ASN B 403 7.89 22.79 30.86
C ASN B 403 6.57 23.18 31.53
N LYS B 404 6.54 23.01 32.85
CA LYS B 404 5.27 23.03 33.58
C LYS B 404 4.61 24.40 33.55
N GLU B 405 5.37 25.48 33.76
CA GLU B 405 4.75 26.80 33.81
CA GLU B 405 4.77 26.81 33.80
C GLU B 405 4.28 27.25 32.42
N ILE B 406 5.04 26.92 31.37
CA ILE B 406 4.59 27.19 30.01
C ILE B 406 3.24 26.51 29.73
N CYS B 407 3.10 25.24 30.14
CA CYS B 407 1.84 24.54 29.92
C CYS B 407 0.70 25.14 30.72
N LEU B 408 0.94 25.44 32.00
CA LEU B 408 -0.11 26.00 32.85
C LEU B 408 -0.57 27.35 32.32
N ASN B 409 0.38 28.18 31.87
CA ASN B 409 0.00 29.48 31.36
C ASN B 409 -0.82 29.36 30.07
N MET B 410 -0.57 28.34 29.26
CA MET B 410 -1.42 28.12 28.10
C MET B 410 -2.87 27.86 28.51
N VAL B 411 -3.06 27.12 29.59
CA VAL B 411 -4.42 26.84 30.06
C VAL B 411 -5.06 28.10 30.60
N LYS B 412 -4.34 28.83 31.47
CA LYS B 412 -4.92 30.02 32.10
C LYS B 412 -5.25 31.10 31.09
N ASN B 413 -4.49 31.19 30.01
CA ASN B 413 -4.71 32.22 28.99
CA ASN B 413 -4.66 32.21 28.97
C ASN B 413 -5.58 31.75 27.83
N SER B 414 -6.06 30.52 27.86
CA SER B 414 -6.81 30.01 26.73
C SER B 414 -8.23 30.57 26.72
N ILE B 415 -8.84 30.52 25.53
CA ILE B 415 -10.27 30.75 25.43
C ILE B 415 -11.06 29.47 25.67
N GLY B 416 -10.46 28.30 25.37
CA GLY B 416 -11.19 27.05 25.40
C GLY B 416 -11.73 26.68 26.78
N ILE B 417 -11.16 27.24 27.85
CA ILE B 417 -11.69 26.97 29.18
C ILE B 417 -13.13 27.47 29.31
N VAL B 418 -13.58 28.37 28.42
CA VAL B 418 -14.98 28.82 28.46
C VAL B 418 -15.95 27.65 28.31
N THR B 419 -15.49 26.55 27.70
CA THR B 419 -16.32 25.35 27.56
C THR B 419 -16.92 24.90 28.90
N ALA B 420 -16.15 25.04 29.98
CA ALA B 420 -16.62 24.61 31.30
C ALA B 420 -17.83 25.40 31.80
N LEU B 421 -18.14 26.54 31.18
CA LEU B 421 -19.30 27.33 31.59
C LEU B 421 -20.59 26.93 30.90
N ASN B 422 -20.53 26.09 29.86
CA ASN B 422 -21.74 25.74 29.13
C ASN B 422 -22.86 25.24 30.03
N PRO B 423 -22.63 24.36 31.01
CA PRO B 423 -23.75 23.88 31.84
C PRO B 423 -24.41 24.96 32.64
N TYR B 424 -23.74 26.11 32.83
CA TYR B 424 -24.26 27.18 33.67
C TYR B 424 -24.86 28.33 32.87
N ILE B 425 -24.30 28.66 31.72
CA ILE B 425 -24.74 29.81 30.95
C ILE B 425 -25.22 29.47 29.54
N GLY B 426 -25.02 28.24 29.08
CA GLY B 426 -25.48 27.84 27.76
C GLY B 426 -24.47 28.13 26.66
N TYR B 427 -24.60 27.38 25.56
CA TYR B 427 -23.61 27.45 24.49
C TYR B 427 -23.62 28.80 23.78
N LYS B 428 -24.79 29.41 23.63
CA LYS B 428 -24.87 30.72 22.99
C LYS B 428 -24.12 31.77 23.80
N ASN B 429 -24.35 31.80 25.12
CA ASN B 429 -23.65 32.78 25.94
C ASN B 429 -22.15 32.51 26.00
N SER B 430 -21.76 31.23 26.10
CA SER B 430 -20.33 30.93 26.08
C SER B 430 -19.71 31.35 24.76
N THR B 431 -20.44 31.19 23.65
CA THR B 431 -19.94 31.63 22.35
C THR B 431 -19.73 33.14 22.33
N LYS B 432 -20.69 33.90 22.87
CA LYS B 432 -20.51 35.35 22.95
CA LYS B 432 -20.52 35.36 22.97
C LYS B 432 -19.24 35.71 23.71
N ILE B 433 -18.98 35.04 24.84
CA ILE B 433 -17.77 35.31 25.61
C ILE B 433 -16.53 34.96 24.79
N ALA B 434 -16.55 33.80 24.14
CA ALA B 434 -15.40 33.33 23.37
C ALA B 434 -15.08 34.27 22.24
N LYS B 435 -16.11 34.73 21.52
CA LYS B 435 -15.89 35.64 20.40
CA LYS B 435 -15.89 35.63 20.40
C LYS B 435 -15.30 36.95 20.88
N GLU B 436 -15.81 37.47 22.01
CA GLU B 436 -15.29 38.73 22.52
C GLU B 436 -13.85 38.56 23.01
N ALA B 437 -13.55 37.42 23.61
CA ALA B 437 -12.18 37.16 24.05
C ALA B 437 -11.22 37.14 22.87
N LEU B 438 -11.61 36.46 21.79
CA LEU B 438 -10.75 36.39 20.62
C LEU B 438 -10.59 37.77 19.99
N ASP B 439 -11.68 38.53 19.91
CA ASP B 439 -11.63 39.82 19.23
C ASP B 439 -10.86 40.87 20.03
N THR B 440 -10.93 40.82 21.36
CA THR B 440 -10.37 41.87 22.20
C THR B 440 -9.05 41.49 22.87
N GLY B 441 -8.73 40.21 22.94
CA GLY B 441 -7.61 39.74 23.72
C GLY B 441 -7.86 39.66 25.21
N LYS B 442 -9.05 40.01 25.68
CA LYS B 442 -9.37 39.92 27.10
C LYS B 442 -9.53 38.46 27.52
N SER B 443 -9.46 38.23 28.83
CA SER B 443 -9.58 36.87 29.34
C SER B 443 -11.03 36.45 29.48
N VAL B 444 -11.27 35.15 29.32
CA VAL B 444 -12.59 34.58 29.57
C VAL B 444 -13.07 34.94 30.97
N TYR B 445 -12.19 34.81 31.96
CA TYR B 445 -12.54 35.09 33.34
C TYR B 445 -13.04 36.51 33.49
N ASP B 446 -12.25 37.49 33.01
CA ASP B 446 -12.66 38.89 33.13
C ASP B 446 -13.96 39.17 32.39
N LEU B 447 -14.14 38.57 31.21
CA LEU B 447 -15.34 38.83 30.44
C LEU B 447 -16.59 38.25 31.09
N VAL B 448 -16.49 37.07 31.70
CA VAL B 448 -17.66 36.51 32.37
C VAL B 448 -18.07 37.41 33.54
N LEU B 449 -17.08 37.93 34.29
CA LEU B 449 -17.39 38.82 35.41
C LEU B 449 -17.93 40.15 34.93
N GLU B 450 -17.42 40.66 33.81
CA GLU B 450 -17.97 41.89 33.25
C GLU B 450 -19.43 41.71 32.89
N HIS B 451 -19.76 40.58 32.29
CA HIS B 451 -21.13 40.28 31.91
C HIS B 451 -21.95 39.75 33.09
N GLU B 452 -21.31 39.48 34.23
CA GLU B 452 -21.99 39.12 35.47
C GLU B 452 -22.90 37.91 35.27
N LEU B 453 -22.38 36.92 34.53
CA LEU B 453 -23.15 35.71 34.27
C LEU B 453 -23.04 34.69 35.41
N LEU B 454 -21.99 34.77 36.22
CA LEU B 454 -21.82 33.93 37.41
C LEU B 454 -21.19 34.76 38.51
N SER B 455 -21.37 34.33 39.77
CA SER B 455 -20.68 34.96 40.88
C SER B 455 -19.18 34.70 40.77
N LYS B 456 -18.38 35.62 41.33
CA LYS B 456 -16.93 35.45 41.29
C LYS B 456 -16.52 34.15 41.97
N GLU B 457 -17.14 33.85 43.12
CA GLU B 457 -16.80 32.63 43.84
C GLU B 457 -17.10 31.39 43.04
N LYS B 458 -18.25 31.35 42.34
CA LYS B 458 -18.53 30.19 41.50
C LYS B 458 -17.57 30.12 40.32
N LEU B 459 -17.29 31.26 39.69
CA LEU B 459 -16.38 31.29 38.55
C LEU B 459 -14.97 30.86 38.94
N ASP B 460 -14.51 31.27 40.12
CA ASP B 460 -13.19 30.85 40.59
C ASP B 460 -13.09 29.33 40.68
N GLU B 461 -14.20 28.65 41.04
CA GLU B 461 -14.19 27.19 41.11
C GLU B 461 -14.19 26.57 39.72
N ILE B 462 -15.09 27.02 38.85
CA ILE B 462 -15.30 26.33 37.57
C ILE B 462 -14.08 26.46 36.68
N LEU B 463 -13.44 27.63 36.69
CA LEU B 463 -12.30 27.88 35.80
C LEU B 463 -10.95 27.61 36.45
N ALA B 464 -10.94 27.06 37.67
CA ALA B 464 -9.68 26.61 38.24
C ALA B 464 -9.14 25.47 37.39
N PRO B 465 -7.87 25.52 36.97
CA PRO B 465 -7.35 24.45 36.08
C PRO B 465 -7.58 23.04 36.61
N GLU B 466 -7.37 22.83 37.91
CA GLU B 466 -7.52 21.50 38.48
C GLU B 466 -8.96 20.99 38.45
N ASN B 467 -9.94 21.86 38.23
CA ASN B 467 -11.34 21.46 38.21
C ASN B 467 -11.87 21.25 36.81
N MET B 468 -11.00 21.29 35.80
CA MET B 468 -11.41 21.15 34.41
C MET B 468 -10.83 19.89 33.80
N LEU B 469 -10.71 18.82 34.60
CA LEU B 469 -10.01 17.61 34.19
C LEU B 469 -10.83 16.34 34.33
N ASN B 470 -12.07 16.44 34.82
CA ASN B 470 -12.91 15.31 35.17
C ASN B 470 -14.36 15.72 34.97
N PRO B 471 -15.27 14.76 34.87
CA PRO B 471 -16.69 15.08 35.04
C PRO B 471 -16.94 15.62 36.45
N HIS B 472 -17.98 16.45 36.58
CA HIS B 472 -18.33 17.07 37.86
C HIS B 472 -19.84 17.23 37.97
N THR B 473 -20.32 17.27 39.21
CA THR B 473 -21.67 17.67 39.52
C THR B 473 -21.78 19.20 39.52
N LYS B 474 -22.95 19.69 39.13
CA LYS B 474 -23.21 21.12 39.18
C LYS B 474 -23.54 21.54 40.61
N PHE B 475 -23.28 22.80 40.89
CA PHE B 475 -23.57 23.33 42.21
C PHE B 475 -24.07 24.77 42.07
N ASN C 10 -44.10 -6.15 -26.63
CA ASN C 10 -44.80 -4.91 -26.25
C ASN C 10 -43.82 -3.82 -25.83
N ASP C 11 -43.42 -3.82 -24.55
CA ASP C 11 -42.40 -2.92 -24.06
C ASP C 11 -41.00 -3.50 -24.19
N TYR C 12 -40.85 -4.64 -24.86
CA TYR C 12 -39.56 -5.28 -25.09
CA TYR C 12 -39.55 -5.24 -25.10
C TYR C 12 -39.43 -5.66 -26.55
N ARG C 13 -38.19 -5.88 -26.98
CA ARG C 13 -37.90 -6.56 -28.24
C ARG C 13 -36.96 -7.70 -27.90
N ILE C 14 -36.99 -8.76 -28.70
CA ILE C 14 -36.17 -9.94 -28.45
C ILE C 14 -34.95 -9.90 -29.36
N GLU C 15 -33.76 -10.02 -28.76
CA GLU C 15 -32.50 -10.11 -29.47
C GLU C 15 -31.82 -11.42 -29.10
N SER C 16 -30.79 -11.79 -29.86
CA SER C 16 -30.08 -13.02 -29.57
C SER C 16 -28.58 -12.85 -29.78
N ASP C 17 -27.81 -13.65 -29.06
CA ASP C 17 -26.36 -13.70 -29.18
C ASP C 17 -25.92 -15.15 -28.97
N LEU C 18 -24.62 -15.34 -28.75
CA LEU C 18 -24.09 -16.69 -28.53
C LEU C 18 -24.80 -17.41 -27.39
N ILE C 19 -25.22 -16.68 -26.36
CA ILE C 19 -25.81 -17.31 -25.18
C ILE C 19 -27.25 -17.72 -25.44
N GLY C 20 -28.00 -16.93 -26.22
CA GLY C 20 -29.38 -17.25 -26.54
C GLY C 20 -30.18 -15.98 -26.77
N GLU C 21 -31.50 -16.12 -26.64
CA GLU C 21 -32.43 -15.00 -26.79
C GLU C 21 -32.64 -14.30 -25.46
N LEU C 22 -32.89 -12.99 -25.53
CA LEU C 22 -33.10 -12.19 -24.32
C LEU C 22 -33.96 -10.97 -24.65
N LYS C 23 -34.81 -10.58 -23.71
CA LYS C 23 -35.60 -9.36 -23.84
C LYS C 23 -34.74 -8.13 -23.59
N VAL C 24 -34.95 -7.10 -24.41
CA VAL C 24 -34.27 -5.80 -24.32
C VAL C 24 -35.38 -4.75 -24.30
N PRO C 25 -35.31 -3.70 -23.50
CA PRO C 25 -36.34 -2.66 -23.56
C PRO C 25 -36.52 -2.17 -25.00
N VAL C 26 -37.77 -2.06 -25.42
CA VAL C 26 -38.07 -1.88 -26.84
C VAL C 26 -37.40 -0.63 -27.41
N ASN C 27 -37.26 0.42 -26.60
CA ASN C 27 -36.70 1.68 -27.06
C ASN C 27 -35.23 1.87 -26.71
N ALA C 28 -34.60 0.89 -26.07
CA ALA C 28 -33.18 1.01 -25.78
C ALA C 28 -32.34 1.02 -27.05
N TYR C 29 -31.30 1.86 -27.07
CA TYR C 29 -30.34 1.79 -28.16
C TYR C 29 -29.31 0.71 -27.94
N TYR C 30 -29.07 0.32 -26.69
CA TYR C 30 -28.21 -0.83 -26.47
C TYR C 30 -28.97 -2.11 -26.81
N GLY C 31 -28.24 -3.23 -26.85
CA GLY C 31 -28.81 -4.50 -27.24
C GLY C 31 -28.57 -5.60 -26.23
N VAL C 32 -28.65 -6.85 -26.68
CA VAL C 32 -28.67 -8.01 -25.79
C VAL C 32 -27.39 -8.10 -24.98
N GLN C 33 -26.23 -7.86 -25.60
CA GLN C 33 -24.99 -8.01 -24.84
C GLN C 33 -24.86 -6.95 -23.76
N THR C 34 -25.33 -5.73 -24.02
CA THR C 34 -25.34 -4.72 -22.96
C THR C 34 -26.30 -5.11 -21.84
N GLN C 35 -27.47 -5.63 -22.21
CA GLN C 35 -28.44 -6.06 -21.22
C GLN C 35 -27.86 -7.14 -20.32
N ARG C 36 -27.13 -8.09 -20.89
CA ARG C 36 -26.50 -9.12 -20.07
C ARG C 36 -25.54 -8.50 -19.08
N ALA C 37 -24.75 -7.52 -19.52
CA ALA C 37 -23.77 -6.89 -18.63
C ALA C 37 -24.46 -6.11 -17.52
N ILE C 38 -25.58 -5.45 -17.84
CA ILE C 38 -26.37 -4.78 -16.80
C ILE C 38 -26.78 -5.79 -15.74
N ASP C 39 -27.27 -6.96 -16.20
CA ASP C 39 -27.74 -8.01 -15.30
C ASP C 39 -26.60 -8.62 -14.49
N ASN C 40 -25.43 -8.79 -15.12
CA ASN C 40 -24.35 -9.58 -14.54
C ASN C 40 -23.54 -8.85 -13.49
N PHE C 41 -23.41 -7.52 -13.61
CA PHE C 41 -22.47 -6.76 -12.79
C PHE C 41 -23.23 -5.66 -12.05
N LYS C 42 -23.70 -5.99 -10.86
CA LYS C 42 -24.39 -5.04 -9.99
C LYS C 42 -23.52 -4.86 -8.75
N ILE C 43 -22.48 -4.04 -8.90
CA ILE C 43 -21.44 -3.91 -7.89
C ILE C 43 -21.49 -2.53 -7.23
N SER C 44 -21.50 -1.48 -8.04
CA SER C 44 -21.29 -0.12 -7.54
C SER C 44 -22.40 0.80 -8.03
N ASN C 45 -22.31 2.07 -7.61
CA ASN C 45 -23.18 3.14 -8.08
CA ASN C 45 -23.18 3.13 -8.09
C ASN C 45 -22.50 4.00 -9.13
N ASP C 46 -21.47 3.47 -9.77
CA ASP C 46 -20.65 4.19 -10.76
C ASP C 46 -20.84 3.49 -12.10
N HIS C 47 -21.45 4.17 -13.06
CA HIS C 47 -21.77 3.57 -14.35
C HIS C 47 -21.14 4.36 -15.49
N LEU C 48 -21.01 3.72 -16.65
CA LEU C 48 -20.32 4.36 -17.77
C LEU C 48 -20.97 5.70 -18.11
N SER C 49 -22.30 5.78 -17.99
CA SER C 49 -23.03 7.00 -18.29
C SER C 49 -22.58 8.19 -17.46
N ASP C 50 -21.89 7.96 -16.33
CA ASP C 50 -21.34 9.02 -15.50
C ASP C 50 -20.01 9.54 -15.99
N HIS C 51 -19.48 9.04 -17.11
CA HIS C 51 -18.14 9.39 -17.57
C HIS C 51 -18.18 9.83 -19.04
N PRO C 52 -18.60 11.08 -19.29
CA PRO C 52 -18.76 11.53 -20.68
C PRO C 52 -17.50 11.47 -21.52
N GLU C 53 -16.31 11.76 -20.95
CA GLU C 53 -15.09 11.70 -21.76
C GLU C 53 -14.80 10.27 -22.22
N PHE C 54 -15.15 9.29 -21.40
CA PHE C 54 -14.96 7.88 -21.75
C PHE C 54 -15.89 7.48 -22.89
N ILE C 55 -17.16 7.88 -22.79
CA ILE C 55 -18.11 7.60 -23.86
C ILE C 55 -17.69 8.31 -25.15
N LYS C 56 -17.30 9.58 -25.04
CA LYS C 56 -16.85 10.34 -26.22
C LYS C 56 -15.67 9.65 -26.89
N ALA C 57 -14.73 9.13 -26.10
CA ALA C 57 -13.57 8.45 -26.68
C ALA C 57 -13.97 7.20 -27.45
N PHE C 58 -14.91 6.43 -26.92
CA PHE C 58 -15.42 5.27 -27.68
C PHE C 58 -15.98 5.70 -29.01
N ALA C 59 -16.71 6.83 -29.05
CA ALA C 59 -17.26 7.31 -30.30
C ALA C 59 -16.15 7.78 -31.25
N PHE C 60 -15.08 8.39 -30.74
CA PHE C 60 -13.94 8.73 -31.59
C PHE C 60 -13.37 7.48 -32.24
N VAL C 61 -13.15 6.44 -31.42
CA VAL C 61 -12.54 5.22 -31.90
C VAL C 61 -13.40 4.57 -32.98
N LYS C 62 -14.72 4.46 -32.73
CA LYS C 62 -15.60 3.81 -33.70
C LYS C 62 -15.73 4.64 -34.98
N LYS C 63 -15.75 5.97 -34.87
CA LYS C 63 -15.78 6.80 -36.07
C LYS C 63 -14.52 6.60 -36.90
N ALA C 64 -13.35 6.57 -36.23
CA ALA C 64 -12.09 6.42 -36.94
C ALA C 64 -11.98 5.06 -37.61
N ALA C 65 -12.41 4.01 -36.91
CA ALA C 65 -12.34 2.66 -37.48
C ALA C 65 -13.25 2.55 -38.70
N ALA C 66 -14.46 3.09 -38.60
CA ALA C 66 -15.38 3.05 -39.74
C ALA C 66 -14.80 3.82 -40.93
N GLN C 67 -14.27 5.02 -40.67
CA GLN C 67 -13.69 5.80 -41.75
CA GLN C 67 -13.68 5.81 -41.75
C GLN C 67 -12.55 5.04 -42.42
N THR C 68 -11.71 4.37 -41.63
CA THR C 68 -10.60 3.62 -42.19
C THR C 68 -11.09 2.42 -42.98
N ASN C 69 -12.07 1.67 -42.44
CA ASN C 69 -12.61 0.53 -43.17
C ASN C 69 -13.18 0.96 -44.51
N PHE C 70 -13.91 2.08 -44.53
CA PHE C 70 -14.42 2.60 -45.79
C PHE C 70 -13.28 2.99 -46.74
N GLU C 71 -12.25 3.66 -46.22
CA GLU C 71 -11.12 4.08 -47.05
C GLU C 71 -10.34 2.90 -47.61
N LEU C 72 -10.47 1.73 -47.00
CA LEU C 72 -9.84 0.50 -47.50
C LEU C 72 -10.80 -0.35 -48.33
N GLY C 73 -11.98 0.16 -48.64
CA GLY C 73 -12.91 -0.59 -49.47
C GLY C 73 -13.60 -1.74 -48.75
N LEU C 74 -13.58 -1.75 -47.42
CA LEU C 74 -14.10 -2.87 -46.64
C LEU C 74 -15.48 -2.59 -46.08
N LEU C 75 -15.92 -1.35 -46.09
CA LEU C 75 -17.19 -0.92 -45.51
C LEU C 75 -17.87 0.00 -46.51
N ASP C 76 -19.17 -0.25 -46.73
CA ASP C 76 -19.97 0.57 -47.65
C ASP C 76 -19.95 2.04 -47.23
N GLU C 77 -19.80 2.93 -48.22
CA GLU C 77 -19.70 4.37 -47.95
C GLU C 77 -20.94 4.89 -47.20
N ILE C 78 -22.13 4.36 -47.53
CA ILE C 78 -23.35 4.84 -46.89
C ILE C 78 -23.41 4.38 -45.43
N ILE C 79 -23.00 3.14 -45.15
CA ILE C 79 -23.01 2.67 -43.77
C ILE C 79 -22.01 3.46 -42.94
N ASN C 80 -20.84 3.74 -43.51
CA ASN C 80 -19.86 4.61 -42.84
C ASN C 80 -20.45 5.98 -42.53
N LYS C 81 -21.18 6.56 -43.48
CA LYS C 81 -21.77 7.88 -43.27
C LYS C 81 -22.70 7.87 -42.07
N ASN C 82 -23.55 6.84 -41.94
CA ASN C 82 -24.49 6.80 -40.83
C ASN C 82 -23.83 6.43 -39.51
N ILE C 83 -22.81 5.56 -39.52
CA ILE C 83 -22.03 5.33 -38.31
C ILE C 83 -21.39 6.63 -37.85
N ALA C 84 -20.83 7.40 -38.78
CA ALA C 84 -20.19 8.67 -38.43
C ALA C 84 -21.18 9.64 -37.82
N THR C 85 -22.39 9.73 -38.40
CA THR C 85 -23.40 10.62 -37.83
C THR C 85 -23.76 10.21 -36.40
N ALA C 86 -23.96 8.91 -36.18
CA ALA C 86 -24.27 8.42 -34.84
C ALA C 86 -23.14 8.75 -33.87
N CYS C 87 -21.90 8.53 -34.28
CA CYS C 87 -20.76 8.89 -33.44
C CYS C 87 -20.72 10.38 -33.13
N ASP C 88 -20.98 11.23 -34.15
CA ASP C 88 -21.00 12.67 -33.92
C ASP C 88 -22.02 13.06 -32.86
N GLU C 89 -23.19 12.41 -32.88
CA GLU C 89 -24.21 12.72 -31.89
C GLU C 89 -23.72 12.36 -30.49
N ILE C 90 -23.09 11.19 -30.35
CA ILE C 90 -22.54 10.79 -29.05
C ILE C 90 -21.45 11.76 -28.61
N ILE C 91 -20.54 12.11 -29.53
CA ILE C 91 -19.48 13.06 -29.21
C ILE C 91 -20.07 14.38 -28.72
N ALA C 92 -21.18 14.82 -29.32
CA ALA C 92 -21.85 16.07 -28.95
C ALA C 92 -22.61 15.95 -27.64
N GLY C 93 -22.66 14.76 -27.03
CA GLY C 93 -23.29 14.58 -25.74
C GLY C 93 -24.62 13.86 -25.74
N LYS C 94 -25.08 13.35 -26.87
CA LYS C 94 -26.37 12.67 -26.96
C LYS C 94 -26.22 11.19 -26.66
N MET C 95 -27.30 10.60 -26.12
CA MET C 95 -27.47 9.17 -25.91
C MET C 95 -26.52 8.59 -24.84
N HIS C 96 -26.01 9.41 -23.92
CA HIS C 96 -25.12 8.86 -22.90
C HIS C 96 -25.85 7.98 -21.89
N LYS C 97 -27.17 8.16 -21.74
CA LYS C 97 -27.96 7.27 -20.90
C LYS C 97 -28.02 5.85 -21.45
N GLU C 98 -27.65 5.65 -22.71
CA GLU C 98 -27.69 4.33 -23.33
C GLU C 98 -26.47 3.49 -23.00
N PHE C 99 -25.63 3.95 -22.07
CA PHE C 99 -24.38 3.29 -21.67
C PHE C 99 -24.44 3.02 -20.17
N PRO C 100 -25.19 2.01 -19.75
CA PRO C 100 -25.56 1.88 -18.33
C PRO C 100 -24.79 0.83 -17.53
N THR C 101 -23.69 0.29 -18.04
CA THR C 101 -23.05 -0.80 -17.32
C THR C 101 -22.18 -0.27 -16.18
N ASP C 102 -21.97 -1.15 -15.20
CA ASP C 102 -21.14 -0.84 -14.03
C ASP C 102 -19.69 -0.59 -14.44
N MET C 103 -19.09 0.46 -13.88
CA MET C 103 -17.66 0.70 -14.12
C MET C 103 -16.80 -0.45 -13.58
N ILE C 104 -17.28 -1.18 -12.57
CA ILE C 104 -16.61 -2.40 -12.13
C ILE C 104 -17.36 -3.57 -12.73
N GLN C 105 -16.76 -4.18 -13.76
CA GLN C 105 -17.42 -5.21 -14.54
C GLN C 105 -16.40 -6.25 -14.97
N GLY C 106 -16.86 -7.50 -15.11
CA GLY C 106 -16.04 -8.54 -15.72
C GLY C 106 -16.12 -8.49 -17.23
N GLY C 107 -15.32 -9.33 -17.89
CA GLY C 107 -15.28 -9.33 -19.34
C GLY C 107 -14.22 -8.46 -19.96
N ALA C 108 -13.38 -7.80 -19.15
CA ALA C 108 -12.17 -7.10 -19.60
C ALA C 108 -12.46 -5.91 -20.51
N GLY C 109 -13.69 -5.41 -20.51
CA GLY C 109 -14.08 -4.29 -21.36
C GLY C 109 -14.97 -4.68 -22.52
N THR C 110 -15.15 -5.98 -22.78
CA THR C 110 -15.99 -6.40 -23.90
C THR C 110 -17.40 -5.83 -23.77
N SER C 111 -17.91 -5.72 -22.54
CA SER C 111 -19.26 -5.20 -22.35
C SER C 111 -19.37 -3.73 -22.71
N MET C 112 -18.28 -2.96 -22.53
CA MET C 112 -18.32 -1.57 -22.97
C MET C 112 -18.15 -1.45 -24.48
N ASN C 113 -17.24 -2.23 -25.06
CA ASN C 113 -17.09 -2.21 -26.51
C ASN C 113 -18.39 -2.62 -27.19
N MET C 114 -19.03 -3.69 -26.70
CA MET C 114 -20.26 -4.14 -27.34
C MET C 114 -21.40 -3.14 -27.13
N ASN C 115 -21.41 -2.44 -25.98
CA ASN C 115 -22.38 -1.37 -25.75
C ASN C 115 -22.24 -0.28 -26.81
N ALA C 116 -21.00 0.11 -27.11
CA ALA C 116 -20.80 1.10 -28.17
C ALA C 116 -21.22 0.54 -29.53
N ASN C 117 -20.86 -0.71 -29.82
CA ASN C 117 -21.23 -1.32 -31.09
C ASN C 117 -22.74 -1.39 -31.26
N GLU C 118 -23.46 -1.76 -30.20
CA GLU C 118 -24.92 -1.88 -30.28
C GLU C 118 -25.61 -0.52 -30.41
N VAL C 119 -25.17 0.47 -29.63
CA VAL C 119 -25.83 1.78 -29.67
C VAL C 119 -25.63 2.43 -31.04
N ILE C 120 -24.39 2.39 -31.55
CA ILE C 120 -24.09 3.00 -32.83
C ILE C 120 -24.82 2.26 -33.97
N ALA C 121 -24.87 0.92 -33.90
CA ALA C 121 -25.60 0.18 -34.93
C ALA C 121 -27.06 0.56 -34.94
N ASN C 122 -27.69 0.66 -33.76
CA ASN C 122 -29.12 0.93 -33.74
C ASN C 122 -29.43 2.36 -34.17
N ARG C 123 -28.57 3.32 -33.84
CA ARG C 123 -28.80 4.68 -34.34
C ARG C 123 -28.57 4.76 -35.85
N ALA C 124 -27.53 4.07 -36.35
CA ALA C 124 -27.33 3.99 -37.79
C ALA C 124 -28.53 3.35 -38.49
N LEU C 125 -29.11 2.30 -37.87
CA LEU C 125 -30.29 1.67 -38.44
C LEU C 125 -31.43 2.66 -38.57
N GLU C 126 -31.66 3.47 -37.54
CA GLU C 126 -32.70 4.49 -37.61
C GLU C 126 -32.45 5.47 -38.74
N LEU C 127 -31.21 5.94 -38.87
CA LEU C 127 -30.87 6.86 -39.96
C LEU C 127 -31.09 6.23 -41.34
N MET C 128 -31.07 4.91 -41.44
CA MET C 128 -31.30 4.20 -42.69
C MET C 128 -32.76 3.80 -42.87
N GLY C 129 -33.65 4.21 -41.97
CA GLY C 129 -35.05 3.88 -42.12
C GLY C 129 -35.44 2.52 -41.59
N HIS C 130 -34.64 1.93 -40.73
CA HIS C 130 -34.92 0.62 -40.16
C HIS C 130 -35.27 0.76 -38.69
N GLN C 131 -35.70 -0.34 -38.10
CA GLN C 131 -36.02 -0.40 -36.68
C GLN C 131 -34.83 -0.86 -35.86
N LYS C 132 -34.82 -0.48 -34.59
CA LYS C 132 -33.81 -0.98 -33.67
C LYS C 132 -33.84 -2.51 -33.65
N GLY C 133 -32.66 -3.12 -33.58
CA GLY C 133 -32.54 -4.56 -33.60
C GLY C 133 -32.54 -5.22 -34.96
N GLU C 134 -32.74 -4.47 -36.05
CA GLU C 134 -32.70 -5.04 -37.40
C GLU C 134 -31.26 -5.05 -37.92
N TYR C 135 -30.43 -5.80 -37.19
CA TYR C 135 -28.98 -5.78 -37.39
C TYR C 135 -28.56 -6.37 -38.74
N GLN C 136 -29.47 -7.01 -39.48
CA GLN C 136 -29.14 -7.46 -40.82
C GLN C 136 -28.77 -6.30 -41.75
N PHE C 137 -29.13 -5.06 -41.39
CA PHE C 137 -28.76 -3.91 -42.21
C PHE C 137 -27.59 -3.13 -41.64
N CYS C 138 -27.20 -3.39 -40.39
CA CYS C 138 -26.04 -2.77 -39.77
C CYS C 138 -25.69 -3.60 -38.55
N SER C 139 -24.62 -4.37 -38.65
CA SER C 139 -24.28 -5.36 -37.64
C SER C 139 -23.35 -4.77 -36.58
N PRO C 140 -23.68 -4.91 -35.29
CA PRO C 140 -22.72 -4.51 -34.25
C PRO C 140 -21.37 -5.18 -34.41
N ASN C 141 -21.33 -6.46 -34.80
CA ASN C 141 -20.06 -7.17 -34.98
C ASN C 141 -19.46 -6.94 -36.36
N ASP C 142 -20.24 -7.12 -37.43
CA ASP C 142 -19.67 -7.12 -38.78
C ASP C 142 -19.44 -5.73 -39.34
N HIS C 143 -20.13 -4.71 -38.85
CA HIS C 143 -19.97 -3.36 -39.36
C HIS C 143 -19.35 -2.43 -38.33
N VAL C 144 -19.99 -2.26 -37.17
CA VAL C 144 -19.48 -1.25 -36.24
C VAL C 144 -18.19 -1.73 -35.58
N ASN C 145 -18.01 -3.05 -35.43
CA ASN C 145 -16.79 -3.60 -34.88
C ASN C 145 -15.82 -4.12 -35.96
N LEU C 146 -16.07 -3.79 -37.23
CA LEU C 146 -15.27 -4.32 -38.33
C LEU C 146 -13.79 -4.01 -38.13
N SER C 147 -12.94 -5.02 -38.31
CA SER C 147 -11.48 -4.94 -38.18
C SER C 147 -11.01 -4.68 -36.75
N GLN C 148 -11.90 -4.81 -35.77
CA GLN C 148 -11.56 -4.45 -34.39
C GLN C 148 -11.77 -5.61 -33.44
N SER C 149 -11.16 -5.45 -32.26
CA SER C 149 -11.47 -6.24 -31.08
C SER C 149 -11.76 -5.26 -29.95
N THR C 150 -12.41 -5.74 -28.90
CA THR C 150 -12.35 -5.01 -27.64
C THR C 150 -10.91 -4.70 -27.28
N ASN C 151 -10.00 -5.58 -27.63
CA ASN C 151 -8.66 -5.52 -27.08
C ASN C 151 -7.79 -4.47 -27.76
N ASP C 152 -8.29 -3.79 -28.79
CA ASP C 152 -7.72 -2.51 -29.19
C ASP C 152 -8.71 -1.36 -29.04
N ALA C 153 -9.99 -1.52 -29.37
CA ALA C 153 -10.92 -0.39 -29.26
C ALA C 153 -11.06 0.09 -27.81
N TYR C 154 -11.18 -0.84 -26.86
CA TYR C 154 -11.40 -0.46 -25.46
C TYR C 154 -10.20 0.24 -24.83
N PRO C 155 -8.98 -0.31 -24.86
CA PRO C 155 -7.86 0.45 -24.27
C PRO C 155 -7.58 1.75 -25.00
N THR C 156 -7.82 1.80 -26.31
CA THR C 156 -7.64 3.07 -27.03
C THR C 156 -8.62 4.11 -26.52
N ALA C 157 -9.87 3.71 -26.26
CA ALA C 157 -10.83 4.62 -25.65
C ALA C 157 -10.40 5.05 -24.24
N ILE C 158 -9.95 4.10 -23.40
CA ILE C 158 -9.46 4.48 -22.07
C ILE C 158 -8.37 5.53 -22.19
N ARG C 159 -7.40 5.26 -23.07
CA ARG C 159 -6.22 6.12 -23.14
CA ARG C 159 -6.21 6.11 -23.17
C ARG C 159 -6.57 7.53 -23.62
N ILE C 160 -7.44 7.65 -24.61
CA ILE C 160 -7.86 8.99 -25.05
C ILE C 160 -8.65 9.68 -23.95
N ALA C 161 -9.54 8.95 -23.27
CA ALA C 161 -10.31 9.54 -22.17
C ALA C 161 -9.40 10.05 -21.07
N LEU C 162 -8.40 9.24 -20.67
CA LEU C 162 -7.52 9.65 -19.58
C LEU C 162 -6.62 10.78 -20.01
N TYR C 163 -6.15 10.76 -21.26
CA TYR C 163 -5.37 11.87 -21.79
C TYR C 163 -6.17 13.18 -21.72
N ASN C 164 -7.45 13.13 -22.10
CA ASN C 164 -8.28 14.33 -22.06
C ASN C 164 -8.63 14.72 -20.63
N LEU C 165 -8.89 13.72 -19.77
CA LEU C 165 -9.18 14.04 -18.38
C LEU C 165 -7.96 14.65 -17.68
N ASN C 166 -6.75 14.22 -18.05
CA ASN C 166 -5.56 14.83 -17.48
C ASN C 166 -5.49 16.32 -17.80
N LYS C 167 -5.92 16.73 -19.00
CA LYS C 167 -5.94 18.16 -19.30
C LYS C 167 -6.77 18.93 -18.28
N THR C 168 -7.92 18.38 -17.89
CA THR C 168 -8.78 19.06 -16.93
C THR C 168 -8.15 19.05 -15.55
N LEU C 169 -7.46 17.97 -15.19
CA LEU C 169 -6.77 17.90 -13.89
C LEU C 169 -5.69 18.98 -13.81
N VAL C 170 -4.85 19.09 -14.84
CA VAL C 170 -3.78 20.08 -14.88
CA VAL C 170 -3.79 20.09 -14.78
C VAL C 170 -4.36 21.50 -14.86
N GLU C 171 -5.49 21.70 -15.55
CA GLU C 171 -6.14 23.01 -15.55
C GLU C 171 -6.49 23.45 -14.13
N ARG C 172 -7.12 22.55 -13.36
CA ARG C 172 -7.50 22.92 -12.00
C ARG C 172 -6.26 23.06 -11.11
N LEU C 173 -5.25 22.22 -11.33
CA LEU C 173 -3.99 22.38 -10.59
C LEU C 173 -3.39 23.76 -10.84
N GLU C 174 -3.38 24.20 -12.11
CA GLU C 174 -2.80 25.50 -12.43
CA GLU C 174 -2.77 25.50 -12.40
C GLU C 174 -3.55 26.63 -11.74
N LEU C 175 -4.88 26.54 -11.66
CA LEU C 175 -5.62 27.56 -10.92
C LEU C 175 -5.20 27.59 -9.46
N LEU C 176 -4.99 26.42 -8.86
CA LEU C 176 -4.56 26.37 -7.46
C LEU C 176 -3.15 26.94 -7.30
N ILE C 177 -2.25 26.60 -8.23
CA ILE C 177 -0.90 27.17 -8.21
C ILE C 177 -0.95 28.69 -8.24
N GLN C 178 -1.75 29.26 -9.14
CA GLN C 178 -1.84 30.72 -9.22
CA GLN C 178 -1.84 30.72 -9.22
C GLN C 178 -2.41 31.31 -7.94
N SER C 179 -3.31 30.60 -7.26
CA SER C 179 -3.83 31.07 -5.98
CA SER C 179 -3.82 31.10 -5.99
C SER C 179 -2.72 31.15 -4.93
N PHE C 180 -1.83 30.15 -4.90
CA PHE C 180 -0.68 30.21 -4.01
C PHE C 180 0.26 31.35 -4.38
N ARG C 181 0.48 31.58 -5.68
CA ARG C 181 1.37 32.67 -6.07
C ARG C 181 0.83 34.03 -5.64
N LYS C 182 -0.48 34.24 -5.83
CA LYS C 182 -1.10 35.50 -5.41
C LYS C 182 -1.01 35.68 -3.91
N LYS C 183 -1.28 34.62 -3.16
CA LYS C 183 -1.18 34.71 -1.70
C LYS C 183 0.26 34.92 -1.25
N ALA C 184 1.23 34.31 -1.95
CA ALA C 184 2.64 34.56 -1.63
C ALA C 184 2.97 36.04 -1.78
N ASP C 185 2.47 36.69 -2.82
CA ASP C 185 2.71 38.12 -2.97
C ASP C 185 2.04 38.91 -1.84
N ASP C 186 0.82 38.52 -1.47
CA ASP C 186 0.12 39.16 -0.35
CA ASP C 186 0.13 39.17 -0.36
C ASP C 186 0.98 39.14 0.91
N LEU C 187 1.70 38.03 1.14
CA LEU C 187 2.42 37.78 2.38
C LEU C 187 3.92 37.98 2.26
N LYS C 188 4.37 38.67 1.21
CA LYS C 188 5.81 38.75 0.92
C LYS C 188 6.60 39.45 2.02
N ASP C 189 5.96 40.32 2.80
CA ASP C 189 6.69 41.07 3.81
C ASP C 189 6.52 40.47 5.20
N VAL C 190 5.98 39.26 5.30
CA VAL C 190 5.82 38.61 6.61
C VAL C 190 7.06 37.78 6.87
N ILE C 191 7.94 38.29 7.72
CA ILE C 191 9.09 37.52 8.16
C ILE C 191 8.68 36.60 9.30
N LYS C 192 9.20 35.38 9.27
CA LYS C 192 8.76 34.32 10.18
C LYS C 192 9.93 33.37 10.39
N MET C 193 9.76 32.43 11.32
CA MET C 193 10.80 31.45 11.60
C MET C 193 10.58 30.19 10.77
N GLY C 194 11.57 29.84 9.95
CA GLY C 194 11.64 28.49 9.43
C GLY C 194 11.82 27.47 10.54
N ARG C 195 11.38 26.25 10.26
CA ARG C 195 11.46 25.14 11.21
C ARG C 195 11.88 23.90 10.46
N THR C 196 12.90 23.20 10.97
CA THR C 196 13.24 21.87 10.46
C THR C 196 13.16 20.90 11.63
N GLN C 197 12.61 19.72 11.39
CA GLN C 197 12.41 18.71 12.44
C GLN C 197 11.51 19.26 13.56
N LEU C 198 10.68 20.25 13.21
CA LEU C 198 9.81 21.03 14.08
C LEU C 198 10.57 21.86 15.11
N GLN C 199 11.89 21.94 15.00
CA GLN C 199 12.69 22.83 15.86
C GLN C 199 12.97 24.13 15.12
N ASP C 200 13.12 25.22 15.90
CA ASP C 200 13.43 26.51 15.32
C ASP C 200 14.65 26.42 14.43
N ALA C 201 14.55 26.96 13.21
CA ALA C 201 15.67 26.94 12.28
C ALA C 201 16.23 28.35 12.08
N VAL C 202 15.94 29.00 10.95
CA VAL C 202 16.45 30.35 10.64
C VAL C 202 15.31 31.13 9.99
N PRO C 203 15.41 32.45 9.83
CA PRO C 203 14.28 33.22 9.30
C PRO C 203 14.01 32.96 7.82
N MET C 204 12.76 33.23 7.43
CA MET C 204 12.33 33.22 6.05
C MET C 204 11.14 34.16 5.95
N THR C 205 10.62 34.36 4.75
CA THR C 205 9.35 35.08 4.64
C THR C 205 8.24 34.11 4.24
N MET C 206 7.01 34.53 4.56
CA MET C 206 5.87 33.74 4.12
C MET C 206 5.71 33.78 2.62
N GLY C 207 6.18 34.85 1.97
CA GLY C 207 6.26 34.87 0.52
C GLY C 207 7.12 33.73 -0.01
N GLN C 208 8.29 33.53 0.60
CA GLN C 208 9.14 32.40 0.21
C GLN C 208 8.42 31.07 0.43
N GLU C 209 7.74 30.91 1.58
CA GLU C 209 7.09 29.65 1.88
C GLU C 209 5.93 29.36 0.93
N PHE C 210 5.09 30.36 0.66
CA PHE C 210 3.94 30.13 -0.21
C PHE C 210 4.34 30.05 -1.67
N ASN C 211 5.39 30.78 -2.10
CA ASN C 211 5.89 30.56 -3.45
C ASN C 211 6.48 29.16 -3.60
N ALA C 212 7.05 28.62 -2.52
CA ALA C 212 7.54 27.24 -2.57
C ALA C 212 6.37 26.26 -2.72
N PHE C 213 5.22 26.53 -2.07
CA PHE C 213 4.04 25.72 -2.31
C PHE C 213 3.65 25.76 -3.79
N ALA C 214 3.59 26.95 -4.36
CA ALA C 214 3.25 27.10 -5.77
C ALA C 214 4.25 26.37 -6.64
N ASN C 215 5.55 26.52 -6.35
CA ASN C 215 6.57 25.99 -7.24
C ASN C 215 6.68 24.48 -7.14
N THR C 216 6.46 23.89 -5.97
CA THR C 216 6.50 22.43 -5.92
C THR C 216 5.32 21.84 -6.65
N LEU C 217 4.15 22.49 -6.59
CA LEU C 217 2.99 22.01 -7.33
C LEU C 217 3.16 22.25 -8.83
N GLN C 218 3.82 23.34 -9.21
CA GLN C 218 4.09 23.58 -10.63
C GLN C 218 4.94 22.48 -11.24
N GLU C 219 5.84 21.87 -10.45
CA GLU C 219 6.61 20.73 -10.94
C GLU C 219 5.71 19.56 -11.32
N GLU C 220 4.52 19.50 -10.76
CA GLU C 220 3.64 18.38 -11.05
C GLU C 220 2.98 18.49 -12.41
N ILE C 221 2.94 19.69 -12.99
CA ILE C 221 2.36 19.84 -14.32
CA ILE C 221 2.38 19.84 -14.32
C ILE C 221 3.14 19.00 -15.33
N ALA C 222 4.47 19.14 -15.35
CA ALA C 222 5.25 18.35 -16.30
C ALA C 222 5.18 16.86 -15.98
N ARG C 223 5.13 16.49 -14.71
CA ARG C 223 5.04 15.07 -14.38
CA ARG C 223 5.03 15.07 -14.36
C ARG C 223 3.73 14.47 -14.87
N LEU C 224 2.61 15.15 -14.59
CA LEU C 224 1.32 14.64 -15.05
C LEU C 224 1.25 14.61 -16.56
N ASN C 225 1.73 15.67 -17.21
CA ASN C 225 1.65 15.75 -18.67
C ASN C 225 2.55 14.73 -19.36
N THR C 226 3.79 14.58 -18.89
CA THR C 226 4.66 13.63 -19.58
CA THR C 226 4.70 13.62 -19.51
C THR C 226 4.18 12.20 -19.38
N ASN C 227 3.60 11.88 -18.22
CA ASN C 227 3.09 10.53 -18.04
C ASN C 227 1.77 10.33 -18.80
N ALA C 228 0.91 11.35 -18.86
CA ALA C 228 -0.29 11.21 -19.68
C ALA C 228 0.04 11.08 -21.15
N ASP C 229 1.16 11.66 -21.60
CA ASP C 229 1.56 11.50 -23.00
C ASP C 229 1.80 10.04 -23.37
N LEU C 230 2.12 9.19 -22.38
CA LEU C 230 2.32 7.77 -22.65
C LEU C 230 1.03 7.13 -23.16
N PHE C 231 -0.14 7.69 -22.80
CA PHE C 231 -1.41 7.17 -23.30
C PHE C 231 -1.56 7.34 -24.81
N LEU C 232 -0.81 8.27 -25.42
CA LEU C 232 -0.97 8.49 -26.86
C LEU C 232 -0.45 7.33 -27.69
N GLU C 233 0.38 6.46 -27.13
CA GLU C 233 0.81 5.24 -27.83
C GLU C 233 -0.34 4.23 -27.75
N THR C 234 -0.95 3.93 -28.90
CA THR C 234 -2.18 3.15 -28.94
C THR C 234 -2.00 1.96 -29.87
N ASN C 235 -2.96 1.03 -29.85
CA ASN C 235 -2.77 -0.27 -30.51
C ASN C 235 -3.88 -0.61 -31.49
N MET C 236 -4.51 0.38 -32.12
CA MET C 236 -5.52 0.05 -33.13
C MET C 236 -4.90 -0.77 -34.25
N GLY C 237 -5.56 -1.89 -34.59
CA GLY C 237 -5.00 -2.85 -35.50
C GLY C 237 -4.45 -4.09 -34.82
N ALA C 238 -4.34 -4.09 -33.49
CA ALA C 238 -3.91 -5.29 -32.78
C ALA C 238 -4.91 -6.42 -32.94
N THR C 239 -6.20 -6.08 -33.10
CA THR C 239 -7.36 -6.98 -33.00
C THR C 239 -7.20 -7.84 -31.73
N ALA C 240 -7.36 -9.16 -31.80
CA ALA C 240 -7.60 -9.95 -30.59
C ALA C 240 -6.40 -9.98 -29.64
N ILE C 241 -5.18 -10.18 -30.16
CA ILE C 241 -4.03 -10.36 -29.28
C ILE C 241 -2.80 -9.57 -29.72
N GLY C 242 -2.91 -8.82 -30.81
CA GLY C 242 -1.77 -8.07 -31.32
C GLY C 242 -1.25 -8.55 -32.66
N THR C 243 -1.71 -9.70 -33.15
CA THR C 243 -1.28 -10.23 -34.45
C THR C 243 -1.93 -9.52 -35.63
N GLY C 244 -2.97 -8.72 -35.40
CA GLY C 244 -3.63 -8.08 -36.53
C GLY C 244 -4.49 -9.00 -37.35
N LEU C 245 -4.81 -10.20 -36.84
CA LEU C 245 -5.68 -11.11 -37.54
C LEU C 245 -7.00 -10.42 -37.89
N ASN C 246 -7.37 -10.49 -39.16
CA ASN C 246 -8.58 -9.94 -39.80
C ASN C 246 -8.45 -8.45 -40.10
N ALA C 247 -7.32 -7.82 -39.80
CA ALA C 247 -7.12 -6.45 -40.23
C ALA C 247 -6.35 -6.41 -41.55
N HIS C 248 -6.65 -5.39 -42.36
CA HIS C 248 -5.90 -5.10 -43.57
C HIS C 248 -4.50 -4.61 -43.19
N PRO C 249 -3.47 -4.94 -43.98
CA PRO C 249 -2.11 -4.50 -43.60
C PRO C 249 -1.92 -3.00 -43.45
N ASP C 250 -2.73 -2.19 -44.10
CA ASP C 250 -2.60 -0.74 -44.00
C ASP C 250 -3.51 -0.13 -42.94
N TYR C 251 -4.31 -0.95 -42.27
CA TYR C 251 -5.34 -0.44 -41.37
C TYR C 251 -4.74 0.20 -40.12
N ALA C 252 -3.73 -0.42 -39.50
CA ALA C 252 -3.26 0.08 -38.21
C ALA C 252 -2.74 1.51 -38.33
N VAL C 253 -1.92 1.77 -39.34
CA VAL C 253 -1.38 3.12 -39.51
C VAL C 253 -2.49 4.09 -39.90
N LYS C 254 -3.33 3.71 -40.87
CA LYS C 254 -4.37 4.64 -41.34
CA LYS C 254 -4.36 4.63 -41.34
C LYS C 254 -5.40 4.91 -40.26
N CYS C 255 -5.78 3.89 -39.49
CA CYS C 255 -6.77 4.12 -38.43
C CYS C 255 -6.20 5.02 -37.35
N THR C 256 -4.92 4.86 -37.00
CA THR C 256 -4.31 5.72 -36.00
C THR C 256 -4.27 7.17 -36.48
N GLU C 257 -3.90 7.38 -37.75
CA GLU C 257 -3.91 8.73 -38.30
C GLU C 257 -5.31 9.32 -38.30
N ASN C 258 -6.31 8.53 -38.69
CA ASN C 258 -7.68 9.04 -38.71
C ASN C 258 -8.15 9.37 -37.31
N LEU C 259 -7.75 8.54 -36.34
CA LEU C 259 -8.14 8.75 -34.96
C LEU C 259 -7.51 10.02 -34.39
N ALA C 260 -6.25 10.30 -34.76
CA ALA C 260 -5.62 11.53 -34.30
C ALA C 260 -6.35 12.76 -34.83
N LYS C 261 -6.80 12.70 -36.09
CA LYS C 261 -7.52 13.83 -36.68
C LYS C 261 -8.91 13.99 -36.05
N ILE C 262 -9.62 12.87 -35.85
CA ILE C 262 -10.97 12.92 -35.31
C ILE C 262 -10.96 13.36 -33.84
N SER C 263 -10.06 12.79 -33.04
CA SER C 263 -10.04 13.07 -31.61
C SER C 263 -9.35 14.38 -31.27
N GLY C 264 -8.46 14.86 -32.12
CA GLY C 264 -7.64 16.00 -31.77
C GLY C 264 -6.50 15.69 -30.83
N ALA C 265 -6.29 14.42 -30.49
CA ALA C 265 -5.16 13.97 -29.69
C ALA C 265 -4.13 13.32 -30.60
N ASP C 266 -2.86 13.57 -30.31
CA ASP C 266 -1.79 13.12 -31.22
C ASP C 266 -1.42 11.66 -30.94
N VAL C 267 -2.39 10.77 -31.17
CA VAL C 267 -2.12 9.34 -30.95
C VAL C 267 -1.14 8.84 -32.00
N VAL C 268 -0.32 7.86 -31.60
CA VAL C 268 0.64 7.20 -32.46
C VAL C 268 0.51 5.70 -32.26
N LEU C 269 1.03 4.95 -33.23
CA LEU C 269 0.87 3.49 -33.24
C LEU C 269 2.03 2.84 -32.52
N ALA C 270 1.71 2.02 -31.51
CA ALA C 270 2.73 1.22 -30.83
C ALA C 270 3.52 0.38 -31.82
N SER C 271 4.83 0.30 -31.60
CA SER C 271 5.70 -0.40 -32.55
CA SER C 271 5.72 -0.40 -32.52
C SER C 271 5.56 -1.92 -32.49
N ASP C 272 5.09 -2.47 -31.38
CA ASP C 272 4.84 -3.91 -31.25
C ASP C 272 3.43 -4.06 -30.67
N LEU C 273 2.47 -4.44 -31.51
CA LEU C 273 1.10 -4.58 -31.05
C LEU C 273 0.91 -5.80 -30.16
N VAL C 274 1.76 -6.82 -30.31
CA VAL C 274 1.69 -7.95 -29.38
C VAL C 274 2.12 -7.52 -27.99
N GLU C 275 3.16 -6.69 -27.91
CA GLU C 275 3.57 -6.10 -26.64
C GLU C 275 2.48 -5.22 -26.05
N ALA C 276 1.83 -4.42 -26.90
CA ALA C 276 0.93 -3.38 -26.39
C ALA C 276 -0.35 -3.95 -25.82
N THR C 277 -0.79 -5.09 -26.32
CA THR C 277 -2.15 -5.52 -26.01
C THR C 277 -2.32 -5.91 -24.54
N PRO C 278 -1.38 -6.60 -23.88
CA PRO C 278 -1.49 -6.80 -22.42
C PRO C 278 -0.83 -5.73 -21.56
N ASP C 279 -0.38 -4.61 -22.14
CA ASP C 279 0.49 -3.65 -21.45
C ASP C 279 -0.34 -2.64 -20.66
N THR C 280 -0.15 -2.64 -19.34
CA THR C 280 -0.83 -1.68 -18.47
C THR C 280 0.13 -0.69 -17.83
N GLY C 281 1.39 -0.65 -18.30
CA GLY C 281 2.39 0.20 -17.65
C GLY C 281 2.06 1.68 -17.65
N ALA C 282 1.43 2.18 -18.72
CA ALA C 282 1.13 3.60 -18.76
C ALA C 282 0.17 3.99 -17.64
N TYR C 283 -0.83 3.15 -17.38
CA TYR C 283 -1.77 3.45 -16.30
C TYR C 283 -1.06 3.46 -14.95
N VAL C 284 -0.11 2.55 -14.76
CA VAL C 284 0.56 2.44 -13.47
C VAL C 284 1.37 3.71 -13.18
N ILE C 285 2.15 4.16 -14.17
CA ILE C 285 3.00 5.31 -13.90
C ILE C 285 2.20 6.60 -13.90
N TYR C 286 1.12 6.69 -14.67
CA TYR C 286 0.27 7.87 -14.58
C TYR C 286 -0.42 7.95 -13.22
N SER C 287 -0.99 6.84 -12.77
CA SER C 287 -1.56 6.82 -11.42
C SER C 287 -0.51 7.18 -10.38
N SER C 288 0.73 6.73 -10.59
CA SER C 288 1.81 7.10 -9.66
C SER C 288 2.09 8.60 -9.68
N ALA C 289 1.99 9.24 -10.85
CA ALA C 289 2.19 10.68 -10.91
C ALA C 289 1.08 11.41 -10.17
N MET C 290 -0.16 10.92 -10.28
CA MET C 290 -1.24 11.47 -9.46
C MET C 290 -0.94 11.27 -7.98
N LYS C 291 -0.42 10.09 -7.61
CA LYS C 291 -0.09 9.83 -6.21
C LYS C 291 0.98 10.78 -5.72
N ARG C 292 2.02 11.00 -6.53
CA ARG C 292 3.06 11.95 -6.15
C ARG C 292 2.47 13.32 -5.89
N MET C 293 1.58 13.79 -6.78
CA MET C 293 1.00 15.11 -6.59
CA MET C 293 1.00 15.11 -6.59
C MET C 293 0.13 15.15 -5.34
N ALA C 294 -0.65 14.07 -5.10
CA ALA C 294 -1.47 13.99 -3.90
C ALA C 294 -0.62 13.99 -2.63
N VAL C 295 0.55 13.34 -2.67
CA VAL C 295 1.44 13.35 -1.51
C VAL C 295 1.92 14.77 -1.22
N LYS C 296 2.27 15.53 -2.26
CA LYS C 296 2.68 16.92 -2.10
C LYS C 296 1.53 17.78 -1.58
N LEU C 297 0.35 17.62 -2.18
CA LEU C 297 -0.81 18.38 -1.74
CA LEU C 297 -0.83 18.37 -1.74
C LEU C 297 -1.13 18.09 -0.27
N SER C 298 -1.04 16.83 0.13
CA SER C 298 -1.31 16.47 1.51
C SER C 298 -0.31 17.12 2.45
N LYS C 299 0.98 17.08 2.09
CA LYS C 299 2.01 17.71 2.90
C LYS C 299 1.72 19.20 3.07
N ILE C 300 1.36 19.88 1.99
CA ILE C 300 1.05 21.31 2.07
C ILE C 300 -0.14 21.54 3.00
N CYS C 301 -1.16 20.69 2.90
CA CYS C 301 -2.31 20.84 3.78
C CYS C 301 -1.94 20.57 5.23
N ASN C 302 -1.06 19.59 5.48
CA ASN C 302 -0.57 19.35 6.83
C ASN C 302 0.13 20.60 7.36
N ASP C 303 0.95 21.25 6.51
CA ASP C 303 1.63 22.48 6.91
C ASP C 303 0.61 23.55 7.28
N LEU C 304 -0.43 23.71 6.45
CA LEU C 304 -1.41 24.76 6.72
C LEU C 304 -2.14 24.52 8.03
N ARG C 305 -2.50 23.27 8.32
CA ARG C 305 -3.17 22.99 9.58
C ARG C 305 -2.26 23.27 10.77
N LEU C 306 -0.96 23.00 10.62
CA LEU C 306 0.00 23.27 11.69
C LEU C 306 0.24 24.76 11.89
N LEU C 307 0.43 25.50 10.79
CA LEU C 307 0.68 26.93 10.93
C LEU C 307 -0.54 27.67 11.43
N ALA C 308 -1.76 27.15 11.19
CA ALA C 308 -2.99 27.74 11.67
C ALA C 308 -3.35 27.37 13.10
N SER C 309 -2.56 26.50 13.74
CA SER C 309 -2.88 26.03 15.08
C SER C 309 -2.96 27.21 16.04
N GLY C 310 -3.87 27.08 17.02
CA GLY C 310 -4.11 28.16 17.94
C GLY C 310 -5.55 28.14 18.42
N PRO C 311 -6.06 29.29 18.90
CA PRO C 311 -5.45 30.62 18.80
C PRO C 311 -4.44 30.97 19.91
N ARG C 312 -4.47 30.29 21.05
CA ARG C 312 -3.64 30.69 22.18
C ARG C 312 -2.62 29.65 22.62
N ALA C 313 -2.72 28.40 22.15
CA ALA C 313 -1.80 27.34 22.53
C ALA C 313 -1.16 26.68 21.32
N GLY C 314 -1.08 27.40 20.21
CA GLY C 314 -0.50 26.86 18.98
C GLY C 314 0.59 27.74 18.41
N LEU C 315 0.87 27.56 17.10
CA LEU C 315 1.83 28.41 16.44
C LEU C 315 1.20 29.72 15.98
N TYR C 316 0.00 29.65 15.41
CA TYR C 316 -0.85 30.82 15.11
C TYR C 316 -0.16 31.80 14.18
N GLU C 317 0.53 31.28 13.16
CA GLU C 317 1.15 32.15 12.17
C GLU C 317 0.15 32.66 11.15
N ILE C 318 -0.87 31.86 10.85
CA ILE C 318 -1.81 32.21 9.79
C ILE C 318 -3.24 31.98 10.28
N ASN C 319 -4.16 32.63 9.58
CA ASN C 319 -5.60 32.50 9.77
C ASN C 319 -6.20 31.96 8.48
N LEU C 320 -6.97 30.86 8.58
CA LEU C 320 -7.71 30.33 7.45
C LEU C 320 -9.13 30.84 7.50
N PRO C 321 -9.74 31.08 6.34
CA PRO C 321 -11.15 31.49 6.32
C PRO C 321 -12.02 30.54 7.13
N LYS C 322 -12.92 31.12 7.92
CA LYS C 322 -13.75 30.38 8.87
C LYS C 322 -15.00 29.92 8.14
N MET C 323 -15.14 28.61 7.93
CA MET C 323 -16.17 28.12 7.01
C MET C 323 -17.36 27.47 7.70
N GLN C 324 -17.23 27.08 8.97
CA GLN C 324 -18.34 26.52 9.73
C GLN C 324 -17.90 26.45 11.19
N PRO C 325 -18.85 26.38 12.13
CA PRO C 325 -18.45 26.27 13.54
C PRO C 325 -17.63 25.02 13.78
N GLY C 326 -16.56 25.17 14.57
CA GLY C 326 -15.68 24.04 14.81
C GLY C 326 -16.28 22.95 15.67
N SER C 327 -17.10 23.32 16.66
CA SER C 327 -17.43 22.34 17.69
C SER C 327 -18.85 22.46 18.19
N SER C 328 -19.46 21.29 18.46
CA SER C 328 -20.76 21.24 19.11
C SER C 328 -20.67 21.57 20.60
N ILE C 329 -19.47 21.54 21.18
CA ILE C 329 -19.31 21.73 22.61
C ILE C 329 -18.35 22.87 22.94
N MET C 330 -17.26 23.04 22.18
CA MET C 330 -16.25 24.04 22.49
C MET C 330 -16.58 25.37 21.81
N PRO C 331 -17.02 26.38 22.55
CA PRO C 331 -17.52 27.61 21.91
C PRO C 331 -16.39 28.41 21.29
N GLY C 332 -16.69 28.98 20.11
CA GLY C 332 -15.75 29.83 19.41
C GLY C 332 -14.71 29.09 18.59
N LYS C 333 -14.54 27.80 18.81
CA LYS C 333 -13.55 27.01 18.09
C LYS C 333 -13.90 26.94 16.62
N VAL C 334 -12.88 27.09 15.76
CA VAL C 334 -13.05 26.96 14.31
C VAL C 334 -11.87 26.16 13.78
N ASN C 335 -12.16 25.12 12.99
CA ASN C 335 -11.16 24.12 12.61
C ASN C 335 -10.78 24.22 11.14
N PRO C 336 -9.60 23.71 10.76
CA PRO C 336 -9.11 23.84 9.37
C PRO C 336 -9.74 22.81 8.45
N VAL C 337 -11.07 22.91 8.30
CA VAL C 337 -11.84 21.84 7.68
C VAL C 337 -11.53 21.70 6.19
N ILE C 338 -11.09 22.77 5.53
CA ILE C 338 -10.84 22.69 4.08
C ILE C 338 -9.53 21.93 3.84
N PRO C 339 -8.39 22.28 4.45
CA PRO C 339 -7.23 21.39 4.33
C PRO C 339 -7.53 19.94 4.74
N GLU C 340 -8.33 19.74 5.80
CA GLU C 340 -8.65 18.37 6.24
C GLU C 340 -9.32 17.56 5.15
N VAL C 341 -10.31 18.14 4.45
CA VAL C 341 -10.98 17.34 3.43
C VAL C 341 -10.03 17.04 2.27
N VAL C 342 -9.09 17.95 1.98
CA VAL C 342 -8.09 17.68 0.94
C VAL C 342 -7.18 16.52 1.36
N ASN C 343 -6.70 16.53 2.62
CA ASN C 343 -5.91 15.40 3.11
C ASN C 343 -6.62 14.09 2.84
N GLN C 344 -7.92 14.05 3.16
CA GLN C 344 -8.68 12.81 3.03
C GLN C 344 -8.79 12.37 1.59
N VAL C 345 -8.99 13.32 0.67
CA VAL C 345 -8.98 12.98 -0.75
C VAL C 345 -7.63 12.41 -1.14
N CYS C 346 -6.53 12.99 -0.63
CA CYS C 346 -5.21 12.50 -0.96
C CYS C 346 -5.02 11.05 -0.50
N PHE C 347 -5.53 10.71 0.69
CA PHE C 347 -5.44 9.34 1.16
C PHE C 347 -6.25 8.39 0.26
N LYS C 348 -7.41 8.85 -0.23
CA LYS C 348 -8.17 8.04 -1.17
C LYS C 348 -7.40 7.83 -2.48
N VAL C 349 -6.71 8.87 -2.97
CA VAL C 349 -5.91 8.73 -4.20
C VAL C 349 -4.81 7.69 -4.00
N ILE C 350 -4.16 7.71 -2.85
CA ILE C 350 -3.08 6.76 -2.57
C ILE C 350 -3.61 5.33 -2.54
N GLY C 351 -4.76 5.12 -1.89
CA GLY C 351 -5.38 3.81 -1.89
C GLY C 351 -5.77 3.35 -3.28
N ASN C 352 -6.42 4.24 -4.04
CA ASN C 352 -6.79 3.91 -5.42
C ASN C 352 -5.57 3.54 -6.25
N ASP C 353 -4.42 4.15 -5.95
CA ASP C 353 -3.20 3.81 -6.66
C ASP C 353 -2.75 2.38 -6.35
N LEU C 354 -2.98 1.91 -5.12
CA LEU C 354 -2.68 0.51 -4.83
C LEU C 354 -3.62 -0.43 -5.59
N THR C 355 -4.90 -0.06 -5.68
CA THR C 355 -5.82 -0.86 -6.49
C THR C 355 -5.32 -0.98 -7.93
N VAL C 356 -4.83 0.12 -8.50
CA VAL C 356 -4.27 0.11 -9.85
C VAL C 356 -3.10 -0.87 -9.94
N THR C 357 -2.23 -0.86 -8.92
CA THR C 357 -1.05 -1.73 -8.91
C THR C 357 -1.43 -3.20 -8.89
N PHE C 358 -2.38 -3.58 -8.03
CA PHE C 358 -2.85 -4.97 -8.03
C PHE C 358 -3.47 -5.33 -9.38
N ALA C 359 -4.31 -4.45 -9.92
CA ALA C 359 -4.93 -4.75 -11.21
C ALA C 359 -3.88 -4.95 -12.30
N ALA C 360 -2.86 -4.09 -12.34
CA ALA C 360 -1.81 -4.22 -13.35
C ALA C 360 -1.02 -5.52 -13.18
N GLU C 361 -0.68 -5.88 -11.95
CA GLU C 361 0.13 -7.07 -11.74
C GLU C 361 -0.64 -8.35 -12.06
N ALA C 362 -1.96 -8.28 -12.21
CA ALA C 362 -2.81 -9.45 -12.44
C ALA C 362 -2.95 -9.82 -13.92
N GLY C 363 -2.24 -9.13 -14.82
CA GLY C 363 -2.34 -9.48 -16.23
C GLY C 363 -1.83 -10.89 -16.51
N GLN C 364 -2.42 -11.53 -17.53
CA GLN C 364 -2.04 -12.90 -17.86
C GLN C 364 -1.91 -13.07 -19.36
N LEU C 365 -0.75 -13.53 -19.81
CA LEU C 365 -0.54 -13.87 -21.21
C LEU C 365 -0.95 -12.69 -22.10
N GLN C 366 -1.91 -12.88 -23.00
CA GLN C 366 -2.15 -11.88 -24.03
C GLN C 366 -3.14 -10.78 -23.63
N LEU C 367 -3.61 -10.75 -22.38
CA LEU C 367 -4.54 -9.68 -22.00
C LEU C 367 -4.53 -9.48 -20.50
N ASN C 368 -4.72 -8.22 -20.08
CA ASN C 368 -5.01 -7.92 -18.68
C ASN C 368 -6.50 -7.66 -18.57
N VAL C 369 -7.20 -8.49 -17.79
CA VAL C 369 -8.66 -8.40 -17.71
C VAL C 369 -9.12 -7.46 -16.59
N MET C 370 -8.20 -6.85 -15.86
CA MET C 370 -8.56 -6.09 -14.67
C MET C 370 -8.63 -4.58 -14.93
N GLU C 371 -8.66 -4.18 -16.20
CA GLU C 371 -8.67 -2.76 -16.54
C GLU C 371 -9.93 -2.01 -16.10
N PRO C 372 -11.12 -2.63 -16.00
CA PRO C 372 -12.27 -1.82 -15.55
C PRO C 372 -12.08 -1.19 -14.18
N VAL C 373 -11.65 -1.97 -13.17
CA VAL C 373 -11.50 -1.35 -11.85
C VAL C 373 -10.30 -0.40 -11.83
N LEU C 374 -9.28 -0.70 -12.63
CA LEU C 374 -8.13 0.19 -12.77
C LEU C 374 -8.57 1.54 -13.30
N THR C 375 -9.37 1.54 -14.39
CA THR C 375 -9.88 2.78 -14.97
C THR C 375 -10.85 3.49 -14.03
N GLN C 376 -11.74 2.73 -13.40
CA GLN C 376 -12.67 3.29 -12.42
C GLN C 376 -11.94 4.04 -11.33
N SER C 377 -10.82 3.47 -10.86
CA SER C 377 -10.09 4.06 -9.75
C SER C 377 -9.34 5.32 -10.19
N ILE C 378 -8.69 5.29 -11.35
CA ILE C 378 -8.01 6.49 -11.85
C ILE C 378 -9.01 7.62 -12.08
N MET C 379 -10.15 7.30 -12.70
CA MET C 379 -11.13 8.35 -12.96
C MET C 379 -11.73 8.90 -11.68
N GLU C 380 -11.92 8.05 -10.66
CA GLU C 380 -12.40 8.56 -9.38
C GLU C 380 -11.36 9.48 -8.75
N SER C 381 -10.09 9.10 -8.80
CA SER C 381 -9.03 9.95 -8.26
C SER C 381 -8.97 11.30 -8.98
N ILE C 382 -9.07 11.30 -10.32
CA ILE C 382 -9.04 12.56 -11.05
C ILE C 382 -10.19 13.47 -10.61
N ARG C 383 -11.39 12.91 -10.50
CA ARG C 383 -12.55 13.71 -10.13
C ARG C 383 -12.43 14.25 -8.70
N PHE C 384 -12.03 13.39 -7.75
CA PHE C 384 -11.90 13.85 -6.37
C PHE C 384 -10.81 14.91 -6.24
N LEU C 385 -9.70 14.74 -6.98
CA LEU C 385 -8.60 15.70 -6.89
C LEU C 385 -9.00 17.06 -7.46
N LYS C 386 -9.71 17.07 -8.59
CA LYS C 386 -10.20 18.34 -9.13
C LYS C 386 -11.11 19.04 -8.13
N ASN C 387 -12.02 18.29 -7.49
CA ASN C 387 -12.90 18.91 -6.52
C ASN C 387 -12.13 19.39 -5.30
N ALA C 388 -11.16 18.60 -4.83
CA ALA C 388 -10.36 19.01 -3.67
C ALA C 388 -9.55 20.25 -3.97
N MET C 389 -8.93 20.33 -5.16
CA MET C 389 -8.10 21.49 -5.48
C MET C 389 -8.95 22.76 -5.61
N ASP C 390 -10.10 22.68 -6.28
CA ASP C 390 -10.99 23.84 -6.36
C ASP C 390 -11.43 24.30 -4.98
N THR C 391 -11.77 23.35 -4.10
CA THR C 391 -12.20 23.68 -2.74
C THR C 391 -11.08 24.36 -1.96
N LEU C 392 -9.87 23.82 -2.05
CA LEU C 392 -8.74 24.39 -1.33
C LEU C 392 -8.48 25.83 -1.79
N ARG C 393 -8.49 26.04 -3.12
CA ARG C 393 -8.27 27.38 -3.66
C ARG C 393 -9.36 28.34 -3.21
N GLU C 394 -10.62 28.00 -3.45
CA GLU C 394 -11.72 28.96 -3.29
C GLU C 394 -12.05 29.21 -1.83
N LYS C 395 -12.02 28.17 -0.99
CA LYS C 395 -12.50 28.28 0.38
C LYS C 395 -11.36 28.30 1.40
N CYS C 396 -10.10 28.36 0.94
CA CYS C 396 -9.01 28.47 1.88
C CYS C 396 -7.90 29.40 1.38
N ILE C 397 -7.18 29.02 0.32
CA ILE C 397 -5.95 29.72 -0.04
C ILE C 397 -6.23 31.19 -0.32
N ASP C 398 -7.28 31.49 -1.08
CA ASP C 398 -7.55 32.86 -1.50
C ASP C 398 -7.69 33.81 -0.32
N GLY C 399 -8.23 33.34 0.81
CA GLY C 399 -8.51 34.20 1.93
C GLY C 399 -7.57 34.10 3.11
N ILE C 400 -6.44 33.41 2.97
CA ILE C 400 -5.51 33.29 4.10
C ILE C 400 -4.95 34.65 4.48
N THR C 401 -4.81 34.89 5.78
CA THR C 401 -4.07 36.05 6.27
C THR C 401 -3.01 35.58 7.26
N ALA C 402 -2.06 36.46 7.53
CA ALA C 402 -0.99 36.18 8.47
C ALA C 402 -1.18 36.99 9.74
N ASN C 403 -0.62 36.47 10.83
CA ASN C 403 -0.49 37.21 12.09
C ASN C 403 0.93 37.75 12.10
N LYS C 404 1.09 38.93 11.50
CA LYS C 404 2.42 39.44 11.17
C LYS C 404 3.25 39.71 12.42
N GLU C 405 2.66 40.33 13.45
CA GLU C 405 3.44 40.66 14.64
CA GLU C 405 3.42 40.66 14.65
C GLU C 405 3.82 39.40 15.41
N ILE C 406 2.93 38.41 15.46
CA ILE C 406 3.26 37.14 16.11
C ILE C 406 4.48 36.52 15.44
N CYS C 407 4.49 36.49 14.11
CA CYS C 407 5.62 35.90 13.39
C CYS C 407 6.90 36.70 13.61
N LEU C 408 6.80 38.03 13.53
CA LEU C 408 7.99 38.87 13.68
C LEU C 408 8.60 38.71 15.07
N ASN C 409 7.76 38.65 16.11
CA ASN C 409 8.28 38.48 17.46
C ASN C 409 8.94 37.11 17.65
N MET C 410 8.44 36.08 16.98
CA MET C 410 9.14 34.79 17.03
C MET C 410 10.55 34.93 16.49
N VAL C 411 10.73 35.67 15.39
CA VAL C 411 12.06 35.86 14.84
C VAL C 411 12.92 36.68 15.79
N LYS C 412 12.38 37.80 16.29
CA LYS C 412 13.14 38.68 17.17
C LYS C 412 13.59 37.98 18.45
N ASN C 413 12.80 37.03 18.95
CA ASN C 413 13.08 36.35 20.21
C ASN C 413 13.77 35.01 20.00
N SER C 414 14.15 34.68 18.79
CA SER C 414 14.69 33.36 18.54
CA SER C 414 14.71 33.39 18.46
C SER C 414 16.17 33.28 18.90
N ILE C 415 16.60 32.04 19.13
CA ILE C 415 18.02 31.75 19.26
C ILE C 415 18.61 31.46 17.88
N GLY C 416 17.80 30.93 16.96
CA GLY C 416 18.30 30.45 15.67
C GLY C 416 18.99 31.50 14.80
N ILE C 417 18.71 32.78 15.03
CA ILE C 417 19.42 33.83 14.30
CA ILE C 417 19.42 33.82 14.30
C ILE C 417 20.91 33.81 14.59
N VAL C 418 21.34 33.11 15.64
CA VAL C 418 22.77 32.95 15.95
C VAL C 418 23.50 32.30 14.79
N THR C 419 22.78 31.53 13.96
CA THR C 419 23.38 30.87 12.80
C THR C 419 24.10 31.86 11.90
N ALA C 420 23.58 33.09 11.81
CA ALA C 420 24.16 34.11 10.94
C ALA C 420 25.56 34.53 11.41
N LEU C 421 25.94 34.20 12.64
CA LEU C 421 27.25 34.58 13.15
C LEU C 421 28.36 33.62 12.75
N ASN C 422 28.04 32.42 12.25
CA ASN C 422 29.08 31.43 11.97
C ASN C 422 30.22 31.96 11.11
N PRO C 423 29.99 32.70 10.02
CA PRO C 423 31.12 33.15 9.19
C PRO C 423 32.04 34.11 9.89
N TYR C 424 31.60 34.72 10.98
CA TYR C 424 32.36 35.74 11.69
C TYR C 424 33.02 35.25 12.95
N ILE C 425 32.42 34.29 13.66
CA ILE C 425 32.97 33.86 14.94
C ILE C 425 33.21 32.35 15.01
N GLY C 426 32.78 31.61 13.98
CA GLY C 426 32.97 30.17 13.96
C GLY C 426 31.92 29.41 14.77
N TYR C 427 31.74 28.13 14.40
CA TYR C 427 30.64 27.34 14.94
C TYR C 427 30.80 27.07 16.43
N LYS C 428 32.03 26.91 16.91
CA LYS C 428 32.25 26.69 18.35
C LYS C 428 31.77 27.89 19.16
N ASN C 429 32.15 29.10 18.75
CA ASN C 429 31.73 30.29 19.49
C ASN C 429 30.23 30.52 19.35
N SER C 430 29.67 30.31 18.14
CA SER C 430 28.23 30.44 17.99
C SER C 430 27.48 29.45 18.88
N THR C 431 28.01 28.23 19.00
CA THR C 431 27.40 27.24 19.89
C THR C 431 27.41 27.73 21.33
N LYS C 432 28.54 28.30 21.77
CA LYS C 432 28.62 28.82 23.13
C LYS C 432 27.57 29.90 23.38
N ILE C 433 27.39 30.81 22.42
CA ILE C 433 26.39 31.85 22.54
C ILE C 433 24.99 31.24 22.56
N ALA C 434 24.73 30.29 21.66
CA ALA C 434 23.41 29.66 21.59
C ALA C 434 23.06 28.95 22.89
N LYS C 435 24.02 28.19 23.45
CA LYS C 435 23.73 27.48 24.67
CA LYS C 435 23.78 27.48 24.70
C LYS C 435 23.50 28.44 25.83
N GLU C 436 24.26 29.52 25.90
CA GLU C 436 24.04 30.49 26.97
C GLU C 436 22.69 31.19 26.82
N ALA C 437 22.28 31.48 25.58
CA ALA C 437 20.97 32.08 25.35
C ALA C 437 19.85 31.15 25.83
N LEU C 438 19.93 29.86 25.48
CA LEU C 438 18.92 28.92 25.93
C LEU C 438 18.90 28.80 27.46
N ASP C 439 20.09 28.69 28.07
CA ASP C 439 20.15 28.43 29.50
C ASP C 439 19.73 29.65 30.31
N THR C 440 20.04 30.87 29.84
CA THR C 440 19.81 32.08 30.62
C THR C 440 18.61 32.88 30.18
N GLY C 441 18.14 32.70 28.94
CA GLY C 441 17.12 33.56 28.39
C GLY C 441 17.60 34.89 27.86
N LYS C 442 18.88 35.21 28.00
CA LYS C 442 19.43 36.44 27.45
C LYS C 442 19.47 36.36 25.93
N SER C 443 19.33 37.52 25.28
CA SER C 443 19.27 37.53 23.82
C SER C 443 20.63 37.24 23.20
N VAL C 444 20.61 36.60 22.03
CA VAL C 444 21.83 36.37 21.27
C VAL C 444 22.57 37.69 21.07
N TYR C 445 21.84 38.73 20.68
CA TYR C 445 22.45 40.04 20.43
C TYR C 445 23.22 40.52 21.66
N ASP C 446 22.57 40.52 22.83
CA ASP C 446 23.22 41.01 24.04
C ASP C 446 24.43 40.16 24.40
N LEU C 447 24.32 38.84 24.25
CA LEU C 447 25.44 37.97 24.61
C LEU C 447 26.65 38.20 23.73
N VAL C 448 26.44 38.42 22.43
CA VAL C 448 27.57 38.67 21.53
C VAL C 448 28.34 39.91 21.97
N LEU C 449 27.63 40.98 22.34
CA LEU C 449 28.31 42.19 22.79
C LEU C 449 28.98 41.99 24.15
N GLU C 450 28.36 41.22 25.05
CA GLU C 450 28.96 40.97 26.35
C GLU C 450 30.27 40.20 26.21
N HIS C 451 30.39 39.36 25.18
CA HIS C 451 31.61 38.61 24.92
C HIS C 451 32.59 39.37 24.04
N GLU C 452 32.27 40.60 23.63
CA GLU C 452 33.15 41.45 22.81
C GLU C 452 33.54 40.77 21.50
N LEU C 453 32.64 39.96 20.95
CA LEU C 453 32.95 39.19 19.76
C LEU C 453 32.89 40.06 18.49
N LEU C 454 31.94 40.97 18.44
CA LEU C 454 31.68 41.78 17.27
C LEU C 454 31.31 43.19 17.70
N SER C 455 31.61 44.16 16.84
CA SER C 455 31.18 45.53 17.10
C SER C 455 29.67 45.62 16.94
N LYS C 456 29.09 46.60 17.63
CA LYS C 456 27.66 46.84 17.51
C LYS C 456 27.27 47.13 16.06
N GLU C 457 28.08 47.93 15.36
CA GLU C 457 27.76 48.29 13.97
C GLU C 457 27.70 47.05 13.09
N LYS C 458 28.68 46.16 13.22
CA LYS C 458 28.67 44.94 12.43
C LYS C 458 27.54 44.02 12.87
N LEU C 459 27.32 43.90 14.18
CA LEU C 459 26.29 43.01 14.69
C LEU C 459 24.90 43.44 14.22
N ASP C 460 24.66 44.75 14.17
CA ASP C 460 23.36 45.25 13.72
C ASP C 460 23.06 44.82 12.28
N GLU C 461 24.08 44.72 11.44
CA GLU C 461 23.87 44.29 10.06
C GLU C 461 23.70 42.77 9.98
N ILE C 462 24.58 42.03 10.68
CA ILE C 462 24.57 40.58 10.58
C ILE C 462 23.25 40.01 11.09
N LEU C 463 22.73 40.54 12.20
CA LEU C 463 21.58 39.95 12.85
C LEU C 463 20.26 40.57 12.41
N ALA C 464 20.29 41.47 11.44
CA ALA C 464 19.04 41.96 10.86
C ALA C 464 18.36 40.82 10.11
N PRO C 465 17.13 40.43 10.48
CA PRO C 465 16.51 39.29 9.80
C PRO C 465 16.35 39.52 8.31
N GLU C 466 16.17 40.78 7.90
CA GLU C 466 16.08 41.08 6.47
C GLU C 466 17.36 40.74 5.72
N ASN C 467 18.49 40.60 6.42
CA ASN C 467 19.74 40.22 5.79
C ASN C 467 19.99 38.72 5.86
N MET C 468 19.01 37.91 6.28
CA MET C 468 19.16 36.46 6.37
C MET C 468 18.34 35.71 5.34
N LEU C 469 17.69 36.43 4.44
CA LEU C 469 16.74 35.83 3.51
C LEU C 469 17.37 35.44 2.18
N ASN C 470 18.63 35.81 1.96
CA ASN C 470 19.34 35.62 0.71
C ASN C 470 20.81 35.42 1.02
N PRO C 471 21.57 34.82 0.11
CA PRO C 471 23.03 34.84 0.26
C PRO C 471 23.58 36.25 0.13
N HIS C 472 24.68 36.51 0.82
N HIS C 472 24.68 36.49 0.83
CA HIS C 472 25.35 37.79 0.66
CA HIS C 472 25.35 37.78 0.80
C HIS C 472 26.81 37.65 1.09
C HIS C 472 26.85 37.57 0.97
N THR C 473 27.63 38.58 0.61
CA THR C 473 29.03 38.60 0.98
C THR C 473 29.16 39.01 2.44
N LYS C 474 30.29 38.64 3.03
CA LYS C 474 30.50 38.89 4.46
C LYS C 474 30.55 40.38 4.75
N PHE C 475 29.84 40.79 5.80
CA PHE C 475 29.86 42.18 6.26
C PHE C 475 31.21 42.54 6.91
N ASN D 10 -39.56 33.36 2.35
CA ASN D 10 -40.61 32.53 1.77
C ASN D 10 -40.18 31.07 1.71
N ASP D 11 -39.41 30.72 0.68
CA ASP D 11 -38.92 29.34 0.53
C ASP D 11 -37.68 29.06 1.37
N TYR D 12 -37.29 29.99 2.24
CA TYR D 12 -36.15 29.84 3.12
CA TYR D 12 -36.17 29.79 3.14
C TYR D 12 -36.53 30.30 4.52
N ARG D 13 -35.76 29.86 5.50
CA ARG D 13 -35.76 30.46 6.83
C ARG D 13 -34.31 30.79 7.12
N ILE D 14 -34.08 31.71 8.06
CA ILE D 14 -32.73 32.16 8.39
C ILE D 14 -32.36 31.62 9.76
N GLU D 15 -31.22 30.96 9.85
CA GLU D 15 -30.70 30.42 11.10
C GLU D 15 -29.34 31.03 11.40
N SER D 16 -28.87 30.85 12.63
CA SER D 16 -27.69 31.54 13.14
CA SER D 16 -27.70 31.54 13.14
C SER D 16 -26.74 30.57 13.82
N ASP D 17 -25.44 30.76 13.58
CA ASP D 17 -24.42 30.02 14.32
C ASP D 17 -23.21 30.93 14.54
N LEU D 18 -22.12 30.34 15.02
CA LEU D 18 -20.90 31.09 15.33
C LEU D 18 -20.43 31.90 14.13
N ILE D 19 -20.59 31.37 12.92
CA ILE D 19 -20.09 32.06 11.73
C ILE D 19 -20.99 33.23 11.36
N GLY D 20 -22.30 33.09 11.56
CA GLY D 20 -23.25 34.13 11.21
C GLY D 20 -24.58 33.54 10.84
N GLU D 21 -25.34 34.29 10.05
CA GLU D 21 -26.68 33.89 9.62
C GLU D 21 -26.64 33.34 8.20
N LEU D 22 -27.55 32.41 7.92
CA LEU D 22 -27.55 31.72 6.63
C LEU D 22 -28.96 31.26 6.33
N LYS D 23 -29.35 31.30 5.05
CA LYS D 23 -30.61 30.73 4.63
C LYS D 23 -30.55 29.21 4.59
N VAL D 24 -31.64 28.58 5.05
CA VAL D 24 -31.85 27.13 5.06
CA VAL D 24 -31.79 27.14 4.93
C VAL D 24 -33.17 26.88 4.34
N PRO D 25 -33.34 25.83 3.54
CA PRO D 25 -34.64 25.60 2.91
C PRO D 25 -35.73 25.50 3.97
N VAL D 26 -36.88 26.14 3.71
CA VAL D 26 -37.82 26.43 4.78
C VAL D 26 -38.37 25.15 5.39
N ASN D 27 -38.48 24.07 4.61
CA ASN D 27 -39.00 22.81 5.10
C ASN D 27 -37.92 21.81 5.47
N ALA D 28 -36.65 22.19 5.41
CA ALA D 28 -35.59 21.27 5.79
C ALA D 28 -35.62 21.02 7.28
N TYR D 29 -35.41 19.75 7.67
CA TYR D 29 -35.23 19.46 9.09
C TYR D 29 -33.81 19.73 9.55
N TYR D 30 -32.85 19.74 8.64
CA TYR D 30 -31.51 20.17 9.03
C TYR D 30 -31.47 21.68 9.16
N GLY D 31 -30.35 22.19 9.67
CA GLY D 31 -30.22 23.60 9.97
C GLY D 31 -28.98 24.22 9.38
N VAL D 32 -28.56 25.35 9.95
CA VAL D 32 -27.50 26.16 9.34
C VAL D 32 -26.19 25.40 9.28
N GLN D 33 -25.84 24.64 10.31
CA GLN D 33 -24.52 24.00 10.27
C GLN D 33 -24.48 22.88 9.26
N THR D 34 -25.60 22.16 9.07
CA THR D 34 -25.67 21.18 8.00
C THR D 34 -25.57 21.86 6.63
N GLN D 35 -26.27 22.99 6.46
CA GLN D 35 -26.21 23.70 5.19
C GLN D 35 -24.78 24.13 4.86
N ARG D 36 -24.04 24.62 5.86
CA ARG D 36 -22.66 25.00 5.62
C ARG D 36 -21.85 23.79 5.14
N ALA D 37 -22.07 22.63 5.76
CA ALA D 37 -21.36 21.42 5.36
C ALA D 37 -21.72 20.97 3.95
N ILE D 38 -23.00 21.08 3.57
CA ILE D 38 -23.42 20.83 2.20
C ILE D 38 -22.63 21.72 1.24
N ASP D 39 -22.50 23.00 1.60
CA ASP D 39 -21.82 23.98 0.76
C ASP D 39 -20.32 23.75 0.71
N ASN D 40 -19.72 23.29 1.82
CA ASN D 40 -18.28 23.27 1.96
C ASN D 40 -17.63 22.05 1.32
N PHE D 41 -18.33 20.92 1.28
CA PHE D 41 -17.73 19.64 0.90
C PHE D 41 -18.51 19.06 -0.26
N LYS D 42 -18.07 19.38 -1.48
CA LYS D 42 -18.65 18.84 -2.70
C LYS D 42 -17.56 18.00 -3.36
N ILE D 43 -17.37 16.80 -2.83
CA ILE D 43 -16.27 15.93 -3.23
C ILE D 43 -16.75 14.74 -4.04
N SER D 44 -17.74 14.01 -3.51
CA SER D 44 -18.12 12.70 -4.01
C SER D 44 -19.61 12.64 -4.30
N ASN D 45 -20.05 11.48 -4.80
CA ASN D 45 -21.46 11.16 -4.97
CA ASN D 45 -21.47 11.20 -4.95
C ASN D 45 -22.01 10.30 -3.85
N ASP D 46 -21.32 10.25 -2.70
CA ASP D 46 -21.64 9.37 -1.58
C ASP D 46 -22.01 10.25 -0.39
N HIS D 47 -23.27 10.20 0.04
CA HIS D 47 -23.75 11.08 1.10
C HIS D 47 -24.31 10.27 2.26
N LEU D 48 -24.43 10.93 3.42
CA LEU D 48 -24.84 10.22 4.63
C LEU D 48 -26.20 9.55 4.43
N SER D 49 -27.09 10.20 3.67
CA SER D 49 -28.42 9.66 3.39
C SER D 49 -28.38 8.28 2.71
N ASP D 50 -27.25 7.93 2.10
CA ASP D 50 -27.05 6.62 1.46
C ASP D 50 -26.69 5.53 2.47
N HIS D 51 -26.59 5.83 3.76
CA HIS D 51 -26.08 4.87 4.76
C HIS D 51 -27.04 4.78 5.94
N PRO D 52 -28.14 4.03 5.79
CA PRO D 52 -29.18 4.01 6.83
C PRO D 52 -28.70 3.50 8.18
N GLU D 53 -27.79 2.51 8.21
CA GLU D 53 -27.29 2.02 9.50
C GLU D 53 -26.52 3.09 10.25
N PHE D 54 -25.84 3.97 9.52
CA PHE D 54 -25.09 5.07 10.13
C PHE D 54 -26.05 6.10 10.74
N ILE D 55 -27.09 6.47 9.98
CA ILE D 55 -28.08 7.41 10.50
C ILE D 55 -28.82 6.81 11.70
N LYS D 56 -29.22 5.54 11.58
CA LYS D 56 -29.86 4.84 12.69
C LYS D 56 -29.01 4.87 13.94
N ALA D 57 -27.69 4.62 13.80
CA ALA D 57 -26.82 4.60 14.97
C ALA D 57 -26.76 5.98 15.64
N PHE D 58 -26.72 7.05 14.84
CA PHE D 58 -26.77 8.38 15.44
C PHE D 58 -28.04 8.58 16.26
N ALA D 59 -29.16 8.05 15.76
CA ALA D 59 -30.41 8.20 16.51
C ALA D 59 -30.40 7.39 17.80
N PHE D 60 -29.82 6.18 17.77
CA PHE D 60 -29.62 5.42 19.02
C PHE D 60 -28.85 6.26 20.03
N VAL D 61 -27.74 6.87 19.57
CA VAL D 61 -26.86 7.63 20.46
C VAL D 61 -27.61 8.80 21.09
N LYS D 62 -28.31 9.57 20.26
CA LYS D 62 -29.00 10.75 20.77
C LYS D 62 -30.14 10.37 21.73
N LYS D 63 -30.87 9.29 21.42
CA LYS D 63 -31.92 8.84 22.32
C LYS D 63 -31.35 8.41 23.67
N ALA D 64 -30.22 7.68 23.64
CA ALA D 64 -29.61 7.22 24.89
C ALA D 64 -29.08 8.38 25.72
N ALA D 65 -28.44 9.35 25.07
CA ALA D 65 -27.93 10.50 25.81
C ALA D 65 -29.06 11.30 26.44
N ALA D 66 -30.15 11.53 25.69
CA ALA D 66 -31.27 12.27 26.25
C ALA D 66 -31.88 11.55 27.44
N GLN D 67 -32.07 10.24 27.32
CA GLN D 67 -32.66 9.47 28.42
CA GLN D 67 -32.66 9.46 28.42
C GLN D 67 -31.78 9.54 29.67
N THR D 68 -30.46 9.43 29.49
CA THR D 68 -29.54 9.53 30.62
C THR D 68 -29.57 10.93 31.24
N ASN D 69 -29.53 11.97 30.39
CA ASN D 69 -29.60 13.34 30.91
C ASN D 69 -30.89 13.55 31.69
N PHE D 70 -32.00 13.00 31.20
CA PHE D 70 -33.24 13.10 31.94
C PHE D 70 -33.15 12.39 33.29
N GLU D 71 -32.59 11.17 33.29
CA GLU D 71 -32.48 10.40 34.53
C GLU D 71 -31.57 11.07 35.54
N LEU D 72 -30.62 11.88 35.10
CA LEU D 72 -29.71 12.59 36.00
C LEU D 72 -30.24 13.95 36.40
N GLY D 73 -31.46 14.29 36.00
CA GLY D 73 -32.03 15.57 36.37
C GLY D 73 -31.55 16.75 35.57
N LEU D 74 -30.92 16.51 34.42
CA LEU D 74 -30.33 17.56 33.62
C LEU D 74 -31.19 17.98 32.43
N LEU D 75 -32.23 17.21 32.09
CA LEU D 75 -33.03 17.46 30.91
C LEU D 75 -34.51 17.31 31.24
N ASP D 76 -35.31 18.28 30.82
CA ASP D 76 -36.74 18.28 31.07
C ASP D 76 -37.42 17.04 30.47
N GLU D 77 -38.41 16.50 31.20
CA GLU D 77 -39.04 15.27 30.76
CA GLU D 77 -39.06 15.26 30.77
C GLU D 77 -39.74 15.43 29.41
N ILE D 78 -40.33 16.60 29.16
CA ILE D 78 -41.04 16.81 27.89
C ILE D 78 -40.05 16.86 26.72
N ILE D 79 -38.92 17.54 26.90
CA ILE D 79 -37.93 17.59 25.83
C ILE D 79 -37.38 16.20 25.56
N ASN D 80 -37.07 15.44 26.62
CA ASN D 80 -36.61 14.07 26.45
C ASN D 80 -37.63 13.23 25.69
N LYS D 81 -38.91 13.30 26.07
CA LYS D 81 -39.93 12.51 25.41
C LYS D 81 -39.98 12.79 23.91
N ASN D 82 -39.84 14.06 23.53
CA ASN D 82 -39.97 14.42 22.13
C ASN D 82 -38.70 14.14 21.34
N ILE D 83 -37.53 14.27 21.97
CA ILE D 83 -36.30 13.79 21.36
C ILE D 83 -36.41 12.29 21.10
N ALA D 84 -36.92 11.54 22.08
CA ALA D 84 -37.03 10.09 21.92
C ALA D 84 -37.93 9.72 20.76
N THR D 85 -39.08 10.40 20.64
CA THR D 85 -40.01 10.13 19.53
C THR D 85 -39.35 10.42 18.19
N ALA D 86 -38.66 11.57 18.08
CA ALA D 86 -37.98 11.90 16.82
C ALA D 86 -36.93 10.84 16.49
N CYS D 87 -36.19 10.38 17.52
CA CYS D 87 -35.19 9.34 17.27
C CYS D 87 -35.84 8.04 16.84
N ASP D 88 -36.98 7.69 17.44
CA ASP D 88 -37.69 6.47 17.04
C ASP D 88 -38.06 6.53 15.56
N GLU D 89 -38.52 7.70 15.10
CA GLU D 89 -38.92 7.82 13.70
C GLU D 89 -37.72 7.63 12.78
N ILE D 90 -36.57 8.21 13.13
CA ILE D 90 -35.37 8.03 12.33
C ILE D 90 -34.93 6.57 12.34
N ILE D 91 -34.96 5.94 13.53
CA ILE D 91 -34.63 4.52 13.66
C ILE D 91 -35.51 3.67 12.76
N ALA D 92 -36.80 4.04 12.65
CA ALA D 92 -37.76 3.34 11.81
C ALA D 92 -37.60 3.65 10.33
N GLY D 93 -36.65 4.51 9.96
CA GLY D 93 -36.34 4.76 8.56
C GLY D 93 -36.86 6.06 7.99
N LYS D 94 -37.42 6.94 8.81
CA LYS D 94 -37.96 8.20 8.35
C LYS D 94 -36.90 9.30 8.40
N MET D 95 -37.05 10.28 7.50
CA MET D 95 -36.27 11.51 7.47
C MET D 95 -34.81 11.31 7.09
N HIS D 96 -34.46 10.18 6.47
CA HIS D 96 -33.06 9.99 6.11
C HIS D 96 -32.62 10.95 5.01
N LYS D 97 -33.54 11.47 4.19
CA LYS D 97 -33.16 12.47 3.20
C LYS D 97 -32.69 13.77 3.84
N GLU D 98 -32.92 13.97 5.14
CA GLU D 98 -32.49 15.18 5.83
C GLU D 98 -31.03 15.12 6.28
N PHE D 99 -30.27 14.12 5.82
CA PHE D 99 -28.86 13.92 6.16
C PHE D 99 -28.03 13.94 4.88
N PRO D 100 -27.79 15.12 4.30
CA PRO D 100 -27.29 15.19 2.91
C PRO D 100 -25.80 15.45 2.76
N THR D 101 -25.01 15.44 3.83
CA THR D 101 -23.62 15.84 3.68
C THR D 101 -22.78 14.73 3.04
N ASP D 102 -21.68 15.16 2.45
CA ASP D 102 -20.74 14.26 1.79
C ASP D 102 -20.05 13.34 2.79
N MET D 103 -19.96 12.05 2.46
CA MET D 103 -19.22 11.13 3.31
C MET D 103 -17.75 11.49 3.40
N ILE D 104 -17.21 12.19 2.41
CA ILE D 104 -15.86 12.73 2.49
C ILE D 104 -16.00 14.20 2.84
N GLN D 105 -15.74 14.53 4.10
CA GLN D 105 -15.99 15.85 4.64
C GLN D 105 -14.92 16.20 5.67
N GLY D 106 -14.60 17.50 5.74
CA GLY D 106 -13.76 18.00 6.81
C GLY D 106 -14.56 18.26 8.08
N GLY D 107 -13.85 18.62 9.15
CA GLY D 107 -14.47 18.84 10.45
C GLY D 107 -14.56 17.63 11.35
N ALA D 108 -14.01 16.48 10.94
CA ALA D 108 -13.81 15.32 11.79
C ALA D 108 -15.11 14.68 12.26
N GLY D 109 -16.22 14.95 11.59
CA GLY D 109 -17.51 14.40 11.97
C GLY D 109 -18.46 15.38 12.61
N THR D 110 -17.98 16.59 12.93
CA THR D 110 -18.85 17.60 13.54
C THR D 110 -20.06 17.90 12.68
N SER D 111 -19.90 17.89 11.35
CA SER D 111 -21.02 18.18 10.48
C SER D 111 -22.08 17.09 10.53
N MET D 112 -21.69 15.84 10.77
CA MET D 112 -22.69 14.79 10.92
C MET D 112 -23.35 14.85 12.29
N ASN D 113 -22.56 15.07 13.35
CA ASN D 113 -23.15 15.23 14.68
C ASN D 113 -24.15 16.40 14.70
N MET D 114 -23.76 17.56 14.16
CA MET D 114 -24.69 18.68 14.18
C MET D 114 -25.91 18.43 13.29
N ASN D 115 -25.74 17.71 12.18
CA ASN D 115 -26.88 17.32 11.35
C ASN D 115 -27.90 16.53 12.19
N ALA D 116 -27.43 15.56 12.97
CA ALA D 116 -28.32 14.83 13.87
C ALA D 116 -28.95 15.76 14.90
N ASN D 117 -28.16 16.63 15.52
CA ASN D 117 -28.70 17.55 16.52
C ASN D 117 -29.78 18.44 15.92
N GLU D 118 -29.56 18.96 14.72
CA GLU D 118 -30.51 19.89 14.11
C GLU D 118 -31.79 19.18 13.68
N VAL D 119 -31.67 18.02 13.02
CA VAL D 119 -32.86 17.30 12.56
C VAL D 119 -33.71 16.86 13.75
N ILE D 120 -33.07 16.30 14.78
CA ILE D 120 -33.83 15.85 15.94
C ILE D 120 -34.46 17.03 16.67
N ALA D 121 -33.73 18.15 16.80
CA ALA D 121 -34.30 19.32 17.45
C ALA D 121 -35.54 19.80 16.69
N ASN D 122 -35.45 19.89 15.37
CA ASN D 122 -36.58 20.44 14.61
C ASN D 122 -37.78 19.51 14.59
N ARG D 123 -37.56 18.19 14.58
CA ARG D 123 -38.72 17.29 14.69
C ARG D 123 -39.32 17.33 16.09
N ALA D 124 -38.48 17.46 17.12
CA ALA D 124 -38.99 17.63 18.48
C ALA D 124 -39.79 18.91 18.60
N LEU D 125 -39.34 19.99 17.94
CA LEU D 125 -40.08 21.24 17.98
C LEU D 125 -41.47 21.08 17.40
N GLU D 126 -41.59 20.34 16.28
CA GLU D 126 -42.90 20.11 15.68
C GLU D 126 -43.80 19.32 16.62
N LEU D 127 -43.25 18.30 17.27
CA LEU D 127 -44.03 17.50 18.20
C LEU D 127 -44.50 18.33 19.40
N MET D 128 -43.81 19.43 19.70
CA MET D 128 -44.20 20.36 20.75
C MET D 128 -45.07 21.50 20.25
N GLY D 129 -45.53 21.44 19.01
CA GLY D 129 -46.37 22.50 18.47
C GLY D 129 -45.64 23.75 18.04
N HIS D 130 -44.31 23.70 17.91
CA HIS D 130 -43.53 24.84 17.47
C HIS D 130 -43.13 24.67 16.00
N GLN D 131 -42.49 25.69 15.45
CA GLN D 131 -42.03 25.68 14.07
C GLN D 131 -40.54 25.33 14.00
N LYS D 132 -40.12 24.84 12.84
CA LYS D 132 -38.70 24.56 12.60
C LYS D 132 -37.89 25.83 12.81
N GLY D 133 -36.71 25.68 13.41
CA GLY D 133 -35.84 26.81 13.69
C GLY D 133 -36.11 27.54 14.99
N GLU D 134 -37.19 27.21 15.70
CA GLU D 134 -37.49 27.90 16.97
C GLU D 134 -36.75 27.21 18.12
N TYR D 135 -35.42 27.24 18.00
CA TYR D 135 -34.54 26.46 18.88
C TYR D 135 -34.60 26.91 20.34
N GLN D 136 -35.21 28.07 20.63
CA GLN D 136 -35.38 28.47 22.03
C GLN D 136 -36.23 27.47 22.81
N PHE D 137 -36.97 26.60 22.14
CA PHE D 137 -37.75 25.57 22.82
C PHE D 137 -37.10 24.19 22.77
N CYS D 138 -36.07 24.00 21.93
CA CYS D 138 -35.31 22.75 21.90
C CYS D 138 -34.01 23.03 21.15
N SER D 139 -32.91 23.14 21.89
CA SER D 139 -31.64 23.62 21.37
C SER D 139 -30.80 22.46 20.83
N PRO D 140 -30.34 22.54 19.57
CA PRO D 140 -29.40 21.51 19.08
C PRO D 140 -28.18 21.35 19.97
N ASN D 141 -27.63 22.46 20.49
CA ASN D 141 -26.43 22.37 21.32
C ASN D 141 -26.75 22.10 22.79
N ASP D 142 -27.71 22.81 23.36
CA ASP D 142 -27.95 22.73 24.81
C ASP D 142 -28.84 21.56 25.21
N HIS D 143 -29.63 21.01 24.29
CA HIS D 143 -30.53 19.90 24.61
C HIS D 143 -30.16 18.63 23.86
N VAL D 144 -30.18 18.65 22.52
CA VAL D 144 -29.97 17.40 21.80
C VAL D 144 -28.53 16.94 21.94
N ASN D 145 -27.59 17.87 22.07
CA ASN D 145 -26.17 17.56 22.27
C ASN D 145 -25.74 17.64 23.73
N LEU D 146 -26.68 17.74 24.67
CA LEU D 146 -26.33 17.93 26.08
C LEU D 146 -25.44 16.80 26.58
N SER D 147 -24.36 17.17 27.28
CA SER D 147 -23.38 16.26 27.87
C SER D 147 -22.54 15.53 26.82
N GLN D 148 -22.58 15.95 25.56
CA GLN D 148 -21.90 15.25 24.48
C GLN D 148 -20.92 16.13 23.74
N SER D 149 -20.05 15.46 22.99
CA SER D 149 -19.28 16.07 21.92
C SER D 149 -19.51 15.27 20.65
N THR D 150 -19.19 15.87 19.51
CA THR D 150 -18.94 15.05 18.33
C THR D 150 -17.97 13.93 18.66
N ASN D 151 -17.01 14.21 19.54
CA ASN D 151 -15.89 13.30 19.68
C ASN D 151 -16.21 12.08 20.53
N ASP D 152 -17.42 12.01 21.10
CA ASP D 152 -17.94 10.70 21.52
C ASP D 152 -19.18 10.27 20.74
N ALA D 153 -20.11 11.18 20.42
CA ALA D 153 -21.32 10.77 19.72
C ALA D 153 -21.01 10.22 18.33
N TYR D 154 -20.10 10.86 17.58
CA TYR D 154 -19.81 10.42 16.22
C TYR D 154 -19.07 9.09 16.16
N PRO D 155 -17.96 8.88 16.88
CA PRO D 155 -17.33 7.55 16.78
C PRO D 155 -18.22 6.45 17.34
N THR D 156 -19.04 6.76 18.35
CA THR D 156 -19.97 5.74 18.85
C THR D 156 -20.98 5.35 17.77
N ALA D 157 -21.46 6.33 17.00
CA ALA D 157 -22.35 6.03 15.86
C ALA D 157 -21.62 5.21 14.80
N ILE D 158 -20.38 5.59 14.45
CA ILE D 158 -19.62 4.80 13.48
C ILE D 158 -19.53 3.34 13.94
N ARG D 159 -19.17 3.16 15.21
CA ARG D 159 -18.87 1.82 15.71
CA ARG D 159 -18.88 1.82 15.73
C ARG D 159 -20.12 0.94 15.74
N ILE D 160 -21.26 1.49 16.17
CA ILE D 160 -22.49 0.71 16.13
C ILE D 160 -22.88 0.40 14.69
N ALA D 161 -22.75 1.38 13.78
CA ALA D 161 -23.07 1.14 12.38
C ALA D 161 -22.19 0.04 11.80
N LEU D 162 -20.88 0.10 12.03
CA LEU D 162 -20.00 -0.90 11.46
C LEU D 162 -20.22 -2.27 12.08
N TYR D 163 -20.51 -2.30 13.39
CA TYR D 163 -20.84 -3.55 14.04
C TYR D 163 -22.07 -4.20 13.40
N ASN D 164 -23.08 -3.40 13.11
CA ASN D 164 -24.29 -3.94 12.49
C ASN D 164 -24.05 -4.28 11.02
N LEU D 165 -23.27 -3.47 10.30
CA LEU D 165 -22.96 -3.80 8.90
C LEU D 165 -22.14 -5.08 8.81
N ASN D 166 -21.27 -5.34 9.79
CA ASN D 166 -20.51 -6.59 9.76
C ASN D 166 -21.45 -7.79 9.79
N LYS D 167 -22.55 -7.70 10.56
CA LYS D 167 -23.50 -8.80 10.59
C LYS D 167 -23.97 -9.16 9.17
N THR D 168 -24.27 -8.14 8.36
CA THR D 168 -24.75 -8.40 7.00
C THR D 168 -23.65 -8.93 6.11
N LEU D 169 -22.41 -8.48 6.31
CA LEU D 169 -21.29 -9.01 5.54
C LEU D 169 -21.10 -10.50 5.82
N VAL D 170 -21.14 -10.87 7.10
CA VAL D 170 -20.97 -12.27 7.49
C VAL D 170 -22.12 -13.11 6.95
N GLU D 171 -23.35 -12.58 6.97
CA GLU D 171 -24.48 -13.30 6.40
CA GLU D 171 -24.49 -13.30 6.40
C GLU D 171 -24.26 -13.65 4.95
N ARG D 172 -23.77 -12.70 4.14
CA ARG D 172 -23.58 -12.98 2.73
C ARG D 172 -22.40 -13.93 2.51
N LEU D 173 -21.37 -13.82 3.37
CA LEU D 173 -20.28 -14.78 3.33
C LEU D 173 -20.77 -16.19 3.62
N GLU D 174 -21.65 -16.34 4.62
CA GLU D 174 -22.17 -17.66 4.96
C GLU D 174 -22.96 -18.27 3.80
N LEU D 175 -23.73 -17.45 3.07
CA LEU D 175 -24.43 -17.96 1.89
C LEU D 175 -23.45 -18.48 0.85
N LEU D 176 -22.36 -17.73 0.62
CA LEU D 176 -21.34 -18.18 -0.33
C LEU D 176 -20.67 -19.47 0.14
N ILE D 177 -20.34 -19.58 1.43
CA ILE D 177 -19.74 -20.81 1.96
C ILE D 177 -20.65 -21.99 1.68
N GLN D 178 -21.96 -21.84 1.94
CA GLN D 178 -22.87 -22.95 1.72
C GLN D 178 -22.96 -23.32 0.24
N SER D 179 -22.82 -22.32 -0.65
CA SER D 179 -22.80 -22.62 -2.09
CA SER D 179 -22.82 -22.64 -2.08
C SER D 179 -21.60 -23.50 -2.44
N PHE D 180 -20.44 -23.19 -1.88
CA PHE D 180 -19.27 -24.03 -2.11
C PHE D 180 -19.45 -25.44 -1.55
N ARG D 181 -20.07 -25.56 -0.37
CA ARG D 181 -20.28 -26.89 0.22
C ARG D 181 -21.21 -27.73 -0.65
N LYS D 182 -22.31 -27.14 -1.13
CA LYS D 182 -23.22 -27.86 -2.00
C LYS D 182 -22.52 -28.29 -3.29
N LYS D 183 -21.70 -27.41 -3.86
CA LYS D 183 -21.01 -27.76 -5.09
C LYS D 183 -19.96 -28.82 -4.84
N ALA D 184 -19.28 -28.77 -3.68
CA ALA D 184 -18.33 -29.82 -3.34
C ALA D 184 -18.99 -31.19 -3.33
N ASP D 185 -20.22 -31.25 -2.82
CA ASP D 185 -20.93 -32.53 -2.81
C ASP D 185 -21.24 -33.00 -4.23
N ASP D 186 -21.59 -32.07 -5.13
CA ASP D 186 -21.81 -32.43 -6.53
C ASP D 186 -20.55 -33.03 -7.15
N LEU D 187 -19.38 -32.55 -6.75
CA LEU D 187 -18.13 -32.88 -7.39
C LEU D 187 -17.32 -33.89 -6.59
N LYS D 188 -17.93 -34.53 -5.60
CA LYS D 188 -17.22 -35.39 -4.66
C LYS D 188 -16.54 -36.59 -5.32
N ASP D 189 -17.03 -37.03 -6.48
CA ASP D 189 -16.47 -38.20 -7.15
C ASP D 189 -15.60 -37.83 -8.34
N VAL D 190 -15.18 -36.56 -8.46
CA VAL D 190 -14.34 -36.13 -9.57
C VAL D 190 -12.89 -36.20 -9.09
N ILE D 191 -12.20 -37.27 -9.46
CA ILE D 191 -10.77 -37.39 -9.14
C ILE D 191 -9.98 -36.58 -10.16
N LYS D 192 -9.00 -35.83 -9.65
CA LYS D 192 -8.25 -34.89 -10.47
C LYS D 192 -6.83 -34.78 -9.94
N MET D 193 -5.97 -34.05 -10.67
CA MET D 193 -4.59 -33.88 -10.24
C MET D 193 -4.44 -32.61 -9.43
N GLY D 194 -3.97 -32.74 -8.19
CA GLY D 194 -3.46 -31.60 -7.49
C GLY D 194 -2.22 -31.04 -8.16
N ARG D 195 -1.97 -29.76 -7.93
CA ARG D 195 -0.82 -29.07 -8.51
C ARG D 195 -0.21 -28.18 -7.45
N THR D 196 1.11 -28.26 -7.28
CA THR D 196 1.83 -27.29 -6.48
C THR D 196 2.89 -26.64 -7.35
N GLN D 197 3.05 -25.32 -7.20
CA GLN D 197 3.97 -24.57 -8.04
C GLN D 197 3.60 -24.69 -9.52
N LEU D 198 2.31 -24.98 -9.78
CA LEU D 198 1.71 -25.26 -11.09
C LEU D 198 2.28 -26.53 -11.75
N GLN D 199 3.07 -27.33 -11.03
CA GLN D 199 3.52 -28.62 -11.52
C GLN D 199 2.62 -29.73 -10.99
N ASP D 200 2.51 -30.82 -11.76
CA ASP D 200 1.73 -31.96 -11.33
C ASP D 200 2.18 -32.41 -9.94
N ALA D 201 1.21 -32.58 -9.04
CA ALA D 201 1.52 -33.04 -7.69
C ALA D 201 1.05 -34.48 -7.48
N VAL D 202 -0.04 -34.68 -6.72
CA VAL D 202 -0.63 -35.99 -6.45
C VAL D 202 -2.15 -35.88 -6.59
N PRO D 203 -2.89 -37.00 -6.64
CA PRO D 203 -4.34 -36.90 -6.85
C PRO D 203 -5.10 -36.31 -5.68
N MET D 204 -6.27 -35.76 -5.99
CA MET D 204 -7.23 -35.30 -5.01
C MET D 204 -8.62 -35.42 -5.64
N THR D 205 -9.66 -35.12 -4.88
CA THR D 205 -10.97 -34.98 -5.51
C THR D 205 -11.35 -33.51 -5.60
N MET D 206 -12.18 -33.19 -6.57
CA MET D 206 -12.71 -31.84 -6.65
C MET D 206 -13.62 -31.54 -5.47
N GLY D 207 -14.19 -32.57 -4.84
CA GLY D 207 -14.90 -32.36 -3.59
C GLY D 207 -13.98 -31.86 -2.49
N GLN D 208 -12.80 -32.45 -2.35
CA GLN D 208 -11.81 -31.93 -1.41
C GLN D 208 -11.47 -30.48 -1.71
N GLU D 209 -11.28 -30.16 -2.99
CA GLU D 209 -10.84 -28.82 -3.36
C GLU D 209 -11.93 -27.78 -3.07
N PHE D 210 -13.18 -28.11 -3.38
CA PHE D 210 -14.25 -27.14 -3.16
C PHE D 210 -14.67 -27.07 -1.69
N ASN D 211 -14.57 -28.18 -0.96
CA ASN D 211 -14.75 -28.09 0.49
C ASN D 211 -13.64 -27.25 1.12
N ALA D 212 -12.43 -27.28 0.55
CA ALA D 212 -11.37 -26.43 1.04
C ALA D 212 -11.69 -24.96 0.81
N PHE D 213 -12.28 -24.62 -0.35
CA PHE D 213 -12.77 -23.27 -0.56
C PHE D 213 -13.75 -22.88 0.54
N ALA D 214 -14.74 -23.74 0.79
CA ALA D 214 -15.73 -23.45 1.82
C ALA D 214 -15.08 -23.28 3.19
N ASN D 215 -14.13 -24.15 3.52
CA ASN D 215 -13.56 -24.15 4.86
C ASN D 215 -12.59 -23.00 5.07
N THR D 216 -11.86 -22.58 4.05
CA THR D 216 -11.01 -21.41 4.27
C THR D 216 -11.85 -20.15 4.43
N LEU D 217 -12.97 -20.06 3.71
CA LEU D 217 -13.84 -18.90 3.90
C LEU D 217 -14.57 -18.95 5.23
N GLN D 218 -14.89 -20.16 5.72
CA GLN D 218 -15.51 -20.30 7.04
C GLN D 218 -14.63 -19.74 8.15
N GLU D 219 -13.32 -19.82 7.99
CA GLU D 219 -12.42 -19.25 9.00
C GLU D 219 -12.53 -17.74 9.09
N GLU D 220 -13.04 -17.09 8.05
CA GLU D 220 -13.16 -15.65 8.04
C GLU D 220 -14.29 -15.14 8.91
N ILE D 221 -15.28 -16.01 9.19
CA ILE D 221 -16.40 -15.61 10.04
CA ILE D 221 -16.40 -15.63 10.05
C ILE D 221 -15.89 -15.17 11.41
N ALA D 222 -15.04 -15.98 12.04
CA ALA D 222 -14.54 -15.62 13.36
C ALA D 222 -13.63 -14.41 13.31
N ARG D 223 -12.86 -14.24 12.22
CA ARG D 223 -12.00 -13.06 12.10
CA ARG D 223 -12.01 -13.07 12.13
C ARG D 223 -12.83 -11.80 12.01
N LEU D 224 -13.85 -11.81 11.15
CA LEU D 224 -14.69 -10.63 11.00
C LEU D 224 -15.45 -10.34 12.29
N ASN D 225 -16.02 -11.36 12.92
CA ASN D 225 -16.82 -11.15 14.11
C ASN D 225 -15.98 -10.67 15.29
N THR D 226 -14.82 -11.31 15.53
CA THR D 226 -14.04 -10.91 16.69
CA THR D 226 -13.99 -10.93 16.67
C THR D 226 -13.46 -9.51 16.52
N ASN D 227 -13.10 -9.13 15.29
CA ASN D 227 -12.62 -7.77 15.11
C ASN D 227 -13.75 -6.76 15.13
N ALA D 228 -14.94 -7.10 14.61
CA ALA D 228 -16.06 -6.19 14.75
C ALA D 228 -16.48 -6.03 16.21
N ASP D 229 -16.26 -7.04 17.05
CA ASP D 229 -16.59 -6.91 18.46
C ASP D 229 -15.77 -5.80 19.13
N LEU D 230 -14.61 -5.46 18.56
CA LEU D 230 -13.82 -4.37 19.13
C LEU D 230 -14.57 -3.05 19.04
N PHE D 231 -15.48 -2.90 18.07
CA PHE D 231 -16.27 -1.68 17.96
C PHE D 231 -17.19 -1.49 19.16
N LEU D 232 -17.48 -2.54 19.93
CA LEU D 232 -18.39 -2.41 21.06
C LEU D 232 -17.78 -1.61 22.21
N GLU D 233 -16.45 -1.46 22.25
CA GLU D 233 -15.84 -0.56 23.23
C GLU D 233 -16.04 0.87 22.76
N THR D 234 -16.80 1.66 23.54
CA THR D 234 -17.24 2.98 23.12
C THR D 234 -16.89 4.01 24.19
N ASN D 235 -17.01 5.30 23.85
CA ASN D 235 -16.45 6.36 24.70
C ASN D 235 -17.48 7.42 25.08
N MET D 236 -18.76 7.07 25.18
CA MET D 236 -19.76 8.04 25.61
C MET D 236 -19.40 8.56 27.01
N GLY D 237 -19.39 9.89 27.15
CA GLY D 237 -18.91 10.52 28.37
C GLY D 237 -17.52 11.10 28.23
N ALA D 238 -16.82 10.81 27.13
CA ALA D 238 -15.52 11.45 26.91
C ALA D 238 -15.64 12.96 26.73
N THR D 239 -16.79 13.42 26.24
CA THR D 239 -16.99 14.75 25.68
C THR D 239 -15.80 15.15 24.77
N ALA D 240 -15.21 16.34 24.96
CA ALA D 240 -14.34 16.89 23.92
C ALA D 240 -13.09 16.06 23.66
N ILE D 241 -12.37 15.65 24.71
CA ILE D 241 -11.08 15.01 24.55
C ILE D 241 -10.91 13.77 25.39
N GLY D 242 -11.91 13.37 26.17
CA GLY D 242 -11.82 12.21 27.03
C GLY D 242 -11.81 12.53 28.51
N THR D 243 -11.69 13.80 28.89
CA THR D 243 -11.71 14.19 30.30
C THR D 243 -13.11 14.18 30.89
N GLY D 244 -14.16 14.10 30.07
CA GLY D 244 -15.50 14.17 30.62
C GLY D 244 -15.94 15.56 31.06
N LEU D 245 -15.22 16.60 30.68
CA LEU D 245 -15.62 17.97 31.02
C LEU D 245 -17.06 18.19 30.59
N ASN D 246 -17.86 18.68 31.54
CA ASN D 246 -19.28 19.03 31.47
C ASN D 246 -20.19 17.82 31.67
N ALA D 247 -19.67 16.59 31.71
CA ALA D 247 -20.52 15.45 32.00
C ALA D 247 -20.68 15.25 33.51
N HIS D 248 -21.83 14.70 33.89
CA HIS D 248 -22.05 14.27 35.27
C HIS D 248 -21.18 13.03 35.53
N PRO D 249 -20.64 12.87 36.75
CA PRO D 249 -19.77 11.70 36.99
C PRO D 249 -20.42 10.35 36.76
N ASP D 250 -21.74 10.24 36.84
CA ASP D 250 -22.45 8.99 36.60
C ASP D 250 -22.88 8.82 35.15
N TYR D 251 -22.63 9.81 34.29
CA TYR D 251 -23.20 9.80 32.95
C TYR D 251 -22.57 8.73 32.06
N ALA D 252 -21.25 8.55 32.10
CA ALA D 252 -20.59 7.67 31.14
C ALA D 252 -21.12 6.24 31.28
N VAL D 253 -21.23 5.75 32.51
CA VAL D 253 -21.72 4.39 32.74
C VAL D 253 -23.20 4.29 32.41
N LYS D 254 -23.99 5.25 32.90
CA LYS D 254 -25.43 5.18 32.69
CA LYS D 254 -25.43 5.19 32.69
C LYS D 254 -25.78 5.33 31.21
N CYS D 255 -25.09 6.23 30.49
CA CYS D 255 -25.39 6.41 29.08
C CYS D 255 -25.02 5.16 28.29
N THR D 256 -23.88 4.54 28.61
CA THR D 256 -23.49 3.34 27.89
C THR D 256 -24.48 2.21 28.11
N GLU D 257 -24.95 2.04 29.35
CA GLU D 257 -25.96 1.02 29.61
C GLU D 257 -27.25 1.31 28.86
N ASN D 258 -27.69 2.57 28.86
CA ASN D 258 -28.91 2.93 28.14
C ASN D 258 -28.74 2.71 26.65
N LEU D 259 -27.56 3.02 26.12
CA LEU D 259 -27.29 2.83 24.70
C LEU D 259 -27.32 1.36 24.32
N ALA D 260 -26.79 0.49 25.18
CA ALA D 260 -26.84 -0.93 24.91
C ALA D 260 -28.28 -1.43 24.83
N LYS D 261 -29.15 -0.95 25.72
CA LYS D 261 -30.55 -1.39 25.73
C LYS D 261 -31.30 -0.84 24.53
N ILE D 262 -31.07 0.43 24.19
CA ILE D 262 -31.78 1.07 23.08
C ILE D 262 -31.32 0.50 21.74
N SER D 263 -30.01 0.32 21.55
CA SER D 263 -29.49 -0.12 20.26
C SER D 263 -29.59 -1.63 20.08
N GLY D 264 -29.64 -2.39 21.16
CA GLY D 264 -29.51 -3.82 21.07
C GLY D 264 -28.10 -4.32 20.82
N ALA D 265 -27.12 -3.42 20.72
CA ALA D 265 -25.72 -3.78 20.63
C ALA D 265 -25.09 -3.71 22.02
N ASP D 266 -24.27 -4.69 22.36
CA ASP D 266 -23.73 -4.81 23.72
C ASP D 266 -22.51 -3.91 23.89
N VAL D 267 -22.74 -2.60 23.79
CA VAL D 267 -21.63 -1.67 23.94
C VAL D 267 -21.16 -1.63 25.39
N VAL D 268 -19.87 -1.38 25.57
CA VAL D 268 -19.25 -1.28 26.88
C VAL D 268 -18.41 -0.01 26.89
N LEU D 269 -18.14 0.48 28.10
CA LEU D 269 -17.44 1.74 28.28
C LEU D 269 -15.93 1.50 28.29
N ALA D 270 -15.22 2.19 27.41
CA ALA D 270 -13.76 2.15 27.42
C ALA D 270 -13.23 2.54 28.80
N SER D 271 -12.19 1.83 29.25
CA SER D 271 -11.70 2.09 30.61
CA SER D 271 -11.66 2.06 30.60
C SER D 271 -10.89 3.37 30.72
N ASP D 272 -10.38 3.90 29.60
CA ASP D 272 -9.64 5.16 29.58
C ASP D 272 -10.21 5.98 28.43
N LEU D 273 -11.04 6.98 28.73
CA LEU D 273 -11.68 7.75 27.67
C LEU D 273 -10.70 8.70 26.99
N VAL D 274 -9.62 9.10 27.67
CA VAL D 274 -8.60 9.89 27.00
C VAL D 274 -7.89 9.06 25.94
N GLU D 275 -7.59 7.80 26.26
CA GLU D 275 -7.07 6.86 25.28
C GLU D 275 -8.04 6.66 24.11
N ALA D 276 -9.33 6.51 24.41
CA ALA D 276 -10.29 6.08 23.39
C ALA D 276 -10.55 7.18 22.37
N THR D 277 -10.48 8.44 22.78
CA THR D 277 -10.99 9.50 21.90
C THR D 277 -10.17 9.66 20.61
N PRO D 278 -8.84 9.57 20.60
CA PRO D 278 -8.11 9.55 19.32
C PRO D 278 -7.87 8.16 18.74
N ASP D 279 -8.48 7.11 19.28
CA ASP D 279 -8.09 5.73 18.97
C ASP D 279 -8.81 5.25 17.70
N THR D 280 -8.03 4.93 16.66
CA THR D 280 -8.60 4.38 15.43
C THR D 280 -8.19 2.92 15.19
N GLY D 281 -7.61 2.27 16.20
CA GLY D 281 -7.09 0.92 15.99
C GLY D 281 -8.13 -0.10 15.58
N ALA D 282 -9.34 0.01 16.13
CA ALA D 282 -10.37 -0.98 15.79
C ALA D 282 -10.70 -0.93 14.31
N TYR D 283 -10.79 0.27 13.74
CA TYR D 283 -11.08 0.39 12.31
C TYR D 283 -9.97 -0.23 11.48
N VAL D 284 -8.72 -0.01 11.88
CA VAL D 284 -7.57 -0.54 11.15
C VAL D 284 -7.61 -2.05 11.10
N ILE D 285 -7.83 -2.70 12.25
CA ILE D 285 -7.74 -4.16 12.24
C ILE D 285 -9.01 -4.77 11.65
N TYR D 286 -10.17 -4.12 11.80
CA TYR D 286 -11.36 -4.61 11.10
C TYR D 286 -11.19 -4.52 9.59
N SER D 287 -10.71 -3.39 9.09
CA SER D 287 -10.42 -3.27 7.66
C SER D 287 -9.42 -4.34 7.22
N SER D 288 -8.44 -4.65 8.08
CA SER D 288 -7.46 -5.69 7.76
C SER D 288 -8.11 -7.06 7.68
N ALA D 289 -9.12 -7.31 8.51
CA ALA D 289 -9.84 -8.59 8.42
C ALA D 289 -10.61 -8.67 7.12
N MET D 290 -11.23 -7.56 6.69
CA MET D 290 -11.85 -7.57 5.36
C MET D 290 -10.82 -7.80 4.27
N LYS D 291 -9.63 -7.18 4.41
CA LYS D 291 -8.56 -7.38 3.43
C LYS D 291 -8.14 -8.83 3.36
N ARG D 292 -7.98 -9.48 4.51
CA ARG D 292 -7.60 -10.90 4.53
C ARG D 292 -8.65 -11.74 3.80
N MET D 293 -9.94 -11.47 4.05
CA MET D 293 -10.97 -12.24 3.36
CA MET D 293 -10.96 -12.24 3.37
C MET D 293 -10.95 -11.97 1.87
N ALA D 294 -10.72 -10.71 1.47
CA ALA D 294 -10.67 -10.37 0.06
C ALA D 294 -9.50 -11.07 -0.63
N VAL D 295 -8.36 -11.17 0.06
CA VAL D 295 -7.21 -11.89 -0.48
C VAL D 295 -7.56 -13.36 -0.72
N LYS D 296 -8.25 -13.99 0.23
CA LYS D 296 -8.67 -15.38 0.04
C LYS D 296 -9.66 -15.51 -1.11
N LEU D 297 -10.66 -14.62 -1.14
CA LEU D 297 -11.64 -14.66 -2.23
CA LEU D 297 -11.64 -14.65 -2.23
C LEU D 297 -10.97 -14.50 -3.58
N SER D 298 -9.99 -13.59 -3.66
CA SER D 298 -9.31 -13.35 -4.93
C SER D 298 -8.52 -14.58 -5.37
N LYS D 299 -7.82 -15.22 -4.43
CA LYS D 299 -7.09 -16.45 -4.73
C LYS D 299 -8.03 -17.53 -5.28
N ILE D 300 -9.17 -17.72 -4.62
CA ILE D 300 -10.15 -18.71 -5.07
C ILE D 300 -10.62 -18.37 -6.47
N CYS D 301 -10.89 -17.10 -6.75
CA CYS D 301 -11.34 -16.72 -8.08
C CYS D 301 -10.23 -16.94 -9.11
N ASN D 302 -8.97 -16.66 -8.74
CA ASN D 302 -7.86 -16.96 -9.64
C ASN D 302 -7.80 -18.46 -9.96
N ASP D 303 -8.01 -19.30 -8.94
CA ASP D 303 -8.07 -20.75 -9.16
C ASP D 303 -9.17 -21.11 -10.14
N LEU D 304 -10.37 -20.54 -9.95
CA LEU D 304 -11.49 -20.90 -10.82
C LEU D 304 -11.21 -20.51 -12.27
N ARG D 305 -10.61 -19.34 -12.50
CA ARG D 305 -10.31 -18.93 -13.87
C ARG D 305 -9.27 -19.84 -14.50
N LEU D 306 -8.31 -20.30 -13.70
CA LEU D 306 -7.29 -21.23 -14.20
C LEU D 306 -7.89 -22.60 -14.52
N LEU D 307 -8.68 -23.15 -13.60
CA LEU D 307 -9.23 -24.48 -13.83
C LEU D 307 -10.23 -24.49 -14.98
N ALA D 308 -10.84 -23.33 -15.29
CA ALA D 308 -11.80 -23.23 -16.38
C ALA D 308 -11.15 -22.94 -17.73
N SER D 309 -9.84 -22.73 -17.75
CA SER D 309 -9.14 -22.40 -18.99
C SER D 309 -9.40 -23.48 -20.04
N GLY D 310 -9.51 -23.06 -21.29
CA GLY D 310 -9.86 -23.97 -22.36
C GLY D 310 -10.52 -23.21 -23.49
N PRO D 311 -11.28 -23.91 -24.35
CA PRO D 311 -11.66 -25.32 -24.22
C PRO D 311 -10.63 -26.33 -24.75
N ARG D 312 -9.69 -25.89 -25.60
CA ARG D 312 -8.79 -26.85 -26.27
C ARG D 312 -7.31 -26.64 -25.96
N ALA D 313 -6.93 -25.50 -25.37
CA ALA D 313 -5.53 -25.22 -25.07
C ALA D 313 -5.33 -24.90 -23.59
N GLY D 314 -6.24 -25.34 -22.74
CA GLY D 314 -6.15 -25.05 -21.32
C GLY D 314 -6.18 -26.29 -20.46
N LEU D 315 -6.47 -26.11 -19.17
CA LEU D 315 -6.64 -27.25 -18.26
C LEU D 315 -8.01 -27.88 -18.40
N TYR D 316 -9.07 -27.06 -18.47
CA TYR D 316 -10.43 -27.49 -18.80
C TYR D 316 -10.98 -28.51 -17.80
N GLU D 317 -10.67 -28.31 -16.53
CA GLU D 317 -11.22 -29.21 -15.51
C GLU D 317 -12.68 -28.90 -15.20
N ILE D 318 -13.08 -27.63 -15.27
CA ILE D 318 -14.42 -27.22 -14.88
C ILE D 318 -15.02 -26.33 -15.95
N ASN D 319 -16.35 -26.22 -15.89
CA ASN D 319 -17.16 -25.36 -16.73
C ASN D 319 -17.90 -24.37 -15.85
N LEU D 320 -17.74 -23.09 -16.11
CA LEU D 320 -18.48 -22.04 -15.42
C LEU D 320 -19.71 -21.66 -16.22
N PRO D 321 -20.82 -21.34 -15.55
CA PRO D 321 -22.02 -20.89 -16.28
C PRO D 321 -21.67 -19.77 -17.25
N LYS D 322 -22.21 -19.89 -18.47
CA LYS D 322 -21.92 -18.96 -19.54
C LYS D 322 -22.86 -17.78 -19.41
N MET D 323 -22.32 -16.60 -19.09
CA MET D 323 -23.17 -15.47 -18.69
C MET D 323 -23.27 -14.38 -19.76
N GLN D 324 -22.37 -14.34 -20.72
CA GLN D 324 -22.43 -13.38 -21.83
C GLN D 324 -21.42 -13.82 -22.87
N PRO D 325 -21.58 -13.38 -24.13
CA PRO D 325 -20.57 -13.72 -25.14
C PRO D 325 -19.21 -13.18 -24.74
N GLY D 326 -18.18 -14.00 -24.92
CA GLY D 326 -16.85 -13.62 -24.51
C GLY D 326 -16.24 -12.50 -25.37
N SER D 327 -16.53 -12.49 -26.67
CA SER D 327 -15.67 -11.69 -27.53
C SER D 327 -16.46 -11.07 -28.68
N SER D 328 -16.11 -9.81 -28.99
CA SER D 328 -16.66 -9.15 -30.16
C SER D 328 -16.08 -9.69 -31.46
N ILE D 329 -14.97 -10.43 -31.41
CA ILE D 329 -14.28 -10.90 -32.60
C ILE D 329 -14.12 -12.42 -32.62
N MET D 330 -13.84 -13.05 -31.48
CA MET D 330 -13.56 -14.48 -31.46
C MET D 330 -14.85 -15.26 -31.25
N PRO D 331 -15.37 -15.94 -32.29
CA PRO D 331 -16.69 -16.59 -32.16
C PRO D 331 -16.64 -17.77 -31.22
N GLY D 332 -17.73 -17.94 -30.45
CA GLY D 332 -17.87 -19.05 -29.54
C GLY D 332 -17.16 -18.89 -28.21
N LYS D 333 -16.27 -17.92 -28.08
CA LYS D 333 -15.48 -17.74 -26.87
C LYS D 333 -16.38 -17.25 -25.73
N VAL D 334 -16.16 -17.80 -24.54
CA VAL D 334 -16.89 -17.39 -23.33
C VAL D 334 -15.90 -17.29 -22.18
N ASN D 335 -15.88 -16.16 -21.48
CA ASN D 335 -14.86 -15.85 -20.50
C ASN D 335 -15.39 -15.92 -19.07
N PRO D 336 -14.48 -16.14 -18.09
CA PRO D 336 -14.90 -16.30 -16.69
C PRO D 336 -15.19 -14.96 -16.03
N VAL D 337 -16.21 -14.27 -16.55
CA VAL D 337 -16.43 -12.88 -16.19
C VAL D 337 -16.88 -12.71 -14.75
N ILE D 338 -17.50 -13.71 -14.13
CA ILE D 338 -17.97 -13.55 -12.75
C ILE D 338 -16.77 -13.62 -11.79
N PRO D 339 -15.90 -14.64 -11.82
CA PRO D 339 -14.69 -14.53 -10.99
C PRO D 339 -13.86 -13.27 -11.27
N GLU D 340 -13.82 -12.81 -12.53
CA GLU D 340 -13.06 -11.61 -12.85
C GLU D 340 -13.58 -10.40 -12.09
N VAL D 341 -14.92 -10.21 -12.06
CA VAL D 341 -15.42 -9.02 -11.37
C VAL D 341 -15.16 -9.12 -9.88
N VAL D 342 -15.15 -10.33 -9.32
CA VAL D 342 -14.84 -10.49 -7.90
C VAL D 342 -13.38 -10.13 -7.63
N ASN D 343 -12.47 -10.60 -8.48
CA ASN D 343 -11.06 -10.20 -8.35
C ASN D 343 -10.95 -8.69 -8.24
N GLN D 344 -11.64 -7.97 -9.14
CA GLN D 344 -11.53 -6.52 -9.19
C GLN D 344 -12.06 -5.88 -7.92
N VAL D 345 -13.17 -6.41 -7.37
CA VAL D 345 -13.67 -5.92 -6.10
C VAL D 345 -12.63 -6.12 -5.00
N CYS D 346 -11.98 -7.29 -5.00
CA CYS D 346 -10.97 -7.57 -3.99
C CYS D 346 -9.80 -6.57 -4.06
N PHE D 347 -9.39 -6.19 -5.29
CA PHE D 347 -8.34 -5.18 -5.43
C PHE D 347 -8.79 -3.84 -4.87
N LYS D 348 -10.07 -3.48 -5.11
CA LYS D 348 -10.62 -2.25 -4.55
C LYS D 348 -10.62 -2.28 -3.02
N VAL D 349 -10.94 -3.44 -2.43
CA VAL D 349 -10.92 -3.57 -0.97
C VAL D 349 -9.51 -3.37 -0.42
N ILE D 350 -8.52 -3.93 -1.10
CA ILE D 350 -7.14 -3.80 -0.64
C ILE D 350 -6.70 -2.34 -0.71
N GLY D 351 -7.04 -1.64 -1.79
CA GLY D 351 -6.70 -0.22 -1.88
C GLY D 351 -7.40 0.60 -0.82
N ASN D 352 -8.69 0.32 -0.58
CA ASN D 352 -9.43 1.02 0.46
C ASN D 352 -8.80 0.80 1.83
N ASP D 353 -8.24 -0.39 2.04
CA ASP D 353 -7.56 -0.67 3.30
C ASP D 353 -6.31 0.20 3.47
N LEU D 354 -5.63 0.53 2.38
CA LEU D 354 -4.50 1.45 2.48
C LEU D 354 -4.97 2.86 2.81
N THR D 355 -6.09 3.30 2.21
CA THR D 355 -6.69 4.57 2.60
C THR D 355 -6.96 4.62 4.10
N VAL D 356 -7.50 3.53 4.65
CA VAL D 356 -7.77 3.44 6.10
C VAL D 356 -6.47 3.60 6.88
N THR D 357 -5.39 2.96 6.43
CA THR D 357 -4.11 3.01 7.13
C THR D 357 -3.54 4.42 7.16
N PHE D 358 -3.57 5.12 6.03
CA PHE D 358 -3.10 6.51 6.01
C PHE D 358 -3.94 7.39 6.92
N ALA D 359 -5.26 7.23 6.86
CA ALA D 359 -6.14 8.02 7.71
C ALA D 359 -5.85 7.78 9.18
N ALA D 360 -5.67 6.50 9.57
CA ALA D 360 -5.39 6.19 10.98
C ALA D 360 -4.06 6.78 11.43
N GLU D 361 -3.03 6.68 10.58
CA GLU D 361 -1.72 7.16 10.99
C GLU D 361 -1.66 8.68 11.08
N ALA D 362 -2.66 9.39 10.54
CA ALA D 362 -2.69 10.85 10.53
C ALA D 362 -3.29 11.46 11.80
N GLY D 363 -3.62 10.66 12.80
CA GLY D 363 -4.19 11.23 14.01
C GLY D 363 -3.20 12.14 14.72
N GLN D 364 -3.72 13.17 15.39
CA GLN D 364 -2.84 14.11 16.07
C GLN D 364 -3.39 14.43 17.45
N LEU D 365 -2.58 14.19 18.48
CA LEU D 365 -2.93 14.59 19.85
C LEU D 365 -4.30 14.03 20.23
N GLN D 366 -5.28 14.87 20.57
CA GLN D 366 -6.49 14.35 21.19
C GLN D 366 -7.60 13.96 20.20
N LEU D 367 -7.34 13.97 18.89
CA LEU D 367 -8.37 13.54 17.95
C LEU D 367 -7.75 13.12 16.62
N ASN D 368 -8.38 12.13 15.97
CA ASN D 368 -8.06 11.83 14.59
C ASN D 368 -9.16 12.42 13.72
N VAL D 369 -8.80 13.38 12.85
CA VAL D 369 -9.80 14.11 12.05
C VAL D 369 -10.09 13.44 10.72
N MET D 370 -9.47 12.31 10.43
CA MET D 370 -9.59 11.69 9.12
C MET D 370 -10.59 10.55 9.09
N GLU D 371 -11.42 10.43 10.13
CA GLU D 371 -12.37 9.33 10.18
C GLU D 371 -13.44 9.37 9.08
N PRO D 372 -13.85 10.52 8.52
CA PRO D 372 -14.87 10.43 7.46
C PRO D 372 -14.42 9.57 6.28
N VAL D 373 -13.22 9.80 5.73
CA VAL D 373 -12.81 8.98 4.57
C VAL D 373 -12.50 7.55 4.99
N LEU D 374 -12.00 7.35 6.21
CA LEU D 374 -11.82 6.00 6.74
C LEU D 374 -13.14 5.24 6.75
N THR D 375 -14.20 5.85 7.29
CA THR D 375 -15.51 5.21 7.37
C THR D 375 -16.12 5.02 5.99
N GLN D 376 -15.98 6.02 5.13
CA GLN D 376 -16.47 5.93 3.77
C GLN D 376 -15.85 4.74 3.05
N SER D 377 -14.56 4.51 3.27
CA SER D 377 -13.85 3.43 2.58
C SER D 377 -14.25 2.07 3.14
N ILE D 378 -14.39 1.95 4.47
CA ILE D 378 -14.83 0.69 5.04
C ILE D 378 -16.24 0.35 4.57
N MET D 379 -17.14 1.34 4.59
CA MET D 379 -18.51 1.07 4.18
C MET D 379 -18.58 0.72 2.69
N GLU D 380 -17.74 1.35 1.87
CA GLU D 380 -17.70 0.98 0.46
C GLU D 380 -17.24 -0.45 0.27
N SER D 381 -16.19 -0.83 1.00
CA SER D 381 -15.68 -2.21 0.91
C SER D 381 -16.73 -3.22 1.35
N ILE D 382 -17.44 -2.95 2.46
CA ILE D 382 -18.49 -3.87 2.91
C ILE D 382 -19.53 -4.06 1.80
N ARG D 383 -20.00 -2.97 1.22
CA ARG D 383 -21.04 -3.03 0.19
C ARG D 383 -20.55 -3.78 -1.05
N PHE D 384 -19.36 -3.43 -1.53
CA PHE D 384 -18.82 -4.10 -2.72
C PHE D 384 -18.60 -5.59 -2.48
N LEU D 385 -18.10 -5.95 -1.29
CA LEU D 385 -17.84 -7.36 -1.01
C LEU D 385 -19.14 -8.16 -0.94
N LYS D 386 -20.19 -7.61 -0.32
CA LYS D 386 -21.46 -8.33 -0.29
C LYS D 386 -21.97 -8.57 -1.70
N ASN D 387 -21.89 -7.54 -2.55
CA ASN D 387 -22.35 -7.71 -3.93
C ASN D 387 -21.50 -8.71 -4.69
N ALA D 388 -20.17 -8.67 -4.48
CA ALA D 388 -19.29 -9.61 -5.17
C ALA D 388 -19.56 -11.05 -4.75
N MET D 389 -19.73 -11.28 -3.44
CA MET D 389 -19.98 -12.64 -2.96
C MET D 389 -21.31 -13.17 -3.48
N ASP D 390 -22.37 -12.34 -3.44
CA ASP D 390 -23.67 -12.74 -3.98
C ASP D 390 -23.54 -13.11 -5.46
N THR D 391 -22.82 -12.28 -6.22
CA THR D 391 -22.66 -12.51 -7.65
C THR D 391 -21.89 -13.80 -7.91
N LEU D 392 -20.82 -14.04 -7.15
CA LEU D 392 -20.05 -15.26 -7.33
C LEU D 392 -20.89 -16.50 -7.04
N ARG D 393 -21.65 -16.47 -5.95
CA ARG D 393 -22.52 -17.59 -5.59
C ARG D 393 -23.57 -17.85 -6.65
N GLU D 394 -24.34 -16.82 -7.01
CA GLU D 394 -25.54 -17.04 -7.82
C GLU D 394 -25.23 -17.26 -9.28
N LYS D 395 -24.21 -16.58 -9.81
CA LYS D 395 -23.94 -16.60 -11.25
C LYS D 395 -22.71 -17.41 -11.61
N CYS D 396 -22.09 -18.08 -10.64
CA CYS D 396 -20.95 -18.94 -10.94
C CYS D 396 -20.98 -20.24 -10.14
N ILE D 397 -20.79 -20.18 -8.81
CA ILE D 397 -20.55 -21.39 -8.03
C ILE D 397 -21.71 -22.37 -8.17
N ASP D 398 -22.95 -21.87 -8.03
CA ASP D 398 -24.11 -22.75 -8.04
C ASP D 398 -24.17 -23.63 -9.29
N GLY D 399 -23.71 -23.15 -10.44
CA GLY D 399 -23.85 -23.85 -11.69
C GLY D 399 -22.60 -24.51 -12.24
N ILE D 400 -21.51 -24.57 -11.47
CA ILE D 400 -20.27 -25.17 -11.97
C ILE D 400 -20.48 -26.66 -12.23
N THR D 401 -19.90 -27.15 -13.33
CA THR D 401 -19.81 -28.58 -13.59
C THR D 401 -18.36 -28.93 -13.85
N ALA D 402 -18.06 -30.23 -13.79
CA ALA D 402 -16.72 -30.72 -14.04
C ALA D 402 -16.68 -31.50 -15.35
N ASN D 403 -15.48 -31.54 -15.94
CA ASN D 403 -15.18 -32.40 -17.07
C ASN D 403 -14.50 -33.63 -16.48
N LYS D 404 -15.33 -34.60 -16.06
CA LYS D 404 -14.88 -35.69 -15.21
C LYS D 404 -13.86 -36.59 -15.91
N GLU D 405 -14.10 -36.94 -17.18
CA GLU D 405 -13.18 -37.83 -17.89
C GLU D 405 -11.84 -37.14 -18.14
N ILE D 406 -11.86 -35.85 -18.47
CA ILE D 406 -10.63 -35.10 -18.65
C ILE D 406 -9.79 -35.14 -17.37
N CYS D 407 -10.42 -34.90 -16.23
CA CYS D 407 -9.70 -34.94 -14.96
C CYS D 407 -9.17 -36.33 -14.66
N LEU D 408 -9.98 -37.36 -14.89
CA LEU D 408 -9.55 -38.72 -14.54
C LEU D 408 -8.38 -39.14 -15.41
N ASN D 409 -8.41 -38.79 -16.70
CA ASN D 409 -7.31 -39.16 -17.57
C ASN D 409 -6.01 -38.45 -17.18
N MET D 410 -6.10 -37.23 -16.66
CA MET D 410 -4.89 -36.56 -16.18
C MET D 410 -4.24 -37.36 -15.06
N VAL D 411 -5.05 -37.88 -14.14
CA VAL D 411 -4.51 -38.69 -13.04
C VAL D 411 -3.93 -39.98 -13.58
N LYS D 412 -4.68 -40.70 -14.43
CA LYS D 412 -4.24 -41.99 -14.93
C LYS D 412 -2.95 -41.88 -15.73
N ASN D 413 -2.76 -40.76 -16.45
CA ASN D 413 -1.59 -40.59 -17.29
C ASN D 413 -0.46 -39.82 -16.61
N SER D 414 -0.60 -39.51 -15.32
CA SER D 414 0.39 -38.69 -14.66
C SER D 414 1.61 -39.51 -14.25
N ILE D 415 2.70 -38.80 -14.03
CA ILE D 415 3.87 -39.39 -13.37
C ILE D 415 3.76 -39.24 -11.85
N GLY D 416 3.04 -38.22 -11.37
CA GLY D 416 3.00 -37.90 -9.96
C GLY D 416 2.45 -39.00 -9.06
N ILE D 417 1.65 -39.91 -9.61
CA ILE D 417 1.20 -41.05 -8.82
C ILE D 417 2.35 -41.93 -8.35
N VAL D 418 3.54 -41.76 -8.93
CA VAL D 418 4.71 -42.52 -8.47
C VAL D 418 4.99 -42.23 -7.01
N THR D 419 4.57 -41.06 -6.52
CA THR D 419 4.78 -40.70 -5.11
C THR D 419 4.26 -41.80 -4.19
N ALA D 420 3.15 -42.43 -4.55
CA ALA D 420 2.55 -43.48 -3.72
C ALA D 420 3.46 -44.69 -3.54
N LEU D 421 4.52 -44.83 -4.34
CA LEU D 421 5.44 -45.95 -4.21
C LEU D 421 6.51 -45.74 -3.15
N ASN D 422 6.71 -44.51 -2.67
CA ASN D 422 7.79 -44.23 -1.72
C ASN D 422 7.81 -45.17 -0.52
N PRO D 423 6.69 -45.45 0.17
CA PRO D 423 6.79 -46.33 1.35
C PRO D 423 7.20 -47.74 1.03
N TYR D 424 7.16 -48.14 -0.24
CA TYR D 424 7.46 -49.50 -0.65
C TYR D 424 8.84 -49.66 -1.25
N ILE D 425 9.31 -48.70 -2.05
CA ILE D 425 10.59 -48.83 -2.74
C ILE D 425 11.56 -47.71 -2.42
N GLY D 426 11.15 -46.68 -1.70
CA GLY D 426 12.04 -45.59 -1.35
C GLY D 426 12.09 -44.51 -2.42
N TYR D 427 12.47 -43.31 -1.97
CA TYR D 427 12.43 -42.12 -2.84
C TYR D 427 13.43 -42.21 -3.99
N LYS D 428 14.61 -42.79 -3.76
CA LYS D 428 15.59 -42.88 -4.84
C LYS D 428 15.10 -43.81 -5.95
N ASN D 429 14.52 -44.96 -5.59
CA ASN D 429 13.98 -45.87 -6.59
C ASN D 429 12.76 -45.29 -7.27
N SER D 430 11.89 -44.61 -6.51
CA SER D 430 10.76 -43.93 -7.14
C SER D 430 11.25 -42.87 -8.12
N THR D 431 12.31 -42.14 -7.77
CA THR D 431 12.86 -41.14 -8.69
C THR D 431 13.34 -41.78 -9.99
N LYS D 432 14.00 -42.95 -9.90
CA LYS D 432 14.45 -43.63 -11.11
C LYS D 432 13.27 -43.94 -12.02
N ILE D 433 12.16 -44.42 -11.45
CA ILE D 433 10.97 -44.71 -12.24
C ILE D 433 10.39 -43.43 -12.83
N ALA D 434 10.31 -42.37 -12.03
CA ALA D 434 9.73 -41.11 -12.51
C ALA D 434 10.54 -40.53 -13.66
N LYS D 435 11.88 -40.57 -13.55
CA LYS D 435 12.70 -40.02 -14.61
C LYS D 435 12.57 -40.84 -15.89
N GLU D 436 12.49 -42.17 -15.77
CA GLU D 436 12.33 -43.00 -16.95
C GLU D 436 10.96 -42.79 -17.58
N ALA D 437 9.93 -42.59 -16.77
CA ALA D 437 8.61 -42.29 -17.31
C ALA D 437 8.63 -41.00 -18.11
N LEU D 438 9.26 -39.95 -17.56
CA LEU D 438 9.32 -38.67 -18.25
C LEU D 438 10.12 -38.78 -19.54
N ASP D 439 11.28 -39.45 -19.49
CA ASP D 439 12.16 -39.51 -20.64
C ASP D 439 11.60 -40.37 -21.76
N THR D 440 10.89 -41.45 -21.41
CA THR D 440 10.43 -42.43 -22.40
C THR D 440 8.96 -42.29 -22.75
N GLY D 441 8.16 -41.66 -21.91
CA GLY D 441 6.73 -41.65 -22.10
C GLY D 441 6.02 -42.91 -21.64
N LYS D 442 6.74 -43.93 -21.20
CA LYS D 442 6.11 -45.13 -20.67
C LYS D 442 5.46 -44.83 -19.32
N SER D 443 4.44 -45.62 -18.97
CA SER D 443 3.68 -45.35 -17.76
C SER D 443 4.43 -45.82 -16.52
N VAL D 444 4.21 -45.11 -15.41
CA VAL D 444 4.78 -45.52 -14.12
C VAL D 444 4.42 -46.96 -13.81
N TYR D 445 3.15 -47.32 -14.03
CA TYR D 445 2.69 -48.67 -13.74
C TYR D 445 3.49 -49.70 -14.54
N ASP D 446 3.60 -49.50 -15.85
CA ASP D 446 4.30 -50.47 -16.69
C ASP D 446 5.78 -50.57 -16.31
N LEU D 447 6.40 -49.43 -15.97
CA LEU D 447 7.81 -49.44 -15.64
C LEU D 447 8.08 -50.20 -14.33
N VAL D 448 7.17 -50.09 -13.36
CA VAL D 448 7.35 -50.81 -12.10
C VAL D 448 7.30 -52.32 -12.34
N LEU D 449 6.37 -52.77 -13.18
CA LEU D 449 6.28 -54.20 -13.46
C LEU D 449 7.45 -54.65 -14.34
N GLU D 450 7.82 -53.81 -15.31
CA GLU D 450 8.98 -54.11 -16.16
C GLU D 450 10.23 -54.36 -15.33
N HIS D 451 10.46 -53.53 -14.32
CA HIS D 451 11.60 -53.67 -13.43
C HIS D 451 11.34 -54.61 -12.26
N GLU D 452 10.13 -55.20 -12.19
CA GLU D 452 9.80 -56.21 -11.18
C GLU D 452 10.01 -55.69 -9.75
N LEU D 453 9.71 -54.41 -9.53
CA LEU D 453 9.92 -53.82 -8.21
C LEU D 453 8.81 -54.21 -7.22
N LEU D 454 7.59 -54.41 -7.71
CA LEU D 454 6.46 -54.79 -6.87
C LEU D 454 5.58 -55.76 -7.65
N SER D 455 4.88 -56.61 -6.91
CA SER D 455 3.94 -57.52 -7.55
C SER D 455 2.79 -56.74 -8.17
N LYS D 456 2.19 -57.31 -9.22
CA LYS D 456 1.03 -56.67 -9.82
C LYS D 456 -0.13 -56.57 -8.83
N GLU D 457 -0.25 -57.56 -7.95
CA GLU D 457 -1.34 -57.55 -6.96
C GLU D 457 -1.24 -56.34 -6.04
N LYS D 458 -0.04 -56.08 -5.51
CA LYS D 458 0.14 -54.91 -4.65
C LYS D 458 0.05 -53.61 -5.47
N LEU D 459 0.63 -53.60 -6.67
CA LEU D 459 0.67 -52.38 -7.46
C LEU D 459 -0.74 -51.92 -7.85
N ASP D 460 -1.63 -52.87 -8.15
CA ASP D 460 -3.00 -52.51 -8.48
C ASP D 460 -3.70 -51.80 -7.33
N GLU D 461 -3.33 -52.12 -6.08
CA GLU D 461 -3.88 -51.42 -4.94
C GLU D 461 -3.21 -50.08 -4.73
N ILE D 462 -1.87 -50.06 -4.74
CA ILE D 462 -1.13 -48.85 -4.38
C ILE D 462 -1.43 -47.72 -5.35
N LEU D 463 -1.49 -48.02 -6.65
CA LEU D 463 -1.64 -46.98 -7.66
C LEU D 463 -3.08 -46.75 -8.06
N ALA D 464 -4.04 -47.33 -7.35
CA ALA D 464 -5.44 -47.03 -7.63
C ALA D 464 -5.73 -45.61 -7.19
N PRO D 465 -6.27 -44.75 -8.06
CA PRO D 465 -6.47 -43.35 -7.68
C PRO D 465 -7.33 -43.17 -6.45
N GLU D 466 -8.37 -43.99 -6.30
CA GLU D 466 -9.23 -43.90 -5.12
C GLU D 466 -8.50 -44.24 -3.83
N ASN D 467 -7.31 -44.86 -3.91
CA ASN D 467 -6.53 -45.20 -2.73
C ASN D 467 -5.45 -44.16 -2.42
N MET D 468 -5.46 -43.00 -3.07
CA MET D 468 -4.45 -41.97 -2.82
C MET D 468 -5.03 -40.72 -2.20
N LEU D 469 -6.29 -40.76 -1.79
CA LEU D 469 -7.01 -39.58 -1.38
C LEU D 469 -7.00 -39.38 0.14
N ASN D 470 -6.43 -40.33 0.88
CA ASN D 470 -6.45 -40.35 2.33
C ASN D 470 -5.17 -41.03 2.80
N PRO D 471 -4.81 -40.85 4.07
CA PRO D 471 -3.77 -41.70 4.66
C PRO D 471 -4.28 -43.13 4.80
N HIS D 472 -3.34 -44.07 4.70
N HIS D 472 -3.37 -44.07 4.72
CA HIS D 472 -3.64 -45.50 4.72
CA HIS D 472 -3.76 -45.47 4.95
C HIS D 472 -2.49 -46.24 5.39
C HIS D 472 -2.53 -46.29 5.29
N THR D 473 -2.79 -47.44 5.90
CA THR D 473 -1.72 -48.34 6.27
C THR D 473 -1.15 -48.99 5.01
N LYS D 474 0.08 -49.49 5.12
CA LYS D 474 0.76 -50.00 3.94
C LYS D 474 0.09 -51.28 3.44
N PHE D 475 -0.08 -51.37 2.12
CA PHE D 475 -0.66 -52.56 1.50
C PHE D 475 0.33 -53.72 1.51
C TRS E . 10.52 -27.16 -15.20
C1 TRS E . 10.59 -26.98 -16.68
C2 TRS E . 10.04 -28.58 -14.91
C3 TRS E . 9.59 -26.13 -14.60
N TRS E . 11.86 -26.91 -14.64
O1 TRS E . 9.43 -26.33 -17.06
O2 TRS E . 10.74 -29.47 -15.76
O3 TRS E . 9.87 -26.22 -13.25
OXT FUM F . 9.27 -30.40 -1.14
C FUM F . 8.15 -30.88 -1.02
O FUM F . 7.87 -31.78 -0.21
C4 FUM F . 7.06 -30.35 -1.88
C5 FUM F . 7.30 -29.66 -3.00
C6 FUM F . 6.29 -29.24 -4.01
O7 FUM F . 5.13 -29.07 -3.63
O8 FUM F . 6.64 -29.16 -5.17
C1 GOL G . 34.67 18.93 16.54
C1 GOL G . 34.60 18.67 16.43
O1 GOL G . 34.93 19.02 17.91
O1 GOL G . 34.75 19.21 17.70
C2 GOL G . 33.19 18.51 16.35
C2 GOL G . 33.11 18.34 16.23
O2 GOL G . 32.45 18.54 17.54
O2 GOL G . 32.44 18.13 17.43
C3 GOL G . 33.24 17.11 15.70
C3 GOL G . 33.10 17.10 15.30
O3 GOL G . 31.92 16.77 15.39
O3 GOL G . 33.97 16.16 15.84
CL CL H . -9.49 -14.15 -16.75
CL CL I . 23.28 -2.13 -5.73
CL CL J . 26.02 1.73 -3.29
C TRS K . 14.53 18.37 22.25
C1 TRS K . 15.17 19.73 22.00
C2 TRS K . 13.86 17.84 21.01
C3 TRS K . 13.48 18.43 23.32
N TRS K . 15.57 17.40 22.62
O1 TRS K . 15.78 20.19 23.18
O2 TRS K . 14.92 17.56 20.12
O3 TRS K . 12.25 18.79 22.79
OXT FUM L . 18.23 20.47 12.03
C FUM L . 18.56 20.52 10.84
O FUM L . 17.83 20.94 9.94
C4 FUM L . 19.93 20.06 10.49
C5 FUM L . 20.73 20.66 9.60
C6 FUM L . 22.17 20.33 9.46
O7 FUM L . 22.87 21.09 8.81
O8 FUM L . 22.59 19.31 10.02
C1 GOL M . 20.64 -35.45 -0.29
O1 GOL M . 19.55 -34.64 -0.58
C2 GOL M . 20.83 -36.42 -1.50
O2 GOL M . 19.92 -36.18 -2.53
C3 GOL M . 20.67 -37.83 -0.91
O3 GOL M . 21.35 -38.69 -1.77
CL CL N . -6.70 19.09 11.71
CL CL O . 14.03 -10.78 16.31
CL CL P . 14.77 -15.93 14.85
C TRS Q . -8.79 28.87 11.64
C1 TRS Q . -8.26 27.46 11.54
C2 TRS Q . -7.70 29.81 11.20
C3 TRS Q . -9.26 29.18 13.05
N TRS Q . -9.93 28.97 10.71
O1 TRS Q . -9.40 26.66 11.66
O2 TRS Q . -6.45 29.27 11.47
O3 TRS Q . -9.67 30.53 13.11
OXT FUM R . -17.95 18.46 19.60
C FUM R . -17.31 18.77 18.59
O FUM R . -17.84 19.04 17.50
C4 FUM R . -15.83 18.80 18.68
C5 FUM R . -15.06 19.35 17.73
C6 FUM R . -13.59 19.54 17.82
O7 FUM R . -13.12 20.57 17.36
O8 FUM R . -12.94 18.71 18.42
C1 GOL S . -25.34 -7.93 -31.26
O1 GOL S . -24.96 -7.76 -29.93
C2 GOL S . -26.31 -9.15 -31.31
O2 GOL S . -25.70 -10.30 -30.83
C3 GOL S . -26.70 -9.27 -32.81
O3 GOL S . -27.87 -10.04 -32.86
CL CL T . 10.94 15.87 13.26
CL CL U . -13.79 14.32 -13.73
CL CL V . -15.54 11.60 -17.89
C TRS W . -16.53 -20.80 -19.42
C1 TRS W . -15.40 -20.08 -18.70
C2 TRS W . -16.17 -21.13 -20.86
C3 TRS W . -16.81 -22.10 -18.70
N TRS W . -17.73 -19.97 -19.36
O1 TRS W . -15.44 -18.77 -19.21
O2 TRS W . -17.10 -22.08 -21.33
O3 TRS W . -15.63 -22.58 -18.18
OXT FUM X . -10.28 -11.39 -25.49
C FUM X . -11.48 -11.62 -25.43
O FUM X . -11.96 -12.63 -24.94
C4 FUM X . -12.42 -10.62 -26.00
C5 FUM X . -12.17 -9.87 -27.08
C6 FUM X . -13.20 -8.99 -27.70
O7 FUM X . -14.24 -8.75 -27.06
O8 FUM X . -12.97 -8.54 -28.82
C1 GOL Y . -28.14 25.12 15.19
O1 GOL Y . -26.94 24.67 14.65
C2 GOL Y . -28.02 26.65 15.38
O2 GOL Y . -26.69 27.08 15.50
C3 GOL Y . -28.86 26.96 16.64
O3 GOL Y . -29.14 28.33 16.61
CL CL Z . 4.97 -21.54 -8.96
CL CL AA . -23.88 -2.25 2.72
CL CL BA . -25.69 1.66 5.97
#